data_5J5G
#
_entry.id   5J5G
#
_cell.length_a   87.720
_cell.length_b   125.748
_cell.length_c   118.728
_cell.angle_alpha   90.000
_cell.angle_beta   109.170
_cell.angle_gamma   90.000
#
_symmetry.space_group_name_H-M   'P 1 21 1'
#
loop_
_entity.id
_entity.type
_entity.pdbx_description
1 polymer 'Acetylcholine-binding protein'
2 non-polymer 'PHOSPHATE ION'
3 non-polymer 2-acetamido-2-deoxy-beta-D-glucopyranose
4 non-polymer 6-(4-methoxyphenyl)-N~4~,N~4~-bis[(pyridin-2-yl)methyl]pyrimidine-2,4-diamine
5 water water
#
_entity_poly.entity_id   1
_entity_poly.type   'polypeptide(L)'
_entity_poly.pdbx_seq_one_letter_code
;DYKDDDDKLDRADILYNIRQTSRPDVIPTQRDRPVAVSVSLKFINILEVNEITNEVDVVFWQQTTWSDRTLAWNSSHSPD
QVSVPISSLWVPDLAAYNAISKPEVLTPQLARVVSDGEVLYMPSIRQRFSCDVSGVDTESGATCRIKIGSWTHHSREISV
DPTTENSDDSEYFSQYSRFEILDVTQKKNSVTYSCCPEAYEDVEVSLNFRKKGRSEIL
;
_entity_poly.pdbx_strand_id   A,B,C,D,E,F,G,H,I,J
#
# COMPACT_ATOMS: atom_id res chain seq x y z
N ASP A 1 14.20 32.44 -9.20
CA ASP A 1 14.70 33.71 -8.68
C ASP A 1 14.20 33.95 -7.27
N TYR A 2 14.99 34.68 -6.48
CA TYR A 2 14.78 34.81 -5.04
C TYR A 2 13.42 35.43 -4.68
N LYS A 3 12.85 36.24 -5.57
CA LYS A 3 11.53 36.83 -5.32
C LYS A 3 10.40 35.80 -5.26
N ASP A 4 10.64 34.61 -5.81
CA ASP A 4 9.64 33.55 -5.74
C ASP A 4 10.00 32.46 -4.72
N ASP A 5 11.04 32.69 -3.93
CA ASP A 5 11.51 31.72 -2.93
C ASP A 5 10.46 31.29 -1.91
N ASP A 6 9.60 32.21 -1.48
CA ASP A 6 8.58 31.88 -0.49
C ASP A 6 7.22 31.50 -1.08
N ASP A 7 7.21 31.17 -2.37
CA ASP A 7 5.99 30.61 -3.00
C ASP A 7 5.83 29.17 -2.56
N LYS A 8 4.98 28.92 -1.56
CA LYS A 8 4.94 27.59 -0.94
C LYS A 8 4.57 26.49 -1.92
N LEU A 9 3.50 26.70 -2.68
CA LEU A 9 3.07 25.70 -3.65
C LEU A 9 4.20 25.34 -4.61
N ASP A 10 4.96 26.34 -5.06
CA ASP A 10 6.14 26.11 -5.91
C ASP A 10 7.16 25.18 -5.24
N ARG A 11 7.45 25.45 -3.96
CA ARG A 11 8.39 24.63 -3.22
C ARG A 11 7.87 23.18 -3.13
N ALA A 12 6.59 23.04 -2.83
CA ALA A 12 5.98 21.71 -2.74
C ALA A 12 6.10 20.97 -4.06
N ASP A 13 5.91 21.70 -5.17
CA ASP A 13 5.97 21.08 -6.48
C ASP A 13 7.39 20.68 -6.85
N ILE A 14 8.34 21.51 -6.47
CA ILE A 14 9.74 21.21 -6.70
C ILE A 14 10.12 19.96 -5.93
N LEU A 15 9.71 19.87 -4.66
CA LEU A 15 10.00 18.69 -3.85
C LEU A 15 9.37 17.45 -4.49
N TYR A 16 8.13 17.56 -4.92
CA TYR A 16 7.47 16.49 -5.65
C TYR A 16 8.26 16.06 -6.89
N ASN A 17 8.73 17.03 -7.68
CA ASN A 17 9.46 16.70 -8.91
C ASN A 17 10.75 15.98 -8.56
N ILE A 18 11.44 16.49 -7.54
CA ILE A 18 12.70 15.90 -7.10
C ILE A 18 12.46 14.46 -6.69
N ARG A 19 11.40 14.21 -5.93
CA ARG A 19 11.15 12.85 -5.47
C ARG A 19 10.68 11.93 -6.58
N GLN A 20 10.05 12.49 -7.61
CA GLN A 20 9.69 11.67 -8.77
C GLN A 20 10.93 11.28 -9.58
N THR A 21 11.90 12.18 -9.67
CA THR A 21 13.06 11.99 -10.53
C THR A 21 14.23 11.30 -9.82
N SER A 22 14.37 11.57 -8.53
CA SER A 22 15.53 11.09 -7.78
C SER A 22 15.57 9.57 -7.67
N ARG A 23 16.77 9.04 -7.88
CA ARG A 23 17.05 7.65 -7.62
C ARG A 23 18.05 7.59 -6.49
N PRO A 24 17.56 7.45 -5.25
CA PRO A 24 18.45 7.53 -4.08
C PRO A 24 19.56 6.48 -4.06
N ASP A 25 19.39 5.37 -4.78
CA ASP A 25 20.37 4.29 -4.66
C ASP A 25 21.26 4.13 -5.90
N VAL A 26 21.13 5.04 -6.86
CA VAL A 26 21.90 4.96 -8.10
C VAL A 26 22.81 6.19 -8.25
N ILE A 27 24.10 5.98 -8.53
CA ILE A 27 25.01 7.11 -8.69
C ILE A 27 24.54 7.96 -9.89
N PRO A 28 24.49 9.28 -9.72
CA PRO A 28 24.01 10.20 -10.77
C PRO A 28 25.08 10.47 -11.82
N THR A 29 25.56 9.40 -12.47
CA THR A 29 26.59 9.55 -13.48
C THR A 29 25.95 10.15 -14.72
N GLN A 30 26.48 11.31 -15.10
CA GLN A 30 26.02 12.00 -16.27
C GLN A 30 27.10 11.82 -17.34
N ARG A 31 26.70 11.92 -18.60
CA ARG A 31 27.61 11.86 -19.76
C ARG A 31 28.67 10.74 -19.67
N ASP A 32 28.31 9.60 -19.07
CA ASP A 32 29.21 8.46 -18.91
C ASP A 32 30.56 8.85 -18.28
N ARG A 33 30.49 9.65 -17.22
CA ARG A 33 31.66 10.10 -16.47
C ARG A 33 31.42 9.91 -14.96
N PRO A 34 32.50 9.81 -14.16
CA PRO A 34 32.28 9.64 -12.72
C PRO A 34 31.55 10.82 -12.09
N VAL A 35 30.85 10.57 -10.98
CA VAL A 35 30.26 11.67 -10.23
C VAL A 35 31.34 12.47 -9.55
N ALA A 36 31.43 13.74 -9.88
CA ALA A 36 32.44 14.60 -9.28
C ALA A 36 31.93 15.10 -7.94
N VAL A 37 32.44 14.52 -6.86
CA VAL A 37 32.07 14.94 -5.53
C VAL A 37 33.12 15.89 -4.98
N SER A 38 32.70 17.09 -4.60
CA SER A 38 33.62 18.05 -3.96
C SER A 38 33.42 18.02 -2.46
N VAL A 39 34.51 17.95 -1.71
CA VAL A 39 34.42 17.88 -0.23
C VAL A 39 35.42 18.81 0.43
N SER A 40 35.01 19.50 1.49
CA SER A 40 36.01 20.09 2.40
C SER A 40 35.53 20.04 3.83
N LEU A 41 36.41 19.62 4.73
CA LEU A 41 36.10 19.58 6.15
C LEU A 41 36.43 20.91 6.81
N LYS A 42 35.45 21.47 7.51
CA LYS A 42 35.68 22.66 8.34
C LYS A 42 35.71 22.24 9.81
N PHE A 43 36.89 22.27 10.42
CA PHE A 43 37.00 21.85 11.82
C PHE A 43 36.39 22.92 12.72
N ILE A 44 35.51 22.48 13.61
CA ILE A 44 34.86 23.40 14.54
C ILE A 44 35.49 23.24 15.93
N ASN A 45 35.75 22.01 16.31
CA ASN A 45 36.26 21.73 17.65
C ASN A 45 37.15 20.53 17.65
N ILE A 46 38.17 20.58 18.50
CA ILE A 46 38.98 19.40 18.79
C ILE A 46 38.72 19.07 20.24
N LEU A 47 38.03 17.96 20.47
CA LEU A 47 37.42 17.67 21.77
C LEU A 47 38.33 16.93 22.72
N GLU A 48 38.97 15.89 22.22
CA GLU A 48 39.85 15.08 23.05
C GLU A 48 41.06 14.72 22.22
N VAL A 49 42.22 14.75 22.86
CA VAL A 49 43.45 14.38 22.21
C VAL A 49 44.20 13.48 23.18
N ASN A 50 44.42 12.25 22.76
CA ASN A 50 45.06 11.25 23.61
C ASN A 50 46.40 10.83 23.02
N GLU A 51 47.50 11.33 23.58
CA GLU A 51 48.82 11.03 23.03
C GLU A 51 49.27 9.63 23.44
N ILE A 52 48.67 9.12 24.50
CA ILE A 52 48.88 7.72 24.88
C ILE A 52 48.44 6.83 23.72
N THR A 53 47.23 7.03 23.21
CA THR A 53 46.66 6.09 22.22
C THR A 53 46.69 6.56 20.76
N ASN A 54 47.24 7.76 20.51
CA ASN A 54 47.18 8.39 19.20
C ASN A 54 45.73 8.47 18.68
N GLU A 55 44.84 9.04 19.48
CA GLU A 55 43.46 9.22 19.03
C GLU A 55 43.04 10.67 19.20
N VAL A 56 42.19 11.13 18.31
CA VAL A 56 41.61 12.45 18.42
C VAL A 56 40.10 12.37 18.25
N ASP A 57 39.39 13.22 18.97
CA ASP A 57 37.94 13.34 18.85
C ASP A 57 37.66 14.75 18.33
N VAL A 58 37.05 14.85 17.16
CA VAL A 58 36.81 16.16 16.56
C VAL A 58 35.36 16.40 16.12
N VAL A 59 34.99 17.66 15.97
CA VAL A 59 33.74 18.06 15.34
C VAL A 59 34.06 18.86 14.10
N PHE A 60 33.49 18.49 12.96
CA PHE A 60 33.71 19.22 11.72
C PHE A 60 32.45 19.28 10.87
N TRP A 61 32.30 20.37 10.11
CA TRP A 61 31.26 20.43 9.10
C TRP A 61 31.84 19.87 7.80
N GLN A 62 31.18 18.84 7.28
CA GLN A 62 31.61 18.18 6.06
C GLN A 62 30.88 18.81 4.87
N GLN A 63 31.47 19.86 4.32
CA GLN A 63 30.88 20.53 3.16
C GLN A 63 31.01 19.60 1.97
N THR A 64 29.87 19.21 1.41
CA THR A 64 29.83 18.22 0.36
C THR A 64 28.95 18.71 -0.75
N THR A 65 29.40 18.59 -1.99
CA THR A 65 28.56 18.98 -3.10
C THR A 65 28.82 18.15 -4.35
N TRP A 66 27.77 18.01 -5.16
CA TRP A 66 27.86 17.30 -6.42
C TRP A 66 26.69 17.74 -7.29
N SER A 67 26.67 17.27 -8.53
CA SER A 67 25.61 17.63 -9.43
C SER A 67 24.77 16.43 -9.84
N ASP A 68 23.47 16.66 -9.98
CA ASP A 68 22.58 15.71 -10.67
C ASP A 68 21.63 16.51 -11.53
N ARG A 69 21.99 16.66 -12.79
CA ARG A 69 21.30 17.58 -13.69
C ARG A 69 19.86 17.15 -13.91
N THR A 70 19.57 15.86 -13.72
CA THR A 70 18.21 15.36 -13.88
C THR A 70 17.27 15.98 -12.85
N LEU A 71 17.83 16.51 -11.77
CA LEU A 71 17.04 17.19 -10.74
C LEU A 71 16.76 18.65 -11.07
N ALA A 72 17.42 19.17 -12.11
CA ALA A 72 17.31 20.59 -12.42
C ALA A 72 15.90 20.99 -12.82
N TRP A 73 15.56 22.24 -12.55
CA TRP A 73 14.34 22.80 -13.06
C TRP A 73 14.57 24.25 -13.49
N ASN A 74 13.58 24.78 -14.16
CA ASN A 74 13.63 26.13 -14.66
C ASN A 74 13.13 27.07 -13.56
N SER A 75 14.01 27.90 -13.01
CA SER A 75 13.60 28.74 -11.87
C SER A 75 13.41 30.22 -12.24
N SER A 76 13.10 30.48 -13.51
CA SER A 76 12.76 31.83 -13.94
C SER A 76 11.69 32.48 -13.07
N HIS A 77 10.68 31.71 -12.67
CA HIS A 77 9.64 32.24 -11.81
C HIS A 77 9.31 31.29 -10.67
N SER A 78 10.35 30.72 -10.09
CA SER A 78 10.18 29.74 -9.00
C SER A 78 11.42 29.79 -8.09
N PRO A 79 11.34 29.12 -6.92
CA PRO A 79 12.50 29.11 -6.02
C PRO A 79 13.78 28.62 -6.68
N ASP A 80 14.90 29.23 -6.30
CA ASP A 80 16.23 28.84 -6.74
C ASP A 80 16.71 27.57 -6.07
N GLN A 81 16.21 27.34 -4.85
CA GLN A 81 16.66 26.21 -4.05
C GLN A 81 15.56 25.73 -3.12
N VAL A 82 15.60 24.45 -2.77
CA VAL A 82 14.79 23.97 -1.66
C VAL A 82 15.60 23.04 -0.77
N SER A 83 15.17 22.90 0.48
CA SER A 83 15.73 21.86 1.36
C SER A 83 14.97 20.54 1.15
N VAL A 84 15.72 19.44 1.14
CA VAL A 84 15.21 18.08 0.91
C VAL A 84 15.82 17.12 1.96
N PRO A 85 14.99 16.27 2.57
CA PRO A 85 15.52 15.19 3.43
C PRO A 85 16.47 14.34 2.62
N ILE A 86 17.65 14.00 3.16
CA ILE A 86 18.61 13.24 2.36
C ILE A 86 18.14 11.83 2.02
N SER A 87 17.14 11.32 2.72
CA SER A 87 16.58 10.00 2.37
C SER A 87 15.89 10.03 1.00
N SER A 88 15.53 11.22 0.53
CA SER A 88 14.91 11.36 -0.80
C SER A 88 15.96 11.47 -1.92
N LEU A 89 17.23 11.50 -1.56
CA LEU A 89 18.28 11.79 -2.53
C LEU A 89 19.37 10.73 -2.54
N TRP A 90 20.08 10.61 -3.65
CA TRP A 90 21.36 9.92 -3.64
C TRP A 90 22.38 10.81 -2.93
N VAL A 91 23.14 10.21 -2.03
CA VAL A 91 24.23 10.88 -1.34
C VAL A 91 25.48 9.99 -1.51
N PRO A 92 26.67 10.59 -1.69
CA PRO A 92 27.84 9.73 -1.86
C PRO A 92 28.10 8.88 -0.61
N ASP A 93 28.52 7.65 -0.80
CA ASP A 93 28.81 6.77 0.32
C ASP A 93 30.21 7.06 0.89
N LEU A 94 30.42 8.29 1.36
CA LEU A 94 31.72 8.68 1.91
C LEU A 94 31.99 8.01 3.26
N ALA A 95 33.26 7.69 3.48
CA ALA A 95 33.72 7.13 4.73
C ALA A 95 35.14 7.61 5.01
N ALA A 96 35.46 7.79 6.29
CA ALA A 96 36.83 8.09 6.66
C ALA A 96 37.55 6.76 6.88
N TYR A 97 38.60 6.52 6.11
CA TYR A 97 39.28 5.23 6.12
C TYR A 97 39.98 4.96 7.46
N ASN A 98 40.27 6.00 8.23
CA ASN A 98 40.93 5.82 9.53
C ASN A 98 40.04 6.21 10.70
N ALA A 99 38.72 6.22 10.48
CA ALA A 99 37.80 6.48 11.60
C ALA A 99 37.80 5.29 12.54
N ILE A 100 37.64 5.55 13.84
CA ILE A 100 37.56 4.49 14.83
C ILE A 100 36.29 4.64 15.67
N SER A 101 35.41 5.53 15.22
CA SER A 101 34.04 5.58 15.75
C SER A 101 33.08 5.94 14.62
N LYS A 102 31.77 5.75 14.86
CA LYS A 102 30.76 6.11 13.85
C LYS A 102 30.72 7.62 13.64
N PRO A 103 30.45 8.05 12.41
CA PRO A 103 30.27 9.50 12.28
C PRO A 103 28.96 9.90 12.95
N GLU A 104 29.02 10.61 14.08
CA GLU A 104 27.78 11.05 14.71
C GLU A 104 27.33 12.36 14.08
N VAL A 105 26.17 12.34 13.41
CA VAL A 105 25.66 13.56 12.80
C VAL A 105 24.85 14.36 13.81
N LEU A 106 25.21 15.63 13.98
CA LEU A 106 24.65 16.47 15.04
C LEU A 106 23.50 17.36 14.57
N THR A 107 23.27 17.37 13.26
CA THR A 107 22.45 18.39 12.61
C THR A 107 21.31 17.78 11.79
N PRO A 108 20.25 18.57 11.51
CA PRO A 108 19.15 18.03 10.69
C PRO A 108 19.65 17.44 9.37
N GLN A 109 19.16 16.25 9.03
CA GLN A 109 19.66 15.54 7.85
C GLN A 109 18.96 16.01 6.59
N LEU A 110 19.26 17.24 6.20
CA LEU A 110 18.66 17.89 5.05
C LEU A 110 19.76 18.34 4.12
N ALA A 111 19.50 18.30 2.81
CA ALA A 111 20.44 18.86 1.85
C ALA A 111 19.73 19.98 1.11
N ARG A 112 20.49 20.83 0.43
CA ARG A 112 19.88 21.82 -0.44
C ARG A 112 20.01 21.32 -1.86
N VAL A 113 18.94 21.47 -2.63
CA VAL A 113 18.99 21.18 -4.05
C VAL A 113 18.81 22.50 -4.81
N VAL A 114 19.77 22.82 -5.68
CA VAL A 114 19.70 24.06 -6.44
C VAL A 114 19.06 23.78 -7.80
N SER A 115 18.39 24.78 -8.38
CA SER A 115 17.64 24.55 -9.62
C SER A 115 18.51 24.11 -10.80
N ASP A 116 19.83 24.26 -10.70
CA ASP A 116 20.71 23.75 -11.75
C ASP A 116 21.11 22.28 -11.52
N GLY A 117 20.54 21.63 -10.51
CA GLY A 117 20.86 20.23 -10.25
C GLY A 117 21.97 20.02 -9.24
N GLU A 118 22.55 21.11 -8.76
CA GLU A 118 23.61 20.99 -7.77
C GLU A 118 23.02 20.62 -6.41
N VAL A 119 23.71 19.76 -5.66
CA VAL A 119 23.22 19.39 -4.34
C VAL A 119 24.28 19.78 -3.31
N LEU A 120 23.83 20.44 -2.25
CA LEU A 120 24.70 20.82 -1.15
C LEU A 120 24.29 20.07 0.12
N TYR A 121 25.25 19.41 0.75
CA TYR A 121 24.99 18.63 1.96
C TYR A 121 26.11 18.91 2.95
N MET A 122 25.76 19.33 4.16
CA MET A 122 26.81 19.70 5.14
C MET A 122 26.43 19.31 6.55
N PRO A 123 26.67 18.04 6.91
CA PRO A 123 26.40 17.60 8.29
C PRO A 123 27.51 18.08 9.20
N SER A 124 27.17 18.41 10.43
CA SER A 124 28.17 18.57 11.46
C SER A 124 28.39 17.20 12.01
N ILE A 125 29.64 16.74 11.95
CA ILE A 125 29.97 15.40 12.39
C ILE A 125 30.96 15.37 13.56
N ARG A 126 30.60 14.64 14.62
CA ARG A 126 31.54 14.30 15.68
CA ARG A 126 31.58 14.32 15.65
C ARG A 126 32.06 12.89 15.41
N GLN A 127 33.38 12.72 15.35
CA GLN A 127 33.98 11.43 15.04
C GLN A 127 35.39 11.30 15.60
N ARG A 128 35.78 10.07 15.96
CA ARG A 128 37.13 9.80 16.45
C ARG A 128 38.01 9.18 15.39
N PHE A 129 39.29 9.52 15.42
CA PHE A 129 40.24 9.04 14.43
C PHE A 129 41.53 8.52 15.05
N SER A 130 42.16 7.59 14.35
CA SER A 130 43.53 7.22 14.61
C SER A 130 44.43 7.98 13.66
N CYS A 131 45.30 8.81 14.23
CA CYS A 131 46.15 9.69 13.45
C CYS A 131 47.31 10.08 14.35
N ASP A 132 48.36 10.64 13.76
CA ASP A 132 49.58 10.99 14.50
C ASP A 132 49.36 12.18 15.42
N VAL A 133 49.38 11.92 16.73
CA VAL A 133 49.16 12.96 17.72
C VAL A 133 50.49 13.50 18.26
N SER A 134 51.59 12.86 17.87
CA SER A 134 52.91 13.28 18.37
C SER A 134 53.16 14.75 18.06
N GLY A 135 53.58 15.50 19.09
CA GLY A 135 53.94 16.89 18.91
C GLY A 135 52.85 17.90 19.21
N VAL A 136 51.68 17.44 19.68
CA VAL A 136 50.57 18.36 19.96
C VAL A 136 50.94 19.43 21.01
N ASP A 137 51.86 19.13 21.91
CA ASP A 137 52.24 20.12 22.92
C ASP A 137 53.61 20.75 22.61
N THR A 138 53.92 20.87 21.33
CA THR A 138 55.12 21.56 20.90
C THR A 138 54.73 22.73 20.02
N GLU A 139 55.73 23.54 19.64
CA GLU A 139 55.47 24.70 18.82
C GLU A 139 54.95 24.32 17.45
N SER A 140 55.56 23.29 16.85
CA SER A 140 55.23 22.83 15.50
C SER A 140 53.90 22.06 15.45
N GLY A 141 53.43 21.62 16.62
CA GLY A 141 52.14 20.96 16.76
C GLY A 141 52.09 19.54 16.24
N ALA A 142 50.91 18.92 16.33
CA ALA A 142 50.67 17.62 15.72
C ALA A 142 50.12 17.78 14.30
N THR A 143 50.30 16.76 13.47
CA THR A 143 49.62 16.72 12.18
C THR A 143 48.77 15.44 12.08
N CYS A 144 47.46 15.62 12.17
CA CYS A 144 46.50 14.52 12.13
C CYS A 144 45.89 14.44 10.74
N ARG A 145 46.08 13.30 10.07
CA ARG A 145 45.58 13.12 8.71
C ARG A 145 44.34 12.23 8.66
N ILE A 146 43.32 12.71 7.96
CA ILE A 146 42.07 11.99 7.80
C ILE A 146 41.83 11.76 6.30
N LYS A 147 41.60 10.51 5.92
CA LYS A 147 41.38 10.17 4.53
C LYS A 147 39.92 9.85 4.31
N ILE A 148 39.29 10.61 3.43
CA ILE A 148 37.86 10.47 3.14
C ILE A 148 37.62 10.16 1.67
N GLY A 149 36.85 9.10 1.42
CA GLY A 149 36.50 8.72 0.05
C GLY A 149 35.26 7.83 0.01
N SER A 150 34.85 7.46 -1.20
CA SER A 150 33.75 6.53 -1.35
C SER A 150 34.08 5.16 -0.79
N TRP A 151 33.14 4.56 -0.05
CA TRP A 151 33.38 3.22 0.48
C TRP A 151 33.28 2.11 -0.56
N THR A 152 32.43 2.27 -1.58
CA THR A 152 32.20 1.18 -2.55
C THR A 152 32.35 1.56 -4.02
N HIS A 153 32.57 2.85 -4.31
CA HIS A 153 32.66 3.29 -5.70
C HIS A 153 34.10 3.69 -6.07
N HIS A 154 34.66 3.00 -7.05
CA HIS A 154 36.02 3.29 -7.49
C HIS A 154 36.05 4.55 -8.35
N SER A 155 37.25 4.97 -8.75
CA SER A 155 37.45 6.27 -9.39
C SER A 155 36.67 6.44 -10.70
N ARG A 156 36.36 5.35 -11.40
CA ARG A 156 35.59 5.49 -12.64
C ARG A 156 34.12 5.79 -12.36
N GLU A 157 33.68 5.58 -11.13
CA GLU A 157 32.28 5.84 -10.75
C GLU A 157 32.13 7.16 -9.97
N ILE A 158 33.05 7.40 -9.04
CA ILE A 158 33.05 8.61 -8.23
C ILE A 158 34.46 9.18 -8.11
N SER A 159 34.60 10.47 -8.39
CA SER A 159 35.81 11.19 -8.02
C SER A 159 35.53 12.07 -6.81
N VAL A 160 36.47 12.11 -5.89
CA VAL A 160 36.35 12.94 -4.70
C VAL A 160 37.47 13.97 -4.71
N ASP A 161 37.10 15.25 -4.82
CA ASP A 161 38.08 16.33 -4.95
C ASP A 161 37.92 17.32 -3.81
N PRO A 162 39.03 17.91 -3.34
CA PRO A 162 39.01 18.99 -2.36
CA PRO A 162 39.01 18.99 -2.36
C PRO A 162 38.49 20.29 -2.96
N THR A 163 37.62 20.99 -2.23
CA THR A 163 37.07 22.24 -2.72
C THR A 163 38.19 23.28 -2.82
N THR A 164 38.95 23.41 -1.73
CA THR A 164 40.20 24.19 -1.72
C THR A 164 41.28 23.41 -0.97
N GLU A 165 42.54 23.65 -1.32
CA GLU A 165 43.62 22.86 -0.77
C GLU A 165 44.22 23.41 0.53
N ASN A 166 43.97 24.69 0.82
CA ASN A 166 44.60 25.36 1.96
C ASN A 166 43.63 26.23 2.71
N SER A 167 43.58 26.06 4.03
CA SER A 167 42.72 26.93 4.84
C SER A 167 43.25 27.15 6.26
N ASP A 168 42.99 28.33 6.80
CA ASP A 168 43.31 28.60 8.20
C ASP A 168 42.11 28.25 9.09
N ASP A 169 40.99 27.95 8.44
CA ASP A 169 39.77 27.53 9.15
C ASP A 169 39.26 28.60 10.12
N SER A 170 39.74 29.83 9.97
CA SER A 170 39.53 30.89 10.97
C SER A 170 38.07 31.25 11.13
N GLU A 171 37.28 31.05 10.08
CA GLU A 171 35.86 31.37 10.10
C GLU A 171 35.07 30.34 10.89
N TYR A 172 35.65 29.17 11.10
CA TYR A 172 34.88 28.05 11.63
C TYR A 172 35.37 27.50 12.95
N PHE A 173 36.69 27.42 13.14
CA PHE A 173 37.24 26.84 14.35
C PHE A 173 36.89 27.68 15.58
N SER A 174 36.49 27.00 16.65
CA SER A 174 36.09 27.69 17.87
C SER A 174 37.24 28.44 18.53
N GLN A 175 37.02 29.72 18.79
CA GLN A 175 38.02 30.57 19.44
C GLN A 175 38.23 30.16 20.90
N TYR A 176 37.30 29.36 21.42
CA TYR A 176 37.35 29.01 22.85
C TYR A 176 38.01 27.66 23.09
N SER A 177 38.38 27.01 22.00
CA SER A 177 39.09 25.73 22.08
C SER A 177 40.38 25.92 22.85
N ARG A 178 40.84 24.86 23.52
CA ARG A 178 42.15 24.88 24.14
C ARG A 178 43.20 24.58 23.08
N PHE A 179 42.75 24.27 21.87
CA PHE A 179 43.65 24.02 20.76
C PHE A 179 43.57 25.14 19.72
N GLU A 180 44.63 25.29 18.94
CA GLU A 180 44.62 26.24 17.83
C GLU A 180 45.23 25.55 16.63
N ILE A 181 44.77 25.95 15.45
CA ILE A 181 45.20 25.36 14.19
C ILE A 181 46.36 26.14 13.58
N LEU A 182 47.34 25.43 13.03
CA LEU A 182 48.46 26.04 12.31
C LEU A 182 48.23 25.96 10.80
N ASP A 183 47.50 24.94 10.37
CA ASP A 183 47.14 24.78 8.96
C ASP A 183 46.18 23.60 8.73
N VAL A 184 45.28 23.74 7.76
CA VAL A 184 44.53 22.59 7.26
C VAL A 184 44.76 22.55 5.77
N THR A 185 45.29 21.42 5.31
CA THR A 185 45.41 21.21 3.87
C THR A 185 44.54 20.02 3.48
N GLN A 186 44.06 20.06 2.23
CA GLN A 186 43.24 18.98 1.67
C GLN A 186 43.73 18.66 0.27
N LYS A 187 44.16 17.42 0.07
CA LYS A 187 44.79 17.01 -1.19
C LYS A 187 44.11 15.80 -1.78
N LYS A 188 44.05 15.76 -3.11
CA LYS A 188 43.64 14.56 -3.82
C LYS A 188 44.60 13.43 -3.49
N ASN A 189 44.08 12.22 -3.41
CA ASN A 189 44.91 11.06 -3.15
C ASN A 189 44.24 9.86 -3.78
N SER A 190 45.01 8.85 -4.13
CA SER A 190 44.45 7.62 -4.66
C SER A 190 44.87 6.43 -3.81
N VAL A 191 43.93 5.51 -3.61
CA VAL A 191 44.16 4.32 -2.82
C VAL A 191 43.90 3.06 -3.66
N THR A 192 44.81 2.10 -3.58
CA THR A 192 44.65 0.78 -4.19
C THR A 192 45.09 -0.30 -3.21
N TYR A 193 44.60 -1.52 -3.42
CA TYR A 193 45.01 -2.67 -2.62
C TYR A 193 45.45 -3.81 -3.53
N SER A 194 46.35 -4.65 -3.03
CA SER A 194 46.87 -5.77 -3.81
CA SER A 194 46.88 -5.77 -3.82
C SER A 194 45.79 -6.79 -4.11
N CYS A 195 44.80 -6.87 -3.24
CA CYS A 195 43.70 -7.81 -3.41
C CYS A 195 42.84 -7.44 -4.60
N CYS A 196 42.74 -6.14 -4.88
CA CYS A 196 41.65 -5.64 -5.69
C CYS A 196 42.12 -4.75 -6.82
N PRO A 197 41.39 -4.78 -7.94
CA PRO A 197 41.87 -4.09 -9.13
C PRO A 197 41.91 -2.56 -9.04
N GLU A 198 40.73 -1.93 -9.02
CA GLU A 198 40.66 -0.50 -9.28
CA GLU A 198 40.55 -0.50 -9.23
C GLU A 198 41.14 0.39 -8.14
N ALA A 199 41.30 1.66 -8.47
CA ALA A 199 41.73 2.68 -7.53
C ALA A 199 40.52 3.45 -6.99
N TYR A 200 40.65 3.92 -5.75
CA TYR A 200 39.63 4.71 -5.11
C TYR A 200 40.18 6.09 -4.81
N GLU A 201 39.51 7.13 -5.29
CA GLU A 201 39.95 8.47 -5.00
C GLU A 201 39.61 8.80 -3.56
N ASP A 202 40.41 9.66 -2.95
CA ASP A 202 40.04 10.19 -1.66
C ASP A 202 40.57 11.61 -1.53
N VAL A 203 40.13 12.27 -0.46
CA VAL A 203 40.70 13.53 -0.04
C VAL A 203 41.45 13.30 1.25
N GLU A 204 42.73 13.63 1.24
CA GLU A 204 43.55 13.49 2.43
C GLU A 204 43.54 14.83 3.16
N VAL A 205 42.96 14.85 4.34
CA VAL A 205 42.87 16.09 5.12
C VAL A 205 43.94 16.07 6.18
N SER A 206 44.82 17.06 6.13
CA SER A 206 45.92 17.18 7.10
C SER A 206 45.64 18.32 8.06
N LEU A 207 45.37 17.97 9.30
CA LEU A 207 45.06 18.92 10.36
C LEU A 207 46.29 19.14 11.25
N ASN A 208 46.94 20.30 11.10
CA ASN A 208 48.12 20.67 11.88
C ASN A 208 47.69 21.62 13.00
N PHE A 209 47.79 21.16 14.24
CA PHE A 209 47.23 21.90 15.36
C PHE A 209 48.10 21.73 16.59
N ARG A 210 47.92 22.59 17.58
CA ARG A 210 48.65 22.45 18.82
C ARG A 210 47.84 22.94 20.00
N LYS A 211 48.21 22.48 21.19
CA LYS A 211 47.67 23.02 22.42
C LYS A 211 48.12 24.47 22.53
N LYS A 212 47.19 25.38 22.82
CA LYS A 212 47.55 26.77 23.05
C LYS A 212 48.51 26.84 24.24
N GLY A 213 49.47 27.76 24.18
CA GLY A 213 50.44 27.95 25.24
C GLY A 213 49.85 28.82 26.33
N ASP B 1 30.69 -4.55 -19.12
CA ASP B 1 31.61 -3.83 -19.98
C ASP B 1 32.09 -2.53 -19.31
N TYR B 2 33.41 -2.28 -19.36
CA TYR B 2 34.03 -1.10 -18.74
C TYR B 2 33.45 0.23 -19.23
N LYS B 3 33.25 0.33 -20.55
CA LYS B 3 32.76 1.57 -21.15
C LYS B 3 31.36 1.94 -20.66
N ASP B 4 30.56 0.91 -20.34
CA ASP B 4 29.16 1.12 -20.02
C ASP B 4 28.88 1.24 -18.53
N ASP B 5 29.94 1.19 -17.72
CA ASP B 5 29.82 1.23 -16.26
C ASP B 5 29.03 2.44 -15.75
N ASP B 6 29.26 3.60 -16.37
CA ASP B 6 28.62 4.84 -15.95
C ASP B 6 27.32 5.15 -16.71
N ASP B 7 26.74 4.15 -17.35
CA ASP B 7 25.42 4.30 -17.95
C ASP B 7 24.40 4.23 -16.82
N LYS B 8 23.85 5.39 -16.44
CA LYS B 8 22.98 5.45 -15.27
C LYS B 8 21.73 4.57 -15.37
N LEU B 9 21.04 4.64 -16.51
CA LEU B 9 19.82 3.86 -16.70
C LEU B 9 20.12 2.38 -16.56
N ASP B 10 21.26 1.94 -17.09
CA ASP B 10 21.67 0.55 -16.97
C ASP B 10 21.86 0.16 -15.51
N ARG B 11 22.56 1.00 -14.74
CA ARG B 11 22.72 0.71 -13.31
C ARG B 11 21.35 0.64 -12.60
N ALA B 12 20.45 1.57 -12.93
CA ALA B 12 19.12 1.57 -12.31
C ALA B 12 18.33 0.31 -12.67
N ASP B 13 18.51 -0.15 -13.91
CA ASP B 13 17.84 -1.38 -14.33
C ASP B 13 18.44 -2.59 -13.62
N ILE B 14 19.75 -2.62 -13.46
CA ILE B 14 20.39 -3.72 -12.76
C ILE B 14 19.90 -3.79 -11.30
N LEU B 15 19.81 -2.63 -10.66
CA LEU B 15 19.30 -2.58 -9.29
C LEU B 15 17.85 -3.07 -9.22
N TYR B 16 17.05 -2.66 -10.18
CA TYR B 16 15.68 -3.15 -10.29
C TYR B 16 15.67 -4.68 -10.41
N ASN B 17 16.48 -5.22 -11.32
CA ASN B 17 16.59 -6.66 -11.53
C ASN B 17 17.01 -7.39 -10.26
N ILE B 18 18.07 -6.90 -9.63
CA ILE B 18 18.55 -7.48 -8.37
C ILE B 18 17.43 -7.52 -7.33
N ARG B 19 16.68 -6.45 -7.21
CA ARG B 19 15.64 -6.40 -6.20
C ARG B 19 14.43 -7.30 -6.54
N GLN B 20 14.17 -7.51 -7.82
CA GLN B 20 13.12 -8.45 -8.22
C GLN B 20 13.49 -9.89 -7.87
N THR B 21 14.75 -10.24 -8.07
CA THR B 21 15.22 -11.62 -7.90
C THR B 21 15.63 -11.94 -6.47
N SER B 22 16.27 -10.97 -5.82
CA SER B 22 16.83 -11.16 -4.49
C SER B 22 15.79 -11.64 -3.48
N ARG B 23 16.18 -12.65 -2.70
CA ARG B 23 15.43 -13.03 -1.51
C ARG B 23 16.29 -12.78 -0.28
N PRO B 24 16.14 -11.61 0.35
CA PRO B 24 17.03 -11.22 1.45
C PRO B 24 17.01 -12.19 2.64
N ASP B 25 15.95 -12.98 2.79
CA ASP B 25 15.81 -13.78 4.00
C ASP B 25 16.03 -15.27 3.78
N VAL B 26 16.34 -15.66 2.55
CA VAL B 26 16.54 -17.07 2.18
C VAL B 26 17.99 -17.31 1.75
N ILE B 27 18.62 -18.36 2.29
CA ILE B 27 20.02 -18.63 1.93
C ILE B 27 20.13 -19.02 0.47
N PRO B 28 21.11 -18.44 -0.24
CA PRO B 28 21.27 -18.64 -1.68
C PRO B 28 21.98 -19.95 -2.02
N THR B 29 21.48 -21.08 -1.52
CA THR B 29 22.07 -22.40 -1.78
C THR B 29 21.81 -22.76 -3.21
N GLN B 30 22.82 -23.31 -3.89
CA GLN B 30 22.68 -23.45 -5.34
C GLN B 30 22.99 -24.94 -5.41
N ARG B 31 22.37 -25.75 -6.27
CA ARG B 31 22.84 -27.14 -6.49
C ARG B 31 22.91 -28.00 -5.22
N ASP B 32 22.04 -27.75 -4.26
CA ASP B 32 22.04 -28.44 -2.96
C ASP B 32 23.39 -28.47 -2.25
N ARG B 33 24.22 -27.47 -2.50
CA ARG B 33 25.48 -27.31 -1.78
C ARG B 33 25.27 -26.19 -0.72
N PRO B 34 26.03 -26.22 0.38
CA PRO B 34 26.03 -25.07 1.30
C PRO B 34 26.44 -23.78 0.61
N VAL B 35 26.03 -22.63 1.12
CA VAL B 35 26.54 -21.37 0.61
C VAL B 35 27.98 -21.19 1.06
N ALA B 36 28.90 -21.08 0.11
CA ALA B 36 30.31 -20.89 0.46
C ALA B 36 30.59 -19.41 0.73
N VAL B 37 30.72 -19.08 2.00
CA VAL B 37 31.03 -17.71 2.42
C VAL B 37 32.52 -17.61 2.71
N SER B 38 33.20 -16.68 2.03
CA SER B 38 34.62 -16.46 2.30
C SER B 38 34.80 -15.19 3.11
N VAL B 39 35.60 -15.29 4.17
CA VAL B 39 35.79 -14.25 5.16
C VAL B 39 37.27 -14.03 5.41
N SER B 40 37.68 -12.77 5.42
CA SER B 40 39.04 -12.45 5.79
C SER B 40 39.06 -11.12 6.54
N LEU B 41 39.44 -11.15 7.81
CA LEU B 41 39.54 -9.91 8.56
C LEU B 41 40.86 -9.19 8.28
N LYS B 42 40.76 -7.90 8.01
CA LYS B 42 41.95 -7.05 7.88
C LYS B 42 41.94 -6.07 9.03
N PHE B 43 42.87 -6.25 9.97
CA PHE B 43 42.89 -5.39 11.14
C PHE B 43 43.42 -4.01 10.80
N ILE B 44 42.72 -3.00 11.31
CA ILE B 44 43.06 -1.62 11.04
C ILE B 44 43.68 -1.00 12.28
N ASN B 45 43.18 -1.38 13.45
CA ASN B 45 43.72 -0.84 14.68
C ASN B 45 43.38 -1.71 15.85
N ILE B 46 44.23 -1.61 16.87
CA ILE B 46 44.03 -2.19 18.17
C ILE B 46 44.00 -1.01 19.13
N LEU B 47 42.86 -0.77 19.74
CA LEU B 47 42.62 0.48 20.47
C LEU B 47 42.81 0.37 21.98
N GLU B 48 42.27 -0.69 22.56
CA GLU B 48 42.38 -0.96 23.99
CA GLU B 48 42.41 -0.94 23.99
C GLU B 48 42.74 -2.41 24.18
N VAL B 49 43.65 -2.67 25.11
CA VAL B 49 44.02 -4.02 25.45
C VAL B 49 44.08 -4.04 26.98
N ASN B 50 43.53 -5.08 27.59
CA ASN B 50 43.57 -5.20 29.04
C ASN B 50 44.05 -6.60 29.40
N GLU B 51 45.28 -6.68 29.91
CA GLU B 51 45.91 -7.95 30.23
C GLU B 51 45.29 -8.60 31.47
N ILE B 52 44.70 -7.79 32.35
CA ILE B 52 44.03 -8.31 33.53
C ILE B 52 42.69 -8.98 33.20
N THR B 53 41.89 -8.34 32.35
CA THR B 53 40.56 -8.86 32.07
C THR B 53 40.54 -9.71 30.80
N ASN B 54 41.67 -9.73 30.09
CA ASN B 54 41.80 -10.42 28.80
C ASN B 54 40.72 -9.93 27.84
N GLU B 55 40.76 -8.64 27.54
CA GLU B 55 39.83 -8.02 26.61
C GLU B 55 40.60 -7.10 25.66
N VAL B 56 40.15 -7.07 24.41
CA VAL B 56 40.70 -6.17 23.40
C VAL B 56 39.59 -5.37 22.72
N ASP B 57 39.93 -4.18 22.24
CA ASP B 57 39.00 -3.33 21.50
C ASP B 57 39.67 -3.04 20.16
N VAL B 58 39.09 -3.54 19.06
CA VAL B 58 39.74 -3.44 17.77
C VAL B 58 38.83 -2.96 16.63
N VAL B 59 39.47 -2.50 15.57
CA VAL B 59 38.78 -2.14 14.34
C VAL B 59 39.34 -3.00 13.22
N PHE B 60 38.45 -3.63 12.46
CA PHE B 60 38.85 -4.46 11.32
C PHE B 60 37.87 -4.30 10.17
N TRP B 61 38.38 -4.48 8.94
CA TRP B 61 37.52 -4.59 7.77
C TRP B 61 37.22 -6.05 7.58
N GLN B 62 35.94 -6.40 7.63
CA GLN B 62 35.52 -7.79 7.45
C GLN B 62 35.28 -8.08 5.97
N GLN B 63 36.31 -8.52 5.26
CA GLN B 63 36.20 -8.84 3.84
C GLN B 63 35.34 -10.10 3.70
N THR B 64 34.18 -9.97 3.07
CA THR B 64 33.23 -11.05 2.98
C THR B 64 32.77 -11.22 1.54
N THR B 65 32.72 -12.45 1.06
CA THR B 65 32.20 -12.68 -0.29
C THR B 65 31.49 -14.03 -0.38
N TRP B 66 30.57 -14.11 -1.32
CA TRP B 66 29.80 -15.33 -1.60
C TRP B 66 29.14 -15.15 -2.95
N SER B 67 28.53 -16.22 -3.46
CA SER B 67 27.86 -16.14 -4.74
C SER B 67 26.35 -16.33 -4.61
N ASP B 68 25.61 -15.61 -5.44
CA ASP B 68 24.21 -15.90 -5.70
C ASP B 68 24.01 -15.69 -7.19
N ARG B 69 24.15 -16.76 -7.95
CA ARG B 69 24.10 -16.61 -9.41
C ARG B 69 22.71 -16.31 -9.94
N THR B 70 21.66 -16.37 -9.11
CA THR B 70 20.36 -15.88 -9.57
C THR B 70 20.39 -14.35 -9.74
N LEU B 71 21.40 -13.68 -9.19
CA LEU B 71 21.54 -12.23 -9.36
C LEU B 71 22.31 -11.84 -10.63
N ALA B 72 22.89 -12.84 -11.29
CA ALA B 72 23.81 -12.61 -12.40
C ALA B 72 23.13 -12.00 -13.61
N TRP B 73 23.89 -11.25 -14.41
CA TRP B 73 23.34 -10.68 -15.62
C TRP B 73 24.39 -10.61 -16.71
N ASN B 74 23.94 -10.41 -17.94
CA ASN B 74 24.81 -10.28 -19.09
C ASN B 74 25.40 -8.87 -19.13
N SER B 75 26.71 -8.76 -18.91
CA SER B 75 27.32 -7.43 -18.84
C SER B 75 28.12 -7.10 -20.09
N SER B 76 27.81 -7.77 -21.19
CA SER B 76 28.51 -7.51 -22.44
C SER B 76 28.34 -6.06 -22.89
N HIS B 77 27.18 -5.47 -22.63
CA HIS B 77 26.97 -4.05 -22.93
C HIS B 77 26.30 -3.31 -21.79
N SER B 78 26.80 -3.53 -20.58
CA SER B 78 26.18 -2.96 -19.38
C SER B 78 27.20 -3.01 -18.25
N PRO B 79 26.94 -2.29 -17.15
CA PRO B 79 27.94 -2.28 -16.06
C PRO B 79 28.23 -3.67 -15.52
N ASP B 80 29.48 -3.88 -15.11
CA ASP B 80 29.93 -5.15 -14.53
C ASP B 80 29.63 -5.30 -13.04
N GLN B 81 29.45 -4.17 -12.35
CA GLN B 81 29.21 -4.14 -10.90
C GLN B 81 28.34 -2.94 -10.56
N VAL B 82 27.54 -3.05 -9.51
CA VAL B 82 26.85 -1.91 -8.93
C VAL B 82 26.90 -2.00 -7.42
N SER B 83 26.72 -0.88 -6.74
CA SER B 83 26.56 -0.91 -5.29
C SER B 83 25.09 -1.07 -4.94
N VAL B 84 24.83 -1.83 -3.87
CA VAL B 84 23.47 -2.17 -3.46
C VAL B 84 23.37 -2.11 -1.95
N PRO B 85 22.34 -1.45 -1.41
CA PRO B 85 22.12 -1.50 0.05
C PRO B 85 21.93 -2.94 0.51
N ILE B 86 22.56 -3.33 1.62
CA ILE B 86 22.51 -4.73 2.04
C ILE B 86 21.11 -5.12 2.49
N SER B 87 20.27 -4.13 2.77
CA SER B 87 18.87 -4.38 3.07
C SER B 87 18.13 -5.04 1.89
N SER B 88 18.66 -4.87 0.67
CA SER B 88 18.09 -5.50 -0.52
C SER B 88 18.61 -6.91 -0.78
N LEU B 89 19.60 -7.33 0.01
CA LEU B 89 20.29 -8.58 -0.26
C LEU B 89 20.23 -9.54 0.91
N TRP B 90 20.37 -10.84 0.63
CA TRP B 90 20.73 -11.77 1.68
C TRP B 90 22.19 -11.55 2.05
N VAL B 91 22.46 -11.54 3.35
CA VAL B 91 23.81 -11.41 3.84
C VAL B 91 23.99 -12.50 4.90
N PRO B 92 25.15 -13.17 4.95
CA PRO B 92 25.29 -14.23 5.96
C PRO B 92 25.16 -13.68 7.37
N ASP B 93 24.55 -14.46 8.24
CA ASP B 93 24.31 -14.06 9.61
C ASP B 93 25.55 -14.33 10.47
N LEU B 94 26.67 -13.72 10.10
CA LEU B 94 27.92 -13.95 10.83
C LEU B 94 27.89 -13.30 12.21
N ALA B 95 28.54 -13.96 13.16
CA ALA B 95 28.77 -13.43 14.49
C ALA B 95 30.10 -13.98 15.02
N ALA B 96 30.78 -13.17 15.84
CA ALA B 96 31.95 -13.61 16.56
C ALA B 96 31.52 -14.28 17.85
N TYR B 97 31.94 -15.51 18.05
CA TYR B 97 31.47 -16.29 19.19
C TYR B 97 32.04 -15.73 20.51
N ASN B 98 33.16 -15.01 20.44
CA ASN B 98 33.72 -14.41 21.66
C ASN B 98 33.63 -12.89 21.70
N ALA B 99 32.69 -12.31 20.96
CA ALA B 99 32.47 -10.86 21.06
C ALA B 99 31.85 -10.52 22.40
N ILE B 100 32.27 -9.38 22.97
CA ILE B 100 31.66 -8.92 24.21
C ILE B 100 31.06 -7.52 24.08
N SER B 101 30.97 -7.02 22.85
CA SER B 101 30.20 -5.82 22.57
C SER B 101 29.52 -5.96 21.21
N LYS B 102 28.57 -5.08 20.92
CA LYS B 102 27.92 -5.05 19.60
C LYS B 102 28.92 -4.73 18.49
N PRO B 103 28.79 -5.39 17.32
CA PRO B 103 29.62 -4.89 16.23
C PRO B 103 29.18 -3.48 15.81
N GLU B 104 30.08 -2.50 15.93
CA GLU B 104 29.75 -1.14 15.49
C GLU B 104 30.23 -0.94 14.06
N VAL B 105 29.29 -0.89 13.11
CA VAL B 105 29.67 -0.73 11.72
C VAL B 105 29.96 0.74 11.46
N LEU B 106 31.16 1.02 10.96
CA LEU B 106 31.60 2.40 10.81
C LEU B 106 31.38 2.94 9.40
N THR B 107 30.81 2.14 8.52
CA THR B 107 30.82 2.46 7.10
C THR B 107 29.45 2.34 6.45
N PRO B 108 29.24 2.98 5.27
CA PRO B 108 27.96 2.78 4.59
C PRO B 108 27.68 1.30 4.35
N GLN B 109 26.46 0.90 4.65
CA GLN B 109 26.05 -0.48 4.56
C GLN B 109 25.64 -0.84 3.14
N LEU B 110 26.63 -0.84 2.25
CA LEU B 110 26.46 -1.19 0.86
C LEU B 110 27.33 -2.38 0.51
N ALA B 111 26.87 -3.19 -0.43
CA ALA B 111 27.69 -4.26 -0.96
C ALA B 111 27.87 -4.01 -2.45
N ARG B 112 28.80 -4.74 -3.06
CA ARG B 112 28.94 -4.71 -4.51
C ARG B 112 28.37 -5.98 -5.05
N VAL B 113 27.54 -5.89 -6.08
CA VAL B 113 27.12 -7.10 -6.75
C VAL B 113 27.77 -7.10 -8.11
N VAL B 114 28.45 -8.20 -8.42
CA VAL B 114 29.16 -8.38 -9.68
C VAL B 114 28.24 -9.10 -10.67
N SER B 115 28.37 -8.82 -11.96
CA SER B 115 27.48 -9.41 -12.99
C SER B 115 27.45 -10.94 -13.04
N ASP B 116 28.45 -11.59 -12.43
CA ASP B 116 28.49 -13.05 -12.39
C ASP B 116 27.84 -13.60 -11.13
N GLY B 117 27.21 -12.72 -10.36
CA GLY B 117 26.50 -13.14 -9.14
C GLY B 117 27.33 -13.09 -7.86
N GLU B 118 28.61 -12.75 -7.96
CA GLU B 118 29.41 -12.58 -6.75
CA GLU B 118 29.46 -12.54 -6.78
C GLU B 118 28.97 -11.33 -6.01
N VAL B 119 28.92 -11.45 -4.69
CA VAL B 119 28.60 -10.33 -3.82
C VAL B 119 29.80 -10.02 -2.93
N LEU B 120 30.21 -8.75 -2.89
CA LEU B 120 31.29 -8.33 -2.00
C LEU B 120 30.77 -7.37 -0.94
N TYR B 121 31.04 -7.68 0.32
CA TYR B 121 30.60 -6.87 1.44
C TYR B 121 31.77 -6.70 2.41
N MET B 122 32.08 -5.47 2.80
CA MET B 122 33.25 -5.24 3.64
C MET B 122 32.98 -4.10 4.60
N PRO B 123 32.26 -4.40 5.69
CA PRO B 123 32.01 -3.37 6.70
C PRO B 123 33.29 -3.08 7.49
N SER B 124 33.54 -1.82 7.85
CA SER B 124 34.50 -1.53 8.91
C SER B 124 33.78 -1.65 10.26
N ILE B 125 34.31 -2.52 11.10
CA ILE B 125 33.70 -2.89 12.36
C ILE B 125 34.61 -2.61 13.54
N ARG B 126 34.07 -1.90 14.53
CA ARG B 126 34.75 -1.80 15.82
C ARG B 126 34.02 -2.69 16.80
N GLN B 127 34.76 -3.55 17.48
CA GLN B 127 34.16 -4.53 18.37
C GLN B 127 35.13 -4.98 19.47
N ARG B 128 34.57 -5.36 20.61
CA ARG B 128 35.38 -5.84 21.72
C ARG B 128 35.28 -7.35 21.84
N PHE B 129 36.39 -7.97 22.24
CA PHE B 129 36.48 -9.42 22.34
C PHE B 129 37.14 -9.88 23.63
N SER B 130 36.71 -11.06 24.08
CA SER B 130 37.36 -11.80 25.14
C SER B 130 38.31 -12.82 24.52
N CYS B 131 39.59 -12.65 24.78
CA CYS B 131 40.61 -13.51 24.22
C CYS B 131 41.91 -13.38 25.01
N ASP B 132 42.89 -14.21 24.67
CA ASP B 132 44.13 -14.26 25.42
C ASP B 132 45.03 -13.06 25.15
N VAL B 133 45.15 -12.17 26.11
CA VAL B 133 45.97 -10.98 25.94
C VAL B 133 47.38 -11.18 26.54
N SER B 134 47.57 -12.29 27.24
CA SER B 134 48.86 -12.57 27.90
C SER B 134 50.02 -12.53 26.91
N GLY B 135 51.10 -11.87 27.30
CA GLY B 135 52.29 -11.77 26.47
C GLY B 135 52.34 -10.53 25.60
N VAL B 136 51.34 -9.65 25.69
CA VAL B 136 51.27 -8.50 24.78
C VAL B 136 52.48 -7.57 24.99
N ASP B 137 52.95 -7.47 26.22
CA ASP B 137 54.12 -6.65 26.53
C ASP B 137 55.39 -7.47 26.49
N THR B 138 55.50 -8.36 25.50
CA THR B 138 56.71 -9.17 25.32
C THR B 138 57.05 -9.27 23.84
N GLU B 139 58.25 -9.78 23.57
CA GLU B 139 58.76 -9.93 22.21
C GLU B 139 57.91 -10.83 21.34
N SER B 140 57.45 -11.94 21.90
CA SER B 140 56.70 -12.92 21.13
C SER B 140 55.25 -12.44 20.94
N GLY B 141 54.78 -11.60 21.85
CA GLY B 141 53.49 -10.95 21.72
C GLY B 141 52.34 -11.79 22.24
N ALA B 142 51.13 -11.23 22.22
CA ALA B 142 49.93 -11.99 22.58
C ALA B 142 49.34 -12.64 21.32
N THR B 143 48.57 -13.70 21.51
CA THR B 143 47.79 -14.26 20.42
C THR B 143 46.32 -14.28 20.83
N CYS B 144 45.57 -13.34 20.25
CA CYS B 144 44.14 -13.21 20.49
C CYS B 144 43.35 -13.95 19.40
N ARG B 145 42.54 -14.92 19.81
CA ARG B 145 41.79 -15.73 18.85
C ARG B 145 40.32 -15.31 18.77
N ILE B 146 39.89 -14.97 17.57
CA ILE B 146 38.53 -14.53 17.30
C ILE B 146 37.87 -15.55 16.37
N LYS B 147 36.75 -16.14 16.82
CA LYS B 147 36.05 -17.14 16.02
C LYS B 147 34.78 -16.55 15.44
N ILE B 148 34.66 -16.60 14.12
CA ILE B 148 33.52 -16.06 13.41
C ILE B 148 32.82 -17.14 12.57
N GLY B 149 31.50 -17.27 12.74
CA GLY B 149 30.72 -18.17 11.91
C GLY B 149 29.26 -17.78 11.88
N SER B 150 28.46 -18.58 11.17
CA SER B 150 27.03 -18.33 11.09
C SER B 150 26.40 -18.51 12.45
N TRP B 151 25.48 -17.61 12.80
CA TRP B 151 24.83 -17.73 14.10
C TRP B 151 23.74 -18.81 14.09
N THR B 152 23.14 -19.08 12.94
CA THR B 152 22.01 -20.01 12.93
C THR B 152 22.06 -21.06 11.83
N HIS B 153 23.06 -21.01 10.96
CA HIS B 153 23.13 -21.96 9.86
C HIS B 153 24.28 -22.96 10.08
N HIS B 154 23.93 -24.24 10.18
CA HIS B 154 24.95 -25.27 10.35
C HIS B 154 25.69 -25.54 9.03
N SER B 155 26.69 -26.40 9.09
CA SER B 155 27.65 -26.58 8.01
C SER B 155 27.02 -27.07 6.69
N ARG B 156 25.88 -27.77 6.78
CA ARG B 156 25.22 -28.23 5.56
C ARG B 156 24.54 -27.06 4.81
N GLU B 157 24.38 -25.93 5.49
CA GLU B 157 23.71 -24.77 4.90
C GLU B 157 24.68 -23.64 4.52
N ILE B 158 25.59 -23.33 5.43
CA ILE B 158 26.61 -22.33 5.21
C ILE B 158 27.97 -22.88 5.60
N SER B 159 28.94 -22.76 4.69
CA SER B 159 30.32 -23.02 5.05
C SER B 159 31.06 -21.68 5.13
N VAL B 160 31.81 -21.47 6.20
CA VAL B 160 32.54 -20.22 6.37
C VAL B 160 34.03 -20.53 6.28
N ASP B 161 34.64 -20.08 5.19
CA ASP B 161 36.02 -20.44 4.89
C ASP B 161 36.91 -19.20 4.76
N PRO B 162 38.16 -19.31 5.22
CA PRO B 162 39.07 -18.17 5.09
C PRO B 162 39.59 -18.02 3.66
N THR B 163 40.07 -16.82 3.33
CA THR B 163 40.61 -16.56 2.00
C THR B 163 42.11 -16.82 1.95
N THR B 164 42.84 -16.03 2.73
CA THR B 164 44.29 -16.16 2.84
C THR B 164 44.65 -16.54 4.28
N GLU B 165 45.45 -17.59 4.42
CA GLU B 165 45.91 -18.07 5.72
C GLU B 165 46.66 -17.08 6.59
N ASN B 166 47.82 -16.62 6.12
CA ASN B 166 48.70 -15.76 6.92
C ASN B 166 49.00 -14.40 6.29
N SER B 167 49.06 -13.39 7.14
CA SER B 167 49.40 -12.03 6.71
C SER B 167 49.80 -11.21 7.94
N ASP B 168 50.38 -10.04 7.69
CA ASP B 168 50.67 -9.11 8.77
C ASP B 168 49.90 -7.80 8.53
N ASP B 169 48.95 -7.87 7.60
CA ASP B 169 48.00 -6.78 7.29
C ASP B 169 48.66 -5.43 7.06
N SER B 170 49.86 -5.42 6.48
CA SER B 170 50.66 -4.20 6.37
C SER B 170 49.98 -3.11 5.54
N GLU B 171 49.18 -3.49 4.55
CA GLU B 171 48.47 -2.49 3.76
C GLU B 171 47.31 -1.86 4.52
N TYR B 172 46.94 -2.43 5.67
CA TYR B 172 45.72 -2.03 6.37
C TYR B 172 45.96 -1.49 7.77
N PHE B 173 46.90 -2.10 8.49
CA PHE B 173 47.06 -1.75 9.90
C PHE B 173 47.64 -0.34 10.06
N SER B 174 47.04 0.43 10.97
CA SER B 174 47.46 1.80 11.19
C SER B 174 48.87 1.89 11.74
N GLN B 175 49.69 2.70 11.08
CA GLN B 175 51.06 2.91 11.55
C GLN B 175 51.09 3.71 12.85
N TYR B 176 49.95 4.30 13.23
CA TYR B 176 49.91 5.10 14.45
C TYR B 176 49.34 4.34 15.64
N SER B 177 49.08 3.05 15.47
CA SER B 177 48.65 2.25 16.62
C SER B 177 49.77 2.15 17.66
N ARG B 178 49.38 2.01 18.92
CA ARG B 178 50.36 1.68 19.96
C ARG B 178 50.89 0.27 19.81
N PHE B 179 50.21 -0.51 18.99
CA PHE B 179 50.51 -1.91 18.81
C PHE B 179 51.01 -2.19 17.40
N GLU B 180 51.62 -3.35 17.23
CA GLU B 180 52.04 -3.79 15.91
C GLU B 180 51.67 -5.24 15.74
N ILE B 181 51.35 -5.62 14.50
CA ILE B 181 50.97 -6.98 14.19
C ILE B 181 52.17 -7.80 13.75
N LEU B 182 52.34 -8.95 14.39
CA LEU B 182 53.41 -9.89 14.06
C LEU B 182 52.93 -10.86 13.00
N ASP B 183 51.70 -11.35 13.16
CA ASP B 183 51.11 -12.28 12.20
C ASP B 183 49.60 -12.36 12.42
N VAL B 184 48.85 -12.48 11.33
CA VAL B 184 47.44 -12.80 11.43
C VAL B 184 47.20 -14.12 10.70
N THR B 185 46.72 -15.11 11.44
CA THR B 185 46.46 -16.43 10.89
C THR B 185 44.94 -16.67 10.83
N GLN B 186 44.44 -17.12 9.69
CA GLN B 186 43.00 -17.39 9.60
C GLN B 186 42.75 -18.81 9.08
N LYS B 187 42.13 -19.64 9.92
CA LYS B 187 41.92 -21.07 9.65
C LYS B 187 40.49 -21.60 9.81
N LYS B 188 40.13 -22.57 8.97
CA LYS B 188 38.88 -23.31 9.12
C LYS B 188 38.85 -23.97 10.49
N ASN B 189 37.68 -23.94 11.11
CA ASN B 189 37.44 -24.57 12.39
C ASN B 189 35.99 -24.99 12.41
N SER B 190 35.65 -25.94 13.27
CA SER B 190 34.29 -26.42 13.36
C SER B 190 33.88 -26.58 14.82
N VAL B 191 32.68 -26.09 15.13
CA VAL B 191 32.16 -26.13 16.50
C VAL B 191 30.89 -26.97 16.62
N THR B 192 30.82 -27.78 17.68
CA THR B 192 29.58 -28.46 18.05
C THR B 192 29.36 -28.33 19.54
N TYR B 193 28.13 -28.60 19.97
CA TYR B 193 27.80 -28.55 21.38
C TYR B 193 27.09 -29.85 21.77
N SER B 194 27.21 -30.24 23.03
CA SER B 194 26.65 -31.53 23.46
C SER B 194 25.13 -31.48 23.41
N CYS B 195 24.56 -30.30 23.67
CA CYS B 195 23.12 -30.11 23.59
C CYS B 195 22.56 -30.38 22.19
N CYS B 196 23.35 -30.03 21.18
CA CYS B 196 22.81 -29.82 19.84
C CYS B 196 23.64 -30.53 18.76
N PRO B 197 22.95 -31.26 17.87
CA PRO B 197 23.59 -32.23 16.95
C PRO B 197 24.56 -31.61 15.94
N GLU B 198 24.08 -30.66 15.15
CA GLU B 198 24.78 -30.19 13.95
C GLU B 198 26.11 -29.51 14.23
N ALA B 199 26.99 -29.54 13.24
CA ALA B 199 28.26 -28.84 13.34
C ALA B 199 28.18 -27.47 12.66
N TYR B 200 28.94 -26.51 13.18
CA TYR B 200 28.99 -25.19 12.60
C TYR B 200 30.39 -24.92 12.11
N GLU B 201 30.51 -24.43 10.88
CA GLU B 201 31.81 -24.04 10.38
C GLU B 201 32.11 -22.62 10.76
N ASP B 202 33.34 -22.38 11.22
CA ASP B 202 33.75 -21.02 11.47
C ASP B 202 35.17 -20.81 10.95
N VAL B 203 35.58 -19.55 10.97
CA VAL B 203 36.96 -19.21 10.69
C VAL B 203 37.53 -18.72 12.02
N GLU B 204 38.67 -19.29 12.41
CA GLU B 204 39.33 -18.92 13.63
C GLU B 204 40.45 -17.96 13.26
N VAL B 205 40.31 -16.71 13.68
CA VAL B 205 41.28 -15.69 13.33
C VAL B 205 42.29 -15.52 14.47
N SER B 206 43.55 -15.84 14.19
CA SER B 206 44.61 -15.73 15.20
C SER B 206 45.41 -14.46 15.04
N LEU B 207 45.19 -13.50 15.94
CA LEU B 207 45.85 -12.21 15.87
C LEU B 207 47.04 -12.18 16.85
N ASN B 208 48.25 -12.26 16.30
CA ASN B 208 49.47 -12.22 17.11
C ASN B 208 50.03 -10.82 17.01
N PHE B 209 50.07 -10.13 18.15
CA PHE B 209 50.42 -8.72 18.19
C PHE B 209 51.17 -8.41 19.48
N ARG B 210 51.88 -7.29 19.50
CA ARG B 210 52.56 -6.87 20.72
C ARG B 210 52.57 -5.34 20.82
N LYS B 211 52.75 -4.85 22.04
CA LYS B 211 53.03 -3.43 22.26
C LYS B 211 54.23 -2.99 21.43
N LYS B 212 54.10 -1.83 20.79
CA LYS B 212 55.15 -1.31 19.94
C LYS B 212 56.14 -0.46 20.74
N GLY B 213 57.42 -0.52 20.38
CA GLY B 213 58.46 0.26 21.03
C GLY B 213 58.44 0.20 22.55
N ARG B 214 58.24 -1.01 23.08
CA ARG B 214 58.16 -1.17 24.52
C ARG B 214 59.56 -1.05 25.13
N SER B 215 59.64 -0.41 26.29
CA SER B 215 60.92 -0.33 26.97
C SER B 215 61.14 -1.66 27.69
N GLU B 216 62.29 -2.28 27.41
CA GLU B 216 62.61 -3.61 27.94
C GLU B 216 63.63 -3.53 29.07
N ILE B 217 63.74 -4.60 29.85
CA ILE B 217 64.90 -4.79 30.72
C ILE B 217 65.81 -5.80 30.05
N LEU B 218 66.98 -5.36 29.60
CA LEU B 218 67.86 -6.22 28.80
C LEU B 218 68.88 -6.93 29.69
N ASP C 1 13.42 -33.75 5.39
CA ASP C 1 14.60 -34.60 5.52
C ASP C 1 15.83 -33.81 5.08
N TYR C 2 17.01 -34.23 5.53
CA TYR C 2 18.17 -33.37 5.41
C TYR C 2 18.80 -33.34 4.00
N LYS C 3 18.39 -34.26 3.14
CA LYS C 3 18.86 -34.24 1.74
C LYS C 3 18.17 -33.10 0.96
N ASP C 4 17.02 -32.64 1.47
CA ASP C 4 16.27 -31.55 0.84
C ASP C 4 16.53 -30.20 1.51
N ASP C 5 17.40 -30.18 2.52
CA ASP C 5 17.66 -28.98 3.31
C ASP C 5 18.10 -27.76 2.48
N ASP C 6 18.85 -28.01 1.40
CA ASP C 6 19.41 -26.92 0.60
C ASP C 6 18.59 -26.61 -0.66
N ASP C 7 17.38 -27.15 -0.76
CA ASP C 7 16.47 -26.76 -1.82
C ASP C 7 15.98 -25.34 -1.56
N LYS C 8 16.52 -24.36 -2.28
CA LYS C 8 16.26 -22.96 -1.92
C LYS C 8 14.79 -22.57 -2.12
N LEU C 9 14.15 -23.05 -3.19
CA LEU C 9 12.76 -22.72 -3.42
C LEU C 9 11.88 -23.27 -2.31
N ASP C 10 12.25 -24.44 -1.80
CA ASP C 10 11.53 -25.04 -0.69
C ASP C 10 11.66 -24.15 0.54
N ARG C 11 12.88 -23.64 0.77
CA ARG C 11 13.11 -22.78 1.94
C ARG C 11 12.28 -21.50 1.80
N ALA C 12 12.28 -20.91 0.60
CA ALA C 12 11.49 -19.72 0.34
C ALA C 12 10.01 -19.99 0.62
N ASP C 13 9.51 -21.15 0.20
CA ASP C 13 8.11 -21.48 0.42
C ASP C 13 7.78 -21.72 1.90
N ILE C 14 8.67 -22.38 2.63
CA ILE C 14 8.45 -22.54 4.07
C ILE C 14 8.37 -21.17 4.74
N LEU C 15 9.28 -20.26 4.37
CA LEU C 15 9.28 -18.92 4.94
C LEU C 15 7.97 -18.20 4.65
N TYR C 16 7.50 -18.33 3.40
CA TYR C 16 6.21 -17.79 3.01
C TYR C 16 5.08 -18.39 3.87
N ASN C 17 5.11 -19.71 4.04
CA ASN C 17 4.07 -20.38 4.83
C ASN C 17 4.07 -19.90 6.29
N ILE C 18 5.27 -19.82 6.85
CA ILE C 18 5.42 -19.34 8.22
C ILE C 18 4.86 -17.92 8.35
N ARG C 19 5.21 -17.05 7.41
CA ARG C 19 4.73 -15.68 7.49
C ARG C 19 3.22 -15.54 7.26
N GLN C 20 2.63 -16.43 6.47
CA GLN C 20 1.19 -16.39 6.31
C GLN C 20 0.47 -16.86 7.59
N THR C 21 1.03 -17.85 8.26
CA THR C 21 0.39 -18.44 9.45
C THR C 21 0.72 -17.69 10.75
N SER C 22 1.96 -17.22 10.85
CA SER C 22 2.45 -16.56 12.08
C SER C 22 1.59 -15.40 12.56
N ARG C 23 1.28 -15.42 13.85
CA ARG C 23 0.68 -14.26 14.50
C ARG C 23 1.66 -13.70 15.51
N PRO C 24 2.51 -12.74 15.11
CA PRO C 24 3.62 -12.30 15.97
C PRO C 24 3.21 -11.69 17.30
N ASP C 25 1.98 -11.17 17.41
CA ASP C 25 1.57 -10.49 18.62
C ASP C 25 0.61 -11.31 19.49
N VAL C 26 0.34 -12.55 19.08
CA VAL C 26 -0.60 -13.40 19.79
C VAL C 26 0.12 -14.61 20.38
N ILE C 27 -0.07 -14.88 21.68
CA ILE C 27 0.59 -16.04 22.29
C ILE C 27 0.07 -17.30 21.60
N PRO C 28 0.99 -18.21 21.24
CA PRO C 28 0.63 -19.45 20.53
C PRO C 28 0.09 -20.52 21.48
N THR C 29 -0.99 -20.22 22.19
CA THR C 29 -1.58 -21.20 23.11
C THR C 29 -2.19 -22.34 22.32
N GLN C 30 -1.77 -23.55 22.65
CA GLN C 30 -2.32 -24.76 22.05
C GLN C 30 -3.21 -25.46 23.06
N ARG C 31 -4.31 -26.03 22.57
CA ARG C 31 -5.38 -26.48 23.45
C ARG C 31 -5.80 -25.24 24.23
N ASP C 32 -6.02 -25.40 25.53
CA ASP C 32 -6.11 -24.24 26.40
C ASP C 32 -5.08 -24.36 27.52
N ARG C 33 -3.84 -24.64 27.13
CA ARG C 33 -2.72 -24.66 28.08
C ARG C 33 -1.83 -23.44 27.89
N PRO C 34 -1.11 -23.04 28.95
CA PRO C 34 -0.15 -21.95 28.77
C PRO C 34 0.89 -22.33 27.73
N VAL C 35 1.49 -21.34 27.08
CA VAL C 35 2.67 -21.60 26.26
C VAL C 35 3.80 -22.01 27.18
N ALA C 36 4.38 -23.17 26.92
CA ALA C 36 5.52 -23.67 27.69
C ALA C 36 6.81 -23.19 27.05
N VAL C 37 7.44 -22.24 27.71
CA VAL C 37 8.71 -21.67 27.26
C VAL C 37 9.88 -22.26 28.07
N SER C 38 10.79 -22.91 27.37
CA SER C 38 12.00 -23.40 28.03
C SER C 38 13.13 -22.42 27.83
N VAL C 39 13.79 -22.08 28.93
CA VAL C 39 14.86 -21.08 28.93
C VAL C 39 16.06 -21.61 29.69
N SER C 40 17.26 -21.42 29.16
CA SER C 40 18.47 -21.81 29.85
C SER C 40 19.59 -20.84 29.51
N LEU C 41 20.13 -20.15 30.51
CA LEU C 41 21.21 -19.21 30.25
C LEU C 41 22.57 -19.90 30.29
N LYS C 42 23.33 -19.73 29.21
CA LYS C 42 24.71 -20.17 29.20
C LYS C 42 25.63 -18.94 29.27
N PHE C 43 26.33 -18.80 30.38
CA PHE C 43 27.19 -17.63 30.56
C PHE C 43 28.46 -17.76 29.75
N ILE C 44 28.84 -16.68 29.09
CA ILE C 44 30.00 -16.70 28.20
C ILE C 44 31.16 -15.91 28.82
N ASN C 45 30.81 -14.75 29.39
CA ASN C 45 31.81 -13.86 29.96
C ASN C 45 31.23 -13.07 31.13
N ILE C 46 32.08 -12.84 32.12
CA ILE C 46 31.73 -11.92 33.20
C ILE C 46 32.67 -10.75 33.05
N LEU C 47 32.13 -9.60 32.65
CA LEU C 47 32.94 -8.47 32.19
C LEU C 47 33.37 -7.56 33.32
N GLU C 48 32.45 -7.33 34.24
CA GLU C 48 32.69 -6.41 35.33
C GLU C 48 31.92 -6.86 36.54
N VAL C 49 32.58 -6.80 37.68
CA VAL C 49 31.95 -7.08 38.96
C VAL C 49 32.29 -5.92 39.87
N ASN C 50 31.26 -5.18 40.26
CA ASN C 50 31.43 -3.98 41.07
C ASN C 50 30.99 -4.28 42.49
N GLU C 51 31.98 -4.51 43.36
CA GLU C 51 31.76 -4.82 44.77
C GLU C 51 31.20 -3.63 45.57
N ILE C 52 31.44 -2.43 45.08
CA ILE C 52 30.92 -1.23 45.73
C ILE C 52 29.40 -1.15 45.54
N THR C 53 28.94 -1.41 44.32
CA THR C 53 27.54 -1.20 43.98
C THR C 53 26.71 -2.49 43.87
N ASN C 54 27.34 -3.64 44.06
CA ASN C 54 26.68 -4.93 43.88
C ASN C 54 26.08 -5.03 42.47
N GLU C 55 26.94 -4.93 41.47
CA GLU C 55 26.49 -5.01 40.09
C GLU C 55 27.42 -5.93 39.30
N VAL C 56 26.86 -6.63 38.34
CA VAL C 56 27.67 -7.42 37.42
C VAL C 56 27.30 -7.08 35.99
N ASP C 57 28.28 -7.19 35.11
CA ASP C 57 28.09 -6.96 33.68
C ASP C 57 28.49 -8.26 33.01
N VAL C 58 27.54 -8.92 32.35
CA VAL C 58 27.78 -10.27 31.84
C VAL C 58 27.30 -10.46 30.40
N VAL C 59 27.86 -11.48 29.75
CA VAL C 59 27.39 -11.91 28.44
C VAL C 59 26.92 -13.36 28.58
N PHE C 60 25.73 -13.65 28.07
CA PHE C 60 25.19 -15.00 28.13
C PHE C 60 24.38 -15.30 26.86
N TRP C 61 24.37 -16.57 26.47
CA TRP C 61 23.47 -17.01 25.41
C TRP C 61 22.17 -17.46 26.07
N GLN C 62 21.08 -16.79 25.73
CA GLN C 62 19.77 -17.13 26.28
C GLN C 62 19.11 -18.17 25.38
N GLN C 63 19.41 -19.44 25.66
CA GLN C 63 18.81 -20.56 24.98
C GLN C 63 17.32 -20.62 25.25
N THR C 64 16.51 -20.40 24.23
CA THR C 64 15.06 -20.31 24.40
C THR C 64 14.35 -21.17 23.38
N THR C 65 13.34 -21.93 23.82
CA THR C 65 12.53 -22.68 22.88
CA THR C 65 12.54 -22.77 22.93
C THR C 65 11.08 -22.80 23.34
N TRP C 66 10.18 -22.94 22.36
CA TRP C 66 8.76 -23.12 22.61
C TRP C 66 8.21 -23.70 21.32
N SER C 67 6.95 -24.08 21.32
CA SER C 67 6.38 -24.63 20.11
CA SER C 67 6.38 -24.63 20.10
C SER C 67 5.17 -23.83 19.64
N ASP C 68 5.04 -23.74 18.32
CA ASP C 68 3.82 -23.25 17.71
C ASP C 68 3.47 -24.26 16.64
N ARG C 69 2.61 -25.22 16.97
CA ARG C 69 2.28 -26.31 16.05
C ARG C 69 1.64 -25.82 14.74
N THR C 70 1.08 -24.61 14.74
CA THR C 70 0.46 -24.09 13.52
C THR C 70 1.50 -23.75 12.47
N LEU C 71 2.77 -23.68 12.88
CA LEU C 71 3.88 -23.42 11.96
C LEU C 71 4.42 -24.69 11.32
N ALA C 72 4.00 -25.84 11.86
CA ALA C 72 4.56 -27.12 11.43
C ALA C 72 4.26 -27.43 9.97
N TRP C 73 5.18 -28.11 9.31
CA TRP C 73 4.92 -28.56 7.95
C TRP C 73 5.43 -29.98 7.74
N ASN C 74 4.98 -30.58 6.67
CA ASN C 74 5.45 -31.90 6.28
C ASN C 74 6.83 -31.81 5.63
N SER C 75 7.85 -32.39 6.24
CA SER C 75 9.21 -32.25 5.71
C SER C 75 9.79 -33.57 5.19
N SER C 76 8.91 -34.48 4.77
CA SER C 76 9.31 -35.70 4.07
C SER C 76 10.25 -35.44 2.91
N HIS C 77 9.96 -34.41 2.13
CA HIS C 77 10.81 -34.08 1.00
C HIS C 77 11.09 -32.57 0.94
N SER C 78 11.29 -31.98 2.11
CA SER C 78 11.54 -30.56 2.20
C SER C 78 12.47 -30.30 3.41
N PRO C 79 13.07 -29.10 3.48
CA PRO C 79 13.96 -28.80 4.62
C PRO C 79 13.32 -29.06 5.98
N ASP C 80 14.12 -29.51 6.93
CA ASP C 80 13.64 -29.78 8.29
C ASP C 80 13.51 -28.51 9.13
N GLN C 81 14.28 -27.49 8.74
CA GLN C 81 14.42 -26.26 9.52
C GLN C 81 14.77 -25.10 8.61
N VAL C 82 14.33 -23.90 8.98
CA VAL C 82 14.81 -22.69 8.33
C VAL C 82 15.12 -21.61 9.37
N SER C 83 15.91 -20.63 8.98
CA SER C 83 16.11 -19.47 9.81
C SER C 83 15.07 -18.41 9.44
N VAL C 84 14.57 -17.72 10.47
CA VAL C 84 13.48 -16.78 10.31
C VAL C 84 13.78 -15.52 11.14
N PRO C 85 13.60 -14.32 10.55
CA PRO C 85 13.75 -13.09 11.34
C PRO C 85 12.73 -13.08 12.50
N ILE C 86 13.14 -12.75 13.72
CA ILE C 86 12.19 -12.86 14.85
C ILE C 86 11.06 -11.85 14.71
N SER C 87 11.25 -10.82 13.89
CA SER C 87 10.14 -9.91 13.57
C SER C 87 8.95 -10.63 12.90
N SER C 88 9.21 -11.80 12.32
CA SER C 88 8.12 -12.56 11.68
C SER C 88 7.40 -13.50 12.65
N LEU C 89 7.93 -13.61 13.86
CA LEU C 89 7.45 -14.61 14.82
C LEU C 89 6.96 -13.99 16.12
N TRP C 90 6.03 -14.67 16.78
CA TRP C 90 5.82 -14.38 18.18
C TRP C 90 7.04 -14.88 18.94
N VAL C 91 7.52 -14.04 19.86
CA VAL C 91 8.58 -14.43 20.80
C VAL C 91 8.12 -14.03 22.22
N PRO C 92 8.46 -14.84 23.23
CA PRO C 92 8.01 -14.53 24.60
C PRO C 92 8.60 -13.21 25.11
N ASP C 93 7.80 -12.46 25.86
CA ASP C 93 8.24 -11.15 26.37
C ASP C 93 9.04 -11.30 27.66
N LEU C 94 10.12 -12.06 27.58
CA LEU C 94 10.99 -12.26 28.71
C LEU C 94 11.71 -10.98 29.13
N ALA C 95 11.87 -10.86 30.44
CA ALA C 95 12.61 -9.76 31.03
C ALA C 95 13.31 -10.24 32.29
N ALA C 96 14.46 -9.65 32.60
CA ALA C 96 15.11 -9.89 33.89
C ALA C 96 14.62 -8.87 34.92
N TYR C 97 14.08 -9.36 36.03
CA TYR C 97 13.45 -8.48 37.01
C TYR C 97 14.49 -7.66 37.77
N ASN C 98 15.73 -8.11 37.77
CA ASN C 98 16.78 -7.33 38.43
C ASN C 98 17.83 -6.79 37.47
N ALA C 99 17.48 -6.67 36.18
CA ALA C 99 18.37 -5.99 35.23
C ALA C 99 18.42 -4.48 35.53
N ILE C 100 19.57 -3.86 35.29
CA ILE C 100 19.69 -2.41 35.48
C ILE C 100 20.24 -1.74 34.21
N SER C 101 20.31 -2.50 33.13
CA SER C 101 20.63 -1.95 31.81
C SER C 101 19.76 -2.69 30.79
N LYS C 102 19.66 -2.17 29.58
CA LYS C 102 18.89 -2.85 28.53
C LYS C 102 19.60 -4.11 28.07
N PRO C 103 18.84 -5.15 27.71
CA PRO C 103 19.54 -6.30 27.14
C PRO C 103 20.11 -5.96 25.77
N GLU C 104 21.42 -5.93 25.65
CA GLU C 104 22.07 -5.64 24.38
C GLU C 104 22.26 -6.92 23.60
N VAL C 105 21.57 -7.06 22.47
CA VAL C 105 21.70 -8.27 21.68
C VAL C 105 22.89 -8.13 20.74
N LEU C 106 23.83 -9.07 20.86
CA LEU C 106 25.08 -9.01 20.13
C LEU C 106 25.05 -9.77 18.81
N THR C 107 23.96 -10.51 18.59
CA THR C 107 23.89 -11.48 17.49
C THR C 107 22.74 -11.21 16.51
N PRO C 108 22.84 -11.77 15.29
CA PRO C 108 21.72 -11.69 14.34
C PRO C 108 20.40 -12.13 14.97
N GLN C 109 19.38 -11.30 14.81
CA GLN C 109 18.09 -11.55 15.42
C GLN C 109 17.25 -12.52 14.57
N LEU C 110 17.75 -13.77 14.49
CA LEU C 110 17.11 -14.84 13.75
C LEU C 110 16.77 -15.98 14.70
N ALA C 111 15.70 -16.70 14.39
CA ALA C 111 15.36 -17.90 15.13
C ALA C 111 15.38 -19.07 14.16
N ARG C 112 15.41 -20.29 14.70
CA ARG C 112 15.22 -21.47 13.88
C ARG C 112 13.79 -21.98 14.06
N VAL C 113 13.11 -22.25 12.96
CA VAL C 113 11.80 -22.90 13.06
C VAL C 113 11.93 -24.31 12.52
N VAL C 114 11.58 -25.29 13.35
CA VAL C 114 11.67 -26.70 12.98
C VAL C 114 10.34 -27.15 12.38
N SER C 115 10.35 -28.14 11.47
CA SER C 115 9.12 -28.55 10.79
C SER C 115 8.05 -29.12 11.70
N ASP C 116 8.40 -29.45 12.94
CA ASP C 116 7.38 -29.91 13.88
C ASP C 116 6.79 -28.74 14.68
N GLY C 117 7.17 -27.51 14.34
CA GLY C 117 6.58 -26.36 14.99
C GLY C 117 7.44 -25.80 16.12
N GLU C 118 8.53 -26.48 16.44
CA GLU C 118 9.42 -25.96 17.49
C GLU C 118 10.14 -24.71 17.00
N VAL C 119 10.24 -23.71 17.87
CA VAL C 119 11.01 -22.50 17.58
C VAL C 119 12.21 -22.42 18.54
N LEU C 120 13.40 -22.22 17.98
CA LEU C 120 14.60 -22.04 18.81
C LEU C 120 15.17 -20.65 18.60
N TYR C 121 15.42 -19.95 19.70
CA TYR C 121 15.91 -18.59 19.68
C TYR C 121 17.02 -18.46 20.73
N MET C 122 18.19 -18.00 20.32
CA MET C 122 19.32 -17.94 21.26
C MET C 122 20.15 -16.69 20.99
N PRO C 123 19.70 -15.56 21.53
CA PRO C 123 20.49 -14.33 21.41
C PRO C 123 21.67 -14.36 22.36
N SER C 124 22.79 -13.82 21.93
CA SER C 124 23.85 -13.47 22.85
C SER C 124 23.53 -12.08 23.39
N ILE C 125 23.44 -11.99 24.71
CA ILE C 125 23.00 -10.77 25.36
C ILE C 125 24.04 -10.26 26.36
N ARG C 126 24.35 -8.98 26.26
CA ARG C 126 25.13 -8.28 27.28
CA ARG C 126 25.12 -8.32 27.30
C ARG C 126 24.17 -7.48 28.14
N GLN C 127 24.25 -7.65 29.46
CA GLN C 127 23.34 -6.95 30.34
C GLN C 127 23.91 -6.82 31.74
N ARG C 128 23.48 -5.78 32.45
CA ARG C 128 23.95 -5.53 33.80
C ARG C 128 22.87 -5.87 34.79
N PHE C 129 23.25 -6.37 35.95
CA PHE C 129 22.29 -6.82 36.95
C PHE C 129 22.69 -6.33 38.31
N SER C 130 21.69 -6.05 39.14
CA SER C 130 21.90 -5.86 40.55
C SER C 130 21.77 -7.20 41.28
N CYS C 131 22.84 -7.62 41.94
CA CYS C 131 22.80 -8.90 42.64
C CYS C 131 23.91 -8.98 43.67
N ASP C 132 23.89 -10.03 44.48
CA ASP C 132 24.85 -10.18 45.57
C ASP C 132 26.23 -10.59 45.05
N VAL C 133 27.15 -9.63 45.08
CA VAL C 133 28.52 -9.82 44.62
C VAL C 133 29.46 -10.24 45.78
N SER C 134 28.96 -10.17 47.00
CA SER C 134 29.76 -10.54 48.17
C SER C 134 30.29 -11.96 48.03
N GLY C 135 31.56 -12.15 48.38
CA GLY C 135 32.15 -13.48 48.34
C GLY C 135 32.94 -13.75 47.08
N VAL C 136 32.94 -12.81 46.12
CA VAL C 136 33.53 -13.07 44.80
C VAL C 136 35.02 -13.38 44.90
N ASP C 137 35.69 -12.83 45.91
CA ASP C 137 37.12 -13.05 46.07
C ASP C 137 37.43 -14.17 47.06
N THR C 138 36.50 -15.10 47.24
CA THR C 138 36.70 -16.22 48.17
C THR C 138 36.53 -17.57 47.47
N GLU C 139 37.03 -18.63 48.10
CA GLU C 139 36.92 -19.99 47.59
C GLU C 139 35.46 -20.39 47.26
N SER C 140 34.54 -19.97 48.13
CA SER C 140 33.12 -20.26 47.96
C SER C 140 32.49 -19.47 46.82
N GLY C 141 33.02 -18.29 46.57
CA GLY C 141 32.58 -17.45 45.47
C GLY C 141 31.34 -16.63 45.80
N ALA C 142 30.94 -15.79 44.85
CA ALA C 142 29.69 -15.05 44.94
C ALA C 142 28.58 -15.89 44.31
N THR C 143 27.34 -15.68 44.75
CA THR C 143 26.22 -16.27 44.05
C THR C 143 25.30 -15.14 43.61
N CYS C 144 25.32 -14.84 42.32
CA CYS C 144 24.53 -13.77 41.71
C CYS C 144 23.22 -14.33 41.16
N ARG C 145 22.08 -13.86 41.66
CA ARG C 145 20.82 -14.43 41.24
C ARG C 145 20.07 -13.50 40.29
N ILE C 146 19.65 -14.05 39.17
CA ILE C 146 18.96 -13.34 38.11
C ILE C 146 17.62 -14.02 37.89
N LYS C 147 16.53 -13.27 38.03
CA LYS C 147 15.18 -13.80 37.80
C LYS C 147 14.64 -13.38 36.45
N ILE C 148 14.25 -14.37 35.65
CA ILE C 148 13.77 -14.10 34.30
C ILE C 148 12.39 -14.69 34.04
N GLY C 149 11.44 -13.85 33.64
CA GLY C 149 10.10 -14.30 33.35
C GLY C 149 9.40 -13.39 32.35
N SER C 150 8.15 -13.73 32.06
CA SER C 150 7.36 -12.96 31.10
C SER C 150 7.04 -11.65 31.76
N TRP C 151 7.06 -10.57 30.98
CA TRP C 151 6.79 -9.27 31.59
C TRP C 151 5.29 -9.01 31.78
N THR C 152 4.46 -9.61 30.92
CA THR C 152 3.04 -9.29 30.94
C THR C 152 2.11 -10.50 30.94
N HIS C 153 2.64 -11.71 30.84
CA HIS C 153 1.79 -12.91 30.78
C HIS C 153 1.92 -13.73 32.06
N HIS C 154 0.81 -13.93 32.75
CA HIS C 154 0.84 -14.71 33.98
C HIS C 154 0.92 -16.21 33.65
N SER C 155 1.00 -17.02 34.70
CA SER C 155 1.29 -18.44 34.60
C SER C 155 0.23 -19.23 33.81
N ARG C 156 -1.00 -18.72 33.71
CA ARG C 156 -1.98 -19.44 32.92
C ARG C 156 -1.80 -19.19 31.40
N GLU C 157 -1.03 -18.18 31.03
CA GLU C 157 -0.75 -17.87 29.62
C GLU C 157 0.64 -18.35 29.17
N ILE C 158 1.62 -18.21 30.04
CA ILE C 158 2.97 -18.63 29.72
C ILE C 158 3.59 -19.27 30.96
N SER C 159 4.12 -20.48 30.80
CA SER C 159 4.97 -21.06 31.83
C SER C 159 6.41 -20.99 31.37
N VAL C 160 7.30 -20.64 32.29
CA VAL C 160 8.72 -20.51 31.99
C VAL C 160 9.48 -21.57 32.78
N ASP C 161 10.17 -22.44 32.06
CA ASP C 161 10.78 -23.61 32.66
C ASP C 161 12.25 -23.73 32.30
N PRO C 162 13.11 -23.98 33.30
CA PRO C 162 14.53 -24.20 33.03
C PRO C 162 14.72 -25.54 32.33
N THR C 163 15.78 -25.67 31.54
CA THR C 163 16.10 -26.97 30.94
C THR C 163 17.02 -27.74 31.89
N THR C 164 18.30 -27.41 31.82
CA THR C 164 19.32 -28.02 32.67
C THR C 164 19.32 -27.33 34.04
N GLU C 165 19.18 -28.11 35.09
CA GLU C 165 19.11 -27.55 36.43
C GLU C 165 20.50 -27.16 36.97
N ASN C 166 21.51 -27.98 36.69
CA ASN C 166 22.87 -27.71 37.13
C ASN C 166 23.91 -27.86 36.03
N SER C 167 24.93 -27.00 36.06
CA SER C 167 26.01 -27.00 35.06
C SER C 167 27.13 -26.04 35.47
N ASP C 168 28.31 -26.26 34.93
CA ASP C 168 29.42 -25.33 35.14
C ASP C 168 29.76 -24.57 33.86
N ASP C 169 28.91 -24.75 32.83
CA ASP C 169 29.01 -24.04 31.54
C ASP C 169 30.38 -24.18 30.89
N SER C 170 31.03 -25.33 31.05
CA SER C 170 32.41 -25.49 30.62
C SER C 170 32.54 -25.39 29.10
N GLU C 171 31.48 -25.76 28.37
CA GLU C 171 31.47 -25.64 26.91
C GLU C 171 31.34 -24.20 26.44
N TYR C 172 30.86 -23.33 27.33
CA TYR C 172 30.45 -21.99 26.95
C TYR C 172 31.30 -20.88 27.57
N PHE C 173 31.63 -21.02 28.85
CA PHE C 173 32.30 -19.93 29.55
C PHE C 173 33.75 -19.78 29.09
N SER C 174 34.14 -18.54 28.82
CA SER C 174 35.48 -18.25 28.32
C SER C 174 36.57 -18.67 29.31
N GLN C 175 37.54 -19.44 28.81
CA GLN C 175 38.71 -19.83 29.62
C GLN C 175 39.58 -18.62 29.96
N TYR C 176 39.33 -17.50 29.27
CA TYR C 176 40.19 -16.32 29.40
C TYR C 176 39.63 -15.30 30.36
N SER C 177 38.45 -15.59 30.87
CA SER C 177 37.85 -14.72 31.87
C SER C 177 38.74 -14.64 33.11
N ARG C 178 38.72 -13.51 33.79
CA ARG C 178 39.45 -13.43 35.05
C ARG C 178 38.59 -14.09 36.14
N PHE C 179 37.37 -14.47 35.76
CA PHE C 179 36.50 -15.22 36.66
C PHE C 179 36.38 -16.68 36.25
N GLU C 180 35.88 -17.49 37.17
CA GLU C 180 35.55 -18.86 36.85
C GLU C 180 34.22 -19.23 37.50
N ILE C 181 33.46 -20.04 36.78
CA ILE C 181 32.15 -20.45 37.23
C ILE C 181 32.26 -21.73 38.04
N LEU C 182 31.68 -21.71 39.24
CA LEU C 182 31.63 -22.92 40.07
C LEU C 182 30.39 -23.72 39.73
N ASP C 183 29.26 -23.03 39.60
CA ASP C 183 28.00 -23.70 39.35
C ASP C 183 26.93 -22.73 38.83
N VAL C 184 26.17 -23.19 37.85
CA VAL C 184 24.98 -22.46 37.41
C VAL C 184 23.75 -23.33 37.67
N THR C 185 22.90 -22.87 38.56
CA THR C 185 21.65 -23.57 38.84
C THR C 185 20.48 -22.73 38.37
N GLN C 186 19.51 -23.38 37.73
CA GLN C 186 18.37 -22.66 37.16
C GLN C 186 17.09 -23.33 37.60
N LYS C 187 16.29 -22.63 38.40
CA LYS C 187 15.10 -23.23 38.97
C LYS C 187 13.82 -22.44 38.73
N LYS C 188 12.71 -23.16 38.68
CA LYS C 188 11.42 -22.52 38.56
C LYS C 188 11.09 -21.78 39.84
N ASN C 189 10.38 -20.69 39.69
CA ASN C 189 10.02 -19.90 40.84
C ASN C 189 8.79 -19.12 40.43
N SER C 190 8.04 -18.64 41.41
CA SER C 190 6.80 -17.94 41.13
C SER C 190 6.82 -16.60 41.85
N VAL C 191 6.37 -15.57 41.16
CA VAL C 191 6.36 -14.24 41.71
C VAL C 191 4.94 -13.68 41.76
N THR C 192 4.59 -13.11 42.91
CA THR C 192 3.35 -12.33 43.08
C THR C 192 3.67 -11.05 43.83
N TYR C 193 2.78 -10.07 43.72
CA TYR C 193 2.92 -8.81 44.46
C TYR C 193 1.59 -8.54 45.17
N SER C 194 1.63 -7.75 46.26
CA SER C 194 0.41 -7.55 47.05
C SER C 194 -0.68 -6.88 46.21
N CYS C 195 -0.27 -6.13 45.19
CA CYS C 195 -1.22 -5.48 44.29
C CYS C 195 -1.84 -6.46 43.31
N CYS C 196 -1.13 -7.54 43.03
CA CYS C 196 -1.46 -8.39 41.89
C CYS C 196 -1.16 -9.87 42.22
N PRO C 197 -2.21 -10.61 42.62
CA PRO C 197 -2.18 -12.00 43.10
C PRO C 197 -1.92 -13.06 42.02
N GLU C 198 -2.06 -12.70 40.75
CA GLU C 198 -1.81 -13.67 39.69
C GLU C 198 -0.33 -14.03 39.65
N ALA C 199 -0.03 -15.32 39.66
CA ALA C 199 1.34 -15.78 39.67
C ALA C 199 2.00 -15.57 38.32
N TYR C 200 3.25 -15.12 38.36
CA TYR C 200 4.11 -15.07 37.19
C TYR C 200 5.21 -16.11 37.37
N GLU C 201 5.39 -16.97 36.38
CA GLU C 201 6.47 -17.95 36.46
C GLU C 201 7.80 -17.29 36.07
N ASP C 202 8.87 -17.68 36.75
CA ASP C 202 10.19 -17.26 36.30
C ASP C 202 11.19 -18.37 36.53
N VAL C 203 12.34 -18.24 35.88
CA VAL C 203 13.49 -19.07 36.15
C VAL C 203 14.44 -18.26 37.03
N GLU C 204 14.83 -18.82 38.16
CA GLU C 204 15.82 -18.16 38.98
C GLU C 204 17.18 -18.74 38.59
N VAL C 205 18.03 -17.89 38.02
CA VAL C 205 19.35 -18.34 37.62
C VAL C 205 20.34 -17.96 38.71
N SER C 206 20.94 -18.96 39.36
CA SER C 206 21.93 -18.68 40.40
C SER C 206 23.34 -18.89 39.84
N LEU C 207 24.05 -17.78 39.65
CA LEU C 207 25.41 -17.83 39.14
C LEU C 207 26.41 -17.80 40.29
N ASN C 208 27.03 -18.95 40.55
CA ASN C 208 28.06 -19.13 41.57
C ASN C 208 29.42 -19.06 40.87
N PHE C 209 30.17 -18.01 41.13
CA PHE C 209 31.41 -17.76 40.41
C PHE C 209 32.42 -17.09 41.35
N ARG C 210 33.70 -17.14 40.99
CA ARG C 210 34.71 -16.50 41.83
C ARG C 210 35.83 -15.93 40.97
N LYS C 211 36.54 -14.96 41.52
CA LYS C 211 37.68 -14.39 40.85
C LYS C 211 38.81 -15.41 40.87
N LYS C 212 39.58 -15.48 39.79
CA LYS C 212 40.79 -16.30 39.76
C LYS C 212 41.88 -15.58 40.55
N GLY C 213 42.85 -16.34 41.06
CA GLY C 213 43.94 -15.75 41.81
C GLY C 213 43.47 -14.88 42.97
N ARG C 214 42.65 -15.45 43.84
CA ARG C 214 42.12 -14.76 45.00
C ARG C 214 43.23 -14.40 45.99
N SER C 215 44.20 -15.29 46.14
CA SER C 215 45.34 -15.04 47.00
C SER C 215 46.38 -14.20 46.28
N GLU C 216 46.65 -13.01 46.78
CA GLU C 216 47.64 -12.15 46.16
C GLU C 216 48.56 -11.49 47.17
N ILE C 217 49.52 -10.74 46.66
CA ILE C 217 50.46 -10.03 47.49
C ILE C 217 49.94 -8.60 47.70
N LEU C 218 49.53 -8.35 48.95
CA LEU C 218 48.84 -7.14 49.43
C LEU C 218 47.35 -7.18 49.12
N ASP D 1 -13.96 -14.71 30.66
CA ASP D 1 -13.95 -16.08 31.18
C ASP D 1 -12.51 -16.56 31.30
N TYR D 2 -12.06 -16.89 32.51
CA TYR D 2 -10.65 -17.29 32.66
C TYR D 2 -10.39 -18.65 32.02
N LYS D 3 -11.39 -19.52 31.98
CA LYS D 3 -11.26 -20.82 31.31
C LYS D 3 -11.12 -20.66 29.78
N ASP D 4 -11.48 -19.47 29.28
CA ASP D 4 -11.38 -19.16 27.86
C ASP D 4 -10.14 -18.32 27.54
N ASP D 5 -9.34 -18.03 28.57
CA ASP D 5 -8.17 -17.17 28.41
C ASP D 5 -7.18 -17.67 27.35
N ASP D 6 -7.04 -18.98 27.23
CA ASP D 6 -6.06 -19.53 26.30
C ASP D 6 -6.64 -19.92 24.94
N ASP D 7 -7.81 -19.39 24.62
CA ASP D 7 -8.35 -19.56 23.27
C ASP D 7 -7.62 -18.60 22.32
N LYS D 8 -6.71 -19.15 21.50
CA LYS D 8 -5.84 -18.32 20.64
C LYS D 8 -6.62 -17.50 19.62
N LEU D 9 -7.61 -18.12 18.98
CA LEU D 9 -8.41 -17.40 17.98
C LEU D 9 -9.14 -16.25 18.64
N ASP D 10 -9.65 -16.48 19.85
CA ASP D 10 -10.33 -15.44 20.62
C ASP D 10 -9.37 -14.26 20.87
N ARG D 11 -8.14 -14.59 21.28
CA ARG D 11 -7.11 -13.57 21.53
C ARG D 11 -6.80 -12.80 20.25
N ALA D 12 -6.64 -13.51 19.12
CA ALA D 12 -6.38 -12.86 17.84
C ALA D 12 -7.50 -11.90 17.45
N ASP D 13 -8.74 -12.31 17.68
CA ASP D 13 -9.88 -11.46 17.38
C ASP D 13 -9.95 -10.24 18.29
N ILE D 14 -9.60 -10.41 19.55
CA ILE D 14 -9.62 -9.30 20.48
C ILE D 14 -8.59 -8.26 20.04
N LEU D 15 -7.40 -8.73 19.65
CA LEU D 15 -6.36 -7.83 19.18
C LEU D 15 -6.79 -7.12 17.89
N TYR D 16 -7.40 -7.87 16.97
CA TYR D 16 -8.01 -7.25 15.79
C TYR D 16 -9.01 -6.16 16.20
N ASN D 17 -9.92 -6.47 17.11
CA ASN D 17 -10.90 -5.48 17.56
C ASN D 17 -10.26 -4.23 18.18
N ILE D 18 -9.28 -4.45 19.03
CA ILE D 18 -8.56 -3.36 19.65
C ILE D 18 -7.92 -2.49 18.58
N ARG D 19 -7.28 -3.12 17.61
CA ARG D 19 -6.59 -2.36 16.59
C ARG D 19 -7.55 -1.64 15.63
N GLN D 20 -8.77 -2.14 15.47
CA GLN D 20 -9.74 -1.44 14.65
CA GLN D 20 -9.74 -1.44 14.65
CA GLN D 20 -9.74 -1.44 14.65
C GLN D 20 -10.28 -0.21 15.37
N THR D 21 -10.47 -0.32 16.68
CA THR D 21 -11.03 0.75 17.49
C THR D 21 -9.99 1.76 18.01
N SER D 22 -8.78 1.30 18.24
CA SER D 22 -7.77 2.15 18.89
C SER D 22 -7.39 3.38 18.07
N ARG D 23 -7.41 4.54 18.71
CA ARG D 23 -6.78 5.71 18.12
C ARG D 23 -5.54 6.06 18.93
N PRO D 24 -4.36 5.62 18.45
CA PRO D 24 -3.17 5.75 19.29
C PRO D 24 -2.74 7.18 19.52
N ASP D 25 -3.19 8.13 18.70
CA ASP D 25 -2.69 9.50 18.85
C ASP D 25 -3.73 10.45 19.42
N VAL D 26 -4.89 9.90 19.77
CA VAL D 26 -5.98 10.70 20.32
C VAL D 26 -6.25 10.35 21.78
N ILE D 27 -6.30 11.36 22.65
CA ILE D 27 -6.57 11.08 24.05
C ILE D 27 -7.96 10.44 24.19
N PRO D 28 -8.06 9.33 24.94
CA PRO D 28 -9.34 8.65 25.10
C PRO D 28 -10.25 9.37 26.12
N THR D 29 -10.64 10.61 25.82
CA THR D 29 -11.55 11.33 26.72
C THR D 29 -12.95 10.83 26.56
N GLN D 30 -13.55 10.43 27.68
CA GLN D 30 -14.90 9.91 27.69
C GLN D 30 -15.79 10.85 28.51
N ARG D 31 -16.99 11.11 27.98
CA ARG D 31 -17.98 11.95 28.64
C ARG D 31 -17.49 13.38 28.91
N ASP D 32 -16.70 13.93 27.98
CA ASP D 32 -16.12 15.28 28.13
C ASP D 32 -15.40 15.51 29.45
N ARG D 33 -14.69 14.49 29.90
CA ARG D 33 -13.88 14.60 31.10
C ARG D 33 -12.42 14.28 30.77
N PRO D 34 -11.49 14.80 31.58
CA PRO D 34 -10.08 14.43 31.35
C PRO D 34 -9.88 12.92 31.43
N VAL D 35 -8.86 12.44 30.75
CA VAL D 35 -8.40 11.07 30.93
C VAL D 35 -7.82 10.97 32.33
N ALA D 36 -8.40 10.08 33.14
CA ALA D 36 -7.96 9.89 34.51
C ALA D 36 -6.83 8.86 34.54
N VAL D 37 -5.60 9.35 34.54
CA VAL D 37 -4.46 8.46 34.54
C VAL D 37 -4.02 8.21 35.99
N SER D 38 -3.93 6.95 36.37
CA SER D 38 -3.32 6.60 37.64
C SER D 38 -1.88 6.19 37.39
N VAL D 39 -0.96 6.79 38.13
CA VAL D 39 0.44 6.46 37.96
C VAL D 39 1.21 6.61 39.26
N SER D 40 2.02 5.61 39.58
CA SER D 40 2.88 5.64 40.75
C SER D 40 4.20 4.93 40.43
N LEU D 41 5.27 5.34 41.09
CA LEU D 41 6.56 4.71 40.85
C LEU D 41 6.83 3.69 41.94
N LYS D 42 7.35 2.54 41.55
CA LYS D 42 7.85 1.59 42.52
C LYS D 42 9.33 1.48 42.33
N PHE D 43 10.10 1.92 43.32
CA PHE D 43 11.54 1.98 43.13
C PHE D 43 12.14 0.60 43.32
N ILE D 44 13.02 0.26 42.40
CA ILE D 44 13.68 -1.04 42.41
C ILE D 44 15.13 -0.89 42.89
N ASN D 45 15.75 0.22 42.52
CA ASN D 45 17.14 0.45 42.90
C ASN D 45 17.52 1.91 42.83
N ILE D 46 18.47 2.25 43.69
CA ILE D 46 19.18 3.51 43.61
C ILE D 46 20.62 3.16 43.29
N LEU D 47 21.07 3.48 42.08
CA LEU D 47 22.36 2.94 41.62
C LEU D 47 23.54 3.87 41.90
N GLU D 48 23.30 5.17 41.81
CA GLU D 48 24.35 6.16 42.05
C GLU D 48 23.71 7.41 42.58
N VAL D 49 24.36 8.06 43.54
CA VAL D 49 23.94 9.38 43.98
C VAL D 49 25.20 10.22 44.11
N ASN D 50 25.07 11.50 43.81
CA ASN D 50 26.17 12.44 43.89
C ASN D 50 25.69 13.63 44.70
N GLU D 51 26.21 13.76 45.92
CA GLU D 51 25.77 14.82 46.83
C GLU D 51 26.39 16.15 46.44
N ILE D 52 27.46 16.11 45.63
CA ILE D 52 28.09 17.33 45.14
C ILE D 52 27.25 17.96 44.03
N THR D 53 26.82 17.13 43.08
CA THR D 53 26.10 17.65 41.92
C THR D 53 24.57 17.57 42.08
N ASN D 54 24.12 16.98 43.18
CA ASN D 54 22.69 16.75 43.41
C ASN D 54 22.04 15.98 42.25
N GLU D 55 22.56 14.78 41.99
CA GLU D 55 22.02 13.94 40.93
C GLU D 55 21.83 12.51 41.42
N VAL D 56 20.77 11.85 40.99
CA VAL D 56 20.58 10.43 41.30
C VAL D 56 20.33 9.63 40.02
N ASP D 57 20.71 8.35 40.06
CA ASP D 57 20.52 7.39 38.97
C ASP D 57 19.70 6.24 39.57
N VAL D 58 18.46 6.07 39.13
CA VAL D 58 17.56 5.13 39.77
C VAL D 58 16.85 4.19 38.78
N VAL D 59 16.33 3.08 39.29
CA VAL D 59 15.47 2.18 38.51
C VAL D 59 14.11 2.08 39.22
N PHE D 60 13.03 2.26 38.46
CA PHE D 60 11.69 2.17 39.01
C PHE D 60 10.76 1.53 38.00
N TRP D 61 9.69 0.93 38.49
CA TRP D 61 8.60 0.47 37.65
C TRP D 61 7.54 1.57 37.64
N GLN D 62 7.19 2.04 36.47
CA GLN D 62 6.15 3.05 36.36
C GLN D 62 4.76 2.39 36.21
N GLN D 63 4.12 2.18 37.36
CA GLN D 63 2.78 1.60 37.39
C GLN D 63 1.80 2.58 36.79
N THR D 64 1.21 2.25 35.65
CA THR D 64 0.38 3.20 34.94
C THR D 64 -0.92 2.57 34.49
N THR D 65 -2.03 3.25 34.70
CA THR D 65 -3.29 2.70 34.24
C THR D 65 -4.28 3.80 33.94
N TRP D 66 -5.17 3.51 33.01
CA TRP D 66 -6.22 4.43 32.58
C TRP D 66 -7.27 3.59 31.87
N SER D 67 -8.39 4.21 31.57
CA SER D 67 -9.50 3.53 30.90
C SER D 67 -9.72 4.06 29.48
N ASP D 68 -10.04 3.15 28.58
CA ASP D 68 -10.65 3.52 27.29
C ASP D 68 -11.74 2.50 26.99
N ARG D 69 -12.98 2.86 27.33
CA ARG D 69 -14.08 1.92 27.26
C ARG D 69 -14.47 1.59 25.82
N THR D 70 -13.97 2.35 24.85
CA THR D 70 -14.24 2.00 23.47
C THR D 70 -13.50 0.70 23.13
N LEU D 71 -12.53 0.33 23.97
CA LEU D 71 -11.77 -0.91 23.77
C LEU D 71 -12.45 -2.13 24.43
N ALA D 72 -13.42 -1.86 25.29
CA ALA D 72 -14.08 -2.92 26.04
C ALA D 72 -14.69 -4.00 25.14
N TRP D 73 -14.78 -5.21 25.66
CA TRP D 73 -15.51 -6.25 24.95
C TRP D 73 -16.16 -7.15 25.97
N ASN D 74 -17.05 -7.97 25.46
CA ASN D 74 -17.79 -8.87 26.31
C ASN D 74 -16.99 -10.16 26.49
N SER D 75 -16.57 -10.45 27.72
CA SER D 75 -15.68 -11.56 27.98
C SER D 75 -16.35 -12.74 28.68
N SER D 76 -17.67 -12.83 28.58
CA SER D 76 -18.44 -13.96 29.09
C SER D 76 -17.87 -15.30 28.62
N HIS D 77 -17.55 -15.40 27.34
CA HIS D 77 -16.93 -16.63 26.83
C HIS D 77 -15.67 -16.35 26.02
N SER D 78 -14.86 -15.39 26.48
CA SER D 78 -13.62 -15.05 25.80
C SER D 78 -12.59 -14.56 26.83
N PRO D 79 -11.32 -14.41 26.42
CA PRO D 79 -10.29 -13.98 27.39
C PRO D 79 -10.63 -12.65 28.06
N ASP D 80 -10.29 -12.54 29.34
CA ASP D 80 -10.52 -11.30 30.13
C ASP D 80 -9.52 -10.20 29.83
N GLN D 81 -8.36 -10.59 29.30
CA GLN D 81 -7.21 -9.70 29.18
C GLN D 81 -6.29 -10.18 28.08
N VAL D 82 -5.69 -9.25 27.34
CA VAL D 82 -4.63 -9.61 26.41
C VAL D 82 -3.46 -8.61 26.49
N SER D 83 -2.28 -9.05 26.09
CA SER D 83 -1.14 -8.16 25.93
C SER D 83 -1.13 -7.55 24.53
N VAL D 84 -0.82 -6.26 24.46
CA VAL D 84 -0.88 -5.46 23.23
C VAL D 84 0.40 -4.62 23.13
N PRO D 85 1.07 -4.62 21.96
CA PRO D 85 2.20 -3.69 21.78
C PRO D 85 1.71 -2.26 21.99
N ILE D 86 2.46 -1.42 22.71
CA ILE D 86 1.97 -0.08 23.02
C ILE D 86 1.92 0.79 21.76
N SER D 87 2.65 0.41 20.71
CA SER D 87 2.51 1.09 19.43
C SER D 87 1.07 1.04 18.90
N SER D 88 0.28 0.07 19.35
CA SER D 88 -1.13 -0.05 18.91
C SER D 88 -2.10 0.73 19.78
N LEU D 89 -1.59 1.39 20.82
CA LEU D 89 -2.43 2.03 21.82
C LEU D 89 -2.04 3.49 22.07
N TRP D 90 -3.01 4.29 22.48
CA TRP D 90 -2.66 5.57 23.07
C TRP D 90 -2.06 5.31 24.47
N VAL D 91 -1.01 6.06 24.78
CA VAL D 91 -0.34 5.97 26.08
C VAL D 91 -0.08 7.39 26.54
N PRO D 92 -0.26 7.68 27.84
CA PRO D 92 -0.08 9.08 28.24
C PRO D 92 1.35 9.56 27.96
N ASP D 93 1.47 10.82 27.53
CA ASP D 93 2.78 11.36 27.21
C ASP D 93 3.46 11.87 28.47
N LEU D 94 3.71 10.97 29.41
CA LEU D 94 4.33 11.35 30.68
C LEU D 94 5.81 11.71 30.49
N ALA D 95 6.27 12.70 31.25
CA ALA D 95 7.68 13.02 31.30
C ALA D 95 8.06 13.47 32.70
N ALA D 96 9.32 13.32 33.05
CA ALA D 96 9.80 13.82 34.34
C ALA D 96 10.40 15.21 34.19
N TYR D 97 9.83 16.18 34.89
CA TYR D 97 10.27 17.56 34.78
C TYR D 97 11.75 17.78 35.12
N ASN D 98 12.30 16.97 36.03
CA ASN D 98 13.69 17.14 36.46
C ASN D 98 14.58 15.99 36.05
N ALA D 99 14.16 15.26 35.02
CA ALA D 99 15.03 14.27 34.40
C ALA D 99 16.22 14.93 33.73
N ILE D 100 17.39 14.29 33.81
CA ILE D 100 18.55 14.80 33.09
C ILE D 100 19.12 13.73 32.15
N SER D 101 18.36 12.67 31.95
CA SER D 101 18.69 11.69 30.92
C SER D 101 17.39 11.11 30.38
N LYS D 102 17.46 10.50 29.21
CA LYS D 102 16.33 9.78 28.64
C LYS D 102 15.89 8.67 29.58
N PRO D 103 14.57 8.43 29.63
CA PRO D 103 14.11 7.23 30.34
C PRO D 103 14.52 5.99 29.55
N GLU D 104 15.39 5.15 30.11
CA GLU D 104 15.80 3.95 29.41
C GLU D 104 14.85 2.83 29.82
N VAL D 105 14.04 2.36 28.86
CA VAL D 105 13.05 1.33 29.16
C VAL D 105 13.71 -0.03 29.04
N LEU D 106 13.62 -0.81 30.13
CA LEU D 106 14.37 -2.06 30.24
C LEU D 106 13.53 -3.30 29.93
N THR D 107 12.26 -3.08 29.61
CA THR D 107 11.29 -4.16 29.53
C THR D 107 10.55 -4.15 28.21
N PRO D 108 9.99 -5.31 27.82
CA PRO D 108 9.17 -5.34 26.60
C PRO D 108 8.08 -4.29 26.63
N GLN D 109 7.91 -3.57 25.53
CA GLN D 109 6.94 -2.49 25.48
C GLN D 109 5.55 -3.00 25.12
N LEU D 110 4.98 -3.78 26.04
CA LEU D 110 3.63 -4.27 25.95
C LEU D 110 2.80 -3.70 27.09
N ALA D 111 1.50 -3.54 26.83
CA ALA D 111 0.51 -3.18 27.83
C ALA D 111 -0.48 -4.32 27.93
N ARG D 112 -1.21 -4.40 29.03
CA ARG D 112 -2.35 -5.30 29.14
C ARG D 112 -3.63 -4.53 28.89
N VAL D 113 -4.52 -5.07 28.06
CA VAL D 113 -5.82 -4.46 27.90
C VAL D 113 -6.85 -5.42 28.50
N VAL D 114 -7.67 -4.90 29.39
CA VAL D 114 -8.69 -5.68 30.10
C VAL D 114 -10.03 -5.52 29.39
N SER D 115 -10.89 -6.53 29.49
CA SER D 115 -12.12 -6.53 28.69
C SER D 115 -13.07 -5.39 29.08
N ASP D 116 -12.83 -4.75 30.22
CA ASP D 116 -13.67 -3.60 30.57
C ASP D 116 -13.04 -2.30 30.04
N GLY D 117 -11.97 -2.42 29.27
CA GLY D 117 -11.36 -1.24 28.68
C GLY D 117 -10.24 -0.63 29.50
N GLU D 118 -9.92 -1.21 30.67
CA GLU D 118 -8.76 -0.73 31.43
C GLU D 118 -7.48 -1.10 30.67
N VAL D 119 -6.52 -0.18 30.67
CA VAL D 119 -5.21 -0.46 30.08
C VAL D 119 -4.19 -0.42 31.22
N LEU D 120 -3.32 -1.45 31.28
CA LEU D 120 -2.26 -1.45 32.29
C LEU D 120 -0.91 -1.42 31.58
N TYR D 121 -0.05 -0.48 31.96
CA TYR D 121 1.28 -0.32 31.35
C TYR D 121 2.29 -0.12 32.45
N MET D 122 3.35 -0.92 32.45
CA MET D 122 4.32 -0.83 33.54
C MET D 122 5.74 -1.05 33.04
N PRO D 123 6.34 -0.01 32.45
CA PRO D 123 7.74 -0.12 32.04
C PRO D 123 8.69 -0.08 33.24
N SER D 124 9.74 -0.90 33.21
CA SER D 124 10.87 -0.69 34.12
C SER D 124 11.77 0.33 33.43
N ILE D 125 12.11 1.38 34.17
CA ILE D 125 12.83 2.52 33.63
C ILE D 125 14.06 2.84 34.49
N ARG D 126 15.20 2.99 33.83
CA ARG D 126 16.37 3.57 34.47
C ARG D 126 16.52 5.00 33.99
N GLN D 127 16.68 5.93 34.93
CA GLN D 127 16.75 7.35 34.58
C GLN D 127 17.50 8.13 35.65
N ARG D 128 18.14 9.23 35.22
CA ARG D 128 18.87 10.11 36.12
C ARG D 128 18.13 11.41 36.30
N PHE D 129 18.19 11.95 37.53
CA PHE D 129 17.42 13.13 37.91
C PHE D 129 18.27 14.14 38.66
N SER D 130 17.89 15.40 38.54
CA SER D 130 18.44 16.47 39.36
C SER D 130 17.51 16.67 40.55
N CYS D 131 18.02 16.43 41.76
CA CYS D 131 17.19 16.49 42.95
C CYS D 131 18.06 16.67 44.18
N ASP D 132 17.43 17.00 45.29
CA ASP D 132 18.14 17.27 46.53
C ASP D 132 18.68 15.99 47.16
N VAL D 133 19.99 15.80 47.06
CA VAL D 133 20.67 14.65 47.67
C VAL D 133 21.25 15.00 49.05
N SER D 134 21.01 16.22 49.52
CA SER D 134 21.57 16.60 50.83
C SER D 134 21.00 15.74 51.95
N GLY D 135 21.86 15.34 52.88
CA GLY D 135 21.44 14.58 54.04
C GLY D 135 21.50 13.07 53.84
N VAL D 136 21.93 12.63 52.66
CA VAL D 136 21.93 11.21 52.32
C VAL D 136 22.71 10.34 53.35
N ASP D 137 23.75 10.91 53.98
CA ASP D 137 24.57 10.15 54.92
C ASP D 137 24.17 10.39 56.35
N THR D 138 22.96 10.90 56.53
CA THR D 138 22.45 11.19 57.86
C THR D 138 21.24 10.32 58.18
N GLU D 139 20.89 10.28 59.45
CA GLU D 139 19.72 9.56 59.93
C GLU D 139 18.45 9.98 59.20
N SER D 140 18.29 11.28 58.98
CA SER D 140 17.08 11.80 58.34
C SER D 140 17.01 11.40 56.86
N GLY D 141 18.17 11.15 56.28
CA GLY D 141 18.28 10.79 54.88
C GLY D 141 18.05 11.98 53.96
N ALA D 142 18.21 11.73 52.66
CA ALA D 142 17.91 12.74 51.65
C ALA D 142 16.46 12.64 51.23
N THR D 143 15.90 13.71 50.69
CA THR D 143 14.58 13.63 50.07
C THR D 143 14.69 14.15 48.64
N CYS D 144 14.77 13.19 47.70
CA CYS D 144 14.84 13.52 46.29
C CYS D 144 13.41 13.56 45.71
N ARG D 145 12.97 14.71 45.19
CA ARG D 145 11.63 14.79 44.62
C ARG D 145 11.71 14.71 43.10
N ILE D 146 10.89 13.83 42.54
CA ILE D 146 10.82 13.60 41.10
C ILE D 146 9.43 14.00 40.65
N LYS D 147 9.36 14.92 39.69
CA LYS D 147 8.09 15.46 39.26
C LYS D 147 7.74 14.88 37.89
N ILE D 148 6.61 14.19 37.82
CA ILE D 148 6.19 13.54 36.56
C ILE D 148 4.78 13.94 36.16
N GLY D 149 4.59 14.28 34.89
CA GLY D 149 3.26 14.55 34.37
C GLY D 149 3.22 14.60 32.85
N SER D 150 2.04 14.85 32.29
CA SER D 150 1.88 14.95 30.86
C SER D 150 2.75 16.09 30.34
N TRP D 151 3.44 15.86 29.23
CA TRP D 151 4.25 16.91 28.62
C TRP D 151 3.38 17.93 27.86
N THR D 152 2.29 17.48 27.28
CA THR D 152 1.53 18.39 26.42
C THR D 152 0.05 18.52 26.74
N HIS D 153 -0.45 17.72 27.69
CA HIS D 153 -1.89 17.75 28.02
C HIS D 153 -2.15 18.38 29.37
N HIS D 154 -2.86 19.50 29.38
CA HIS D 154 -3.14 20.21 30.64
C HIS D 154 -4.22 19.44 31.43
N SER D 155 -4.61 20.01 32.57
CA SER D 155 -5.44 19.29 33.54
C SER D 155 -6.86 18.98 33.06
N ARG D 156 -7.36 19.75 32.09
CA ARG D 156 -8.69 19.46 31.58
C ARG D 156 -8.68 18.31 30.55
N GLU D 157 -7.48 17.92 30.12
CA GLU D 157 -7.28 16.83 29.17
C GLU D 157 -6.79 15.55 29.83
N ILE D 158 -5.85 15.69 30.76
CA ILE D 158 -5.33 14.56 31.53
C ILE D 158 -5.18 14.92 33.00
N SER D 159 -5.73 14.09 33.89
CA SER D 159 -5.45 14.21 35.32
C SER D 159 -4.58 13.05 35.81
N VAL D 160 -3.82 13.25 36.89
CA VAL D 160 -3.04 12.15 37.43
C VAL D 160 -3.38 11.84 38.89
N ASP D 161 -3.44 10.54 39.19
CA ASP D 161 -3.77 10.02 40.50
C ASP D 161 -2.64 9.10 40.96
N PRO D 162 -1.80 9.59 41.88
CA PRO D 162 -0.63 8.81 42.29
C PRO D 162 -0.87 7.99 43.53
N THR D 163 -2.11 7.97 44.02
CA THR D 163 -2.37 7.36 45.32
C THR D 163 -2.03 5.88 45.28
N THR D 164 -1.21 5.42 46.22
CA THR D 164 -0.84 4.03 46.28
C THR D 164 -0.27 3.67 47.67
N GLU D 165 -0.19 2.38 47.96
CA GLU D 165 0.39 1.89 49.21
C GLU D 165 1.91 1.97 49.14
N ASN D 166 2.58 1.98 50.29
CA ASN D 166 4.04 1.87 50.28
C ASN D 166 4.61 0.90 51.33
N SER D 167 3.77 0.27 52.15
CA SER D 167 4.30 -0.73 53.10
C SER D 167 4.82 -1.97 52.37
N ASP D 168 4.53 -2.11 51.08
CA ASP D 168 5.11 -3.17 50.27
C ASP D 168 6.41 -2.74 49.54
N ASP D 169 6.99 -1.61 49.95
CA ASP D 169 8.18 -1.11 49.23
C ASP D 169 9.34 -2.10 49.20
N SER D 170 9.42 -2.99 50.20
CA SER D 170 10.48 -4.00 50.25
C SER D 170 10.21 -5.20 49.33
N GLU D 171 8.99 -5.30 48.80
CA GLU D 171 8.74 -6.31 47.77
C GLU D 171 9.47 -5.93 46.49
N TYR D 172 9.73 -4.64 46.31
CA TYR D 172 10.25 -4.13 45.04
C TYR D 172 11.70 -3.69 45.10
N PHE D 173 12.09 -3.03 46.20
CA PHE D 173 13.42 -2.43 46.27
C PHE D 173 14.49 -3.49 46.51
N SER D 174 15.58 -3.42 45.74
CA SER D 174 16.66 -4.39 45.84
C SER D 174 17.29 -4.40 47.23
N GLN D 175 17.51 -5.60 47.76
CA GLN D 175 18.18 -5.75 49.05
C GLN D 175 19.67 -5.45 48.93
N TYR D 176 20.15 -5.37 47.69
CA TYR D 176 21.58 -5.27 47.43
C TYR D 176 22.03 -3.86 47.10
N SER D 177 21.09 -2.92 47.09
CA SER D 177 21.45 -1.52 46.93
C SER D 177 22.36 -1.05 48.07
N ARG D 178 23.20 -0.06 47.76
CA ARG D 178 23.98 0.67 48.74
C ARG D 178 23.08 1.49 49.64
N PHE D 179 21.88 1.80 49.16
CA PHE D 179 21.00 2.71 49.87
C PHE D 179 19.76 1.99 50.41
N GLU D 180 19.09 2.61 51.36
CA GLU D 180 17.82 2.10 51.86
C GLU D 180 16.76 3.18 51.79
N ILE D 181 15.55 2.77 51.47
CA ILE D 181 14.44 3.69 51.35
C ILE D 181 13.78 3.85 52.71
N LEU D 182 13.65 5.10 53.16
CA LEU D 182 12.96 5.44 54.38
C LEU D 182 11.47 5.58 54.08
N ASP D 183 11.16 6.25 52.97
CA ASP D 183 9.78 6.48 52.60
C ASP D 183 9.68 6.83 51.10
N VAL D 184 8.56 6.47 50.49
CA VAL D 184 8.24 6.96 49.16
C VAL D 184 6.84 7.51 49.22
N THR D 185 6.71 8.82 49.00
CA THR D 185 5.40 9.42 49.00
CA THR D 185 5.42 9.49 49.04
C THR D 185 5.12 10.07 47.66
N GLN D 186 3.90 9.85 47.20
CA GLN D 186 3.51 10.27 45.86
CA GLN D 186 3.51 10.27 45.86
C GLN D 186 2.20 11.01 45.94
N LYS D 187 2.22 12.31 45.64
CA LYS D 187 1.05 13.17 45.79
C LYS D 187 0.77 14.01 44.55
N LYS D 188 -0.51 14.29 44.30
CA LYS D 188 -0.90 15.21 43.22
C LYS D 188 -0.36 16.59 43.45
N ASN D 189 0.12 17.23 42.41
CA ASN D 189 0.35 18.66 42.46
C ASN D 189 0.03 19.22 41.08
N SER D 190 0.07 20.53 40.95
CA SER D 190 -0.17 21.17 39.65
C SER D 190 0.98 22.11 39.35
N VAL D 191 1.28 22.26 38.06
CA VAL D 191 2.32 23.17 37.61
C VAL D 191 1.74 24.21 36.67
N THR D 192 2.14 25.47 36.87
CA THR D 192 1.81 26.54 35.94
C THR D 192 3.06 27.36 35.64
N TYR D 193 3.03 28.09 34.53
CA TYR D 193 4.12 28.98 34.17
C TYR D 193 3.54 30.33 33.75
N SER D 194 4.22 31.41 34.12
CA SER D 194 3.74 32.75 33.83
CA SER D 194 3.73 32.75 33.84
C SER D 194 3.51 32.99 32.35
N CYS D 195 4.32 32.36 31.51
CA CYS D 195 4.23 32.53 30.06
C CYS D 195 2.91 32.03 29.48
N CYS D 196 2.32 31.01 30.10
CA CYS D 196 1.33 30.18 29.40
C CYS D 196 0.10 29.85 30.23
N PRO D 197 -1.05 29.65 29.56
CA PRO D 197 -2.28 29.28 30.27
C PRO D 197 -2.24 27.85 30.81
N GLU D 198 -3.32 27.47 31.49
CA GLU D 198 -3.60 26.11 31.91
C GLU D 198 -2.70 25.67 33.06
N ALA D 199 -3.16 24.65 33.76
CA ALA D 199 -2.35 23.96 34.75
C ALA D 199 -2.11 22.55 34.25
N TYR D 200 -0.94 22.02 34.59
CA TYR D 200 -0.60 20.65 34.21
C TYR D 200 -0.46 19.89 35.50
N GLU D 201 -1.18 18.79 35.61
CA GLU D 201 -1.13 18.00 36.82
C GLU D 201 0.17 17.23 36.81
N ASP D 202 0.80 17.11 37.98
CA ASP D 202 1.94 16.23 38.06
C ASP D 202 1.84 15.40 39.31
N VAL D 203 2.67 14.37 39.36
CA VAL D 203 2.87 13.57 40.54
C VAL D 203 4.21 13.94 41.10
N GLU D 204 4.22 14.43 42.34
CA GLU D 204 5.45 14.69 43.04
C GLU D 204 5.84 13.44 43.80
N VAL D 205 6.86 12.75 43.34
CA VAL D 205 7.34 11.55 44.03
C VAL D 205 8.49 11.93 44.96
N SER D 206 8.28 11.83 46.27
CA SER D 206 9.36 12.13 47.23
C SER D 206 10.04 10.86 47.67
N LEU D 207 11.24 10.64 47.14
CA LEU D 207 12.04 9.50 47.51
C LEU D 207 12.94 9.86 48.70
N ASN D 208 12.55 9.42 49.90
CA ASN D 208 13.33 9.67 51.13
C ASN D 208 14.21 8.44 51.40
N PHE D 209 15.52 8.63 51.32
CA PHE D 209 16.44 7.49 51.35
C PHE D 209 17.76 7.88 52.00
N ARG D 210 18.53 6.89 52.45
CA ARG D 210 19.82 7.19 53.06
C ARG D 210 20.81 6.07 52.74
N LYS D 211 22.10 6.38 52.84
CA LYS D 211 23.10 5.33 52.66
C LYS D 211 23.04 4.39 53.85
N LYS D 212 23.15 3.09 53.58
CA LYS D 212 23.19 2.10 54.65
C LYS D 212 24.39 2.38 55.56
N GLY D 213 24.20 2.19 56.88
CA GLY D 213 25.24 2.44 57.85
C GLY D 213 24.90 3.53 58.85
N ASP E 1 -13.82 26.10 21.36
CA ASP E 1 -14.82 26.15 22.43
C ASP E 1 -14.34 25.31 23.63
N TYR E 2 -14.28 25.96 24.80
CA TYR E 2 -13.91 25.32 26.07
C TYR E 2 -14.67 24.01 26.30
N LYS E 3 -15.99 24.07 26.18
CA LYS E 3 -16.88 22.94 26.46
C LYS E 3 -16.61 21.73 25.55
N ASP E 4 -16.00 21.95 24.40
CA ASP E 4 -15.86 20.87 23.41
C ASP E 4 -14.45 20.28 23.36
N ASP E 5 -13.55 20.81 24.19
CA ASP E 5 -12.14 20.38 24.14
C ASP E 5 -11.96 18.86 24.34
N ASP E 6 -12.78 18.24 25.19
CA ASP E 6 -12.66 16.79 25.43
C ASP E 6 -13.60 15.93 24.57
N ASP E 7 -14.16 16.51 23.51
CA ASP E 7 -14.96 15.74 22.55
C ASP E 7 -13.98 14.92 21.70
N LYS E 8 -13.89 13.61 21.98
CA LYS E 8 -12.82 12.79 21.42
C LYS E 8 -12.90 12.68 19.89
N LEU E 9 -14.11 12.47 19.38
CA LEU E 9 -14.31 12.35 17.93
C LEU E 9 -13.87 13.64 17.25
N ASP E 10 -14.15 14.77 17.88
CA ASP E 10 -13.72 16.05 17.34
C ASP E 10 -12.19 16.12 17.29
N ARG E 11 -11.52 15.66 18.35
CA ARG E 11 -10.05 15.69 18.35
C ARG E 11 -9.49 14.78 17.24
N ALA E 12 -10.09 13.59 17.07
CA ALA E 12 -9.66 12.68 16.00
C ALA E 12 -9.87 13.34 14.63
N ASP E 13 -10.97 14.05 14.46
CA ASP E 13 -11.23 14.71 13.18
C ASP E 13 -10.21 15.81 12.91
N ILE E 14 -9.87 16.59 13.93
CA ILE E 14 -8.87 17.64 13.78
C ILE E 14 -7.53 17.04 13.39
N LEU E 15 -7.12 15.97 14.07
CA LEU E 15 -5.89 15.28 13.73
C LEU E 15 -5.93 14.79 12.27
N TYR E 16 -7.05 14.24 11.84
CA TYR E 16 -7.23 13.83 10.45
C TYR E 16 -7.06 15.02 9.51
N ASN E 17 -7.70 16.15 9.84
CA ASN E 17 -7.59 17.37 9.04
C ASN E 17 -6.16 17.87 8.94
N ILE E 18 -5.50 17.94 10.10
CA ILE E 18 -4.12 18.35 10.15
C ILE E 18 -3.26 17.48 9.23
N ARG E 19 -3.43 16.17 9.31
CA ARG E 19 -2.59 15.25 8.54
C ARG E 19 -2.92 15.28 7.04
N GLN E 20 -4.14 15.66 6.70
N GLN E 20 -4.13 15.66 6.68
CA GLN E 20 -4.51 15.85 5.30
CA GLN E 20 -4.46 15.83 5.27
C GLN E 20 -3.81 17.09 4.72
C GLN E 20 -3.83 17.10 4.70
N THR E 21 -3.73 18.13 5.53
CA THR E 21 -3.24 19.43 5.07
C THR E 21 -1.73 19.59 5.21
N SER E 22 -1.16 18.96 6.23
CA SER E 22 0.22 19.21 6.60
C SER E 22 1.17 18.78 5.48
N ARG E 23 2.16 19.61 5.20
CA ARG E 23 3.30 19.23 4.38
C ARG E 23 4.54 19.25 5.24
N PRO E 24 4.93 18.09 5.80
CA PRO E 24 5.98 18.10 6.83
C PRO E 24 7.35 18.54 6.30
N ASP E 25 7.55 18.50 4.99
CA ASP E 25 8.87 18.74 4.42
C ASP E 25 8.98 20.07 3.70
N VAL E 26 7.90 20.83 3.69
CA VAL E 26 7.85 22.12 3.01
C VAL E 26 7.70 23.26 4.00
N ILE E 27 8.53 24.31 3.92
CA ILE E 27 8.38 25.41 4.87
C ILE E 27 7.01 26.08 4.69
N PRO E 28 6.33 26.39 5.81
CA PRO E 28 4.98 26.97 5.74
C PRO E 28 5.01 28.48 5.49
N THR E 29 5.64 28.90 4.39
CA THR E 29 5.72 30.32 4.08
C THR E 29 4.37 30.83 3.65
N GLN E 30 4.01 31.97 4.22
CA GLN E 30 2.74 32.63 3.96
C GLN E 30 2.97 34.00 3.33
N ARG E 31 2.14 34.35 2.36
CA ARG E 31 2.20 35.65 1.69
C ARG E 31 3.61 36.07 1.26
N ASP E 32 4.34 35.18 0.59
CA ASP E 32 5.71 35.49 0.14
C ASP E 32 6.62 36.06 1.24
N ARG E 33 6.49 35.54 2.46
CA ARG E 33 7.30 36.02 3.58
C ARG E 33 8.00 34.85 4.28
N PRO E 34 9.17 35.10 4.88
CA PRO E 34 9.82 34.05 5.65
C PRO E 34 8.93 33.51 6.76
N VAL E 35 9.16 32.26 7.14
CA VAL E 35 8.48 31.72 8.30
C VAL E 35 9.06 32.38 9.54
N ALA E 36 8.21 33.03 10.33
CA ALA E 36 8.67 33.64 11.59
C ALA E 36 8.71 32.59 12.68
N VAL E 37 9.90 32.10 12.99
CA VAL E 37 10.08 31.13 14.07
C VAL E 37 10.51 31.86 15.34
N SER E 38 9.69 31.81 16.39
CA SER E 38 10.08 32.38 17.68
C SER E 38 10.67 31.31 18.59
N VAL E 39 11.82 31.60 19.18
CA VAL E 39 12.52 30.62 20.01
C VAL E 39 12.99 31.25 21.32
N SER E 40 12.82 30.52 22.42
CA SER E 40 13.38 30.94 23.70
C SER E 40 13.89 29.72 24.46
N LEU E 41 15.15 29.73 24.87
CA LEU E 41 15.66 28.63 25.68
C LEU E 41 15.43 28.91 27.15
N LYS E 42 14.86 27.94 27.86
CA LYS E 42 14.85 28.00 29.32
C LYS E 42 15.77 26.92 29.91
N PHE E 43 16.84 27.35 30.57
CA PHE E 43 17.79 26.39 31.12
C PHE E 43 17.22 25.77 32.39
N ILE E 44 17.37 24.46 32.50
CA ILE E 44 16.85 23.70 33.64
C ILE E 44 17.99 23.26 34.56
N ASN E 45 19.07 22.81 33.95
CA ASN E 45 20.20 22.23 34.67
C ASN E 45 21.50 22.53 33.93
N ILE E 46 22.53 22.87 34.69
CA ILE E 46 23.90 22.97 34.19
C ILE E 46 24.67 21.85 34.84
N LEU E 47 24.90 20.77 34.10
CA LEU E 47 25.32 19.52 34.70
C LEU E 47 26.83 19.39 34.87
N GLU E 48 27.56 19.83 33.87
CA GLU E 48 29.02 19.77 33.91
C GLU E 48 29.59 21.02 33.27
N VAL E 49 30.66 21.53 33.85
CA VAL E 49 31.35 22.70 33.36
C VAL E 49 32.84 22.39 33.37
N ASN E 50 33.55 22.66 32.28
CA ASN E 50 34.99 22.43 32.23
C ASN E 50 35.68 23.70 31.77
N GLU E 51 36.40 24.32 32.70
CA GLU E 51 37.04 25.61 32.47
C GLU E 51 38.30 25.44 31.62
N ILE E 52 38.89 24.26 31.65
CA ILE E 52 40.08 23.95 30.85
C ILE E 52 39.72 23.80 29.36
N THR E 53 38.67 23.04 29.07
CA THR E 53 38.31 22.73 27.69
C THR E 53 37.25 23.69 27.14
N ASN E 54 36.75 24.57 28.00
CA ASN E 54 35.68 25.50 27.67
C ASN E 54 34.47 24.75 27.09
N GLU E 55 33.96 23.77 27.84
CA GLU E 55 32.75 23.06 27.45
C GLU E 55 31.74 23.04 28.58
N VAL E 56 30.45 23.02 28.22
CA VAL E 56 29.38 22.93 29.19
C VAL E 56 28.43 21.81 28.77
N ASP E 57 27.80 21.19 29.76
CA ASP E 57 26.79 20.15 29.55
C ASP E 57 25.52 20.66 30.23
N VAL E 58 24.46 20.89 29.45
CA VAL E 58 23.26 21.56 29.99
C VAL E 58 21.98 20.86 29.57
N VAL E 59 20.90 21.12 30.31
CA VAL E 59 19.55 20.75 29.89
C VAL E 59 18.73 22.03 29.77
N PHE E 60 17.99 22.14 28.67
CA PHE E 60 17.15 23.32 28.44
C PHE E 60 15.87 22.93 27.73
N TRP E 61 14.80 23.69 27.97
CA TRP E 61 13.59 23.55 27.17
C TRP E 61 13.65 24.57 26.05
N GLN E 62 13.58 24.07 24.82
CA GLN E 62 13.61 24.92 23.64
C GLN E 62 12.18 25.30 23.29
N GLN E 63 11.70 26.39 23.87
CA GLN E 63 10.36 26.89 23.55
C GLN E 63 10.35 27.41 22.14
N THR E 64 9.58 26.76 21.27
CA THR E 64 9.57 27.08 19.86
C THR E 64 8.14 27.23 19.37
N THR E 65 7.87 28.30 18.62
CA THR E 65 6.53 28.45 18.04
C THR E 65 6.59 29.11 16.66
N TRP E 66 5.60 28.82 15.83
CA TRP E 66 5.47 29.40 14.50
C TRP E 66 4.05 29.19 14.07
N SER E 67 3.68 29.71 12.91
CA SER E 67 2.32 29.54 12.42
CA SER E 67 2.33 29.55 12.41
C SER E 67 2.28 28.87 11.05
N ASP E 68 1.29 28.01 10.89
CA ASP E 68 0.94 27.48 9.58
C ASP E 68 -0.57 27.61 9.48
N ARG E 69 -1.02 28.70 8.86
CA ARG E 69 -2.43 29.00 8.72
C ARG E 69 -3.23 27.94 7.97
N THR E 70 -2.57 27.12 7.17
CA THR E 70 -3.29 26.11 6.41
C THR E 70 -3.82 25.04 7.36
N LEU E 71 -3.29 25.01 8.58
CA LEU E 71 -3.72 24.02 9.57
C LEU E 71 -4.94 24.47 10.38
N ALA E 72 -5.36 25.73 10.19
CA ALA E 72 -6.38 26.34 11.03
C ALA E 72 -7.77 25.77 10.79
N TRP E 73 -8.60 25.77 11.83
CA TRP E 73 -9.96 25.28 11.68
C TRP E 73 -10.89 26.12 12.53
N ASN E 74 -12.17 26.00 12.25
CA ASN E 74 -13.16 26.72 13.00
C ASN E 74 -13.41 25.97 14.31
N SER E 75 -13.08 26.61 15.43
CA SER E 75 -13.23 26.00 16.74
C SER E 75 -14.39 26.58 17.57
N SER E 76 -15.36 27.19 16.89
CA SER E 76 -16.58 27.68 17.56
C SER E 76 -17.27 26.57 18.38
N HIS E 77 -17.20 25.33 17.88
CA HIS E 77 -17.85 24.21 18.57
C HIS E 77 -17.00 22.95 18.55
N SER E 78 -15.69 23.12 18.72
CA SER E 78 -14.77 21.98 18.69
C SER E 78 -13.52 22.36 19.49
N PRO E 79 -12.62 21.39 19.73
CA PRO E 79 -11.41 21.69 20.51
C PRO E 79 -10.59 22.82 19.91
N ASP E 80 -9.93 23.59 20.77
CA ASP E 80 -9.13 24.73 20.33
C ASP E 80 -7.69 24.34 20.03
N GLN E 81 -7.29 23.17 20.52
CA GLN E 81 -5.90 22.74 20.51
C GLN E 81 -5.83 21.23 20.60
N VAL E 82 -4.90 20.62 19.87
CA VAL E 82 -4.64 19.20 20.08
C VAL E 82 -3.14 18.93 20.06
N SER E 83 -2.75 17.79 20.62
CA SER E 83 -1.37 17.33 20.56
C SER E 83 -1.14 16.46 19.32
N VAL E 84 0.00 16.66 18.68
CA VAL E 84 0.28 16.04 17.39
C VAL E 84 1.73 15.55 17.40
N PRO E 85 1.98 14.29 16.96
CA PRO E 85 3.37 13.85 16.82
C PRO E 85 4.08 14.74 15.82
N ILE E 86 5.32 15.17 16.10
CA ILE E 86 5.96 16.12 15.20
C ILE E 86 6.28 15.48 13.84
N SER E 87 6.25 14.15 13.76
CA SER E 87 6.48 13.50 12.47
C SER E 87 5.35 13.81 11.48
N SER E 88 4.23 14.34 11.98
CA SER E 88 3.11 14.72 11.12
C SER E 88 3.18 16.19 10.69
N LEU E 89 4.14 16.93 11.25
CA LEU E 89 4.21 18.37 11.04
C LEU E 89 5.55 18.78 10.47
N TRP E 90 5.56 19.92 9.81
CA TRP E 90 6.83 20.60 9.53
C TRP E 90 7.31 21.20 10.84
N VAL E 91 8.59 21.04 11.14
CA VAL E 91 9.20 21.71 12.28
C VAL E 91 10.48 22.35 11.76
N PRO E 92 10.87 23.50 12.34
CA PRO E 92 12.06 24.20 11.84
C PRO E 92 13.32 23.38 12.05
N ASP E 93 14.24 23.43 11.09
CA ASP E 93 15.45 22.62 11.18
C ASP E 93 16.54 23.32 12.00
N LEU E 94 16.21 23.61 13.26
CA LEU E 94 17.13 24.33 14.12
C LEU E 94 18.29 23.47 14.56
N ALA E 95 19.44 24.12 14.70
CA ALA E 95 20.65 23.50 15.22
C ALA E 95 21.48 24.53 15.94
N ALA E 96 22.22 24.06 16.95
CA ALA E 96 23.14 24.92 17.68
C ALA E 96 24.50 24.90 16.97
N TYR E 97 24.97 26.06 16.53
CA TYR E 97 26.19 26.10 15.70
C TYR E 97 27.43 25.71 16.51
N ASN E 98 27.37 25.84 17.83
CA ASN E 98 28.52 25.44 18.65
C ASN E 98 28.26 24.20 19.51
N ALA E 99 27.26 23.41 19.13
CA ALA E 99 27.01 22.13 19.79
C ALA E 99 28.17 21.17 19.51
N ILE E 100 28.56 20.40 20.52
CA ILE E 100 29.60 19.37 20.35
C ILE E 100 29.11 17.98 20.76
N SER E 101 27.81 17.87 20.98
CA SER E 101 27.18 16.56 21.11
C SER E 101 25.81 16.59 20.44
N LYS E 102 25.23 15.41 20.27
CA LYS E 102 23.88 15.30 19.72
C LYS E 102 22.88 15.91 20.67
N PRO E 103 21.87 16.58 20.13
CA PRO E 103 20.80 17.05 21.01
C PRO E 103 20.03 15.83 21.54
N GLU E 104 20.06 15.59 22.84
CA GLU E 104 19.32 14.44 23.36
C GLU E 104 17.96 14.92 23.88
N VAL E 105 16.90 14.46 23.21
CA VAL E 105 15.54 14.88 23.54
C VAL E 105 14.99 14.01 24.66
N LEU E 106 14.59 14.64 25.78
CA LEU E 106 14.21 13.91 26.98
C LEU E 106 12.71 13.77 27.14
N THR E 107 11.95 14.28 26.17
CA THR E 107 10.51 14.42 26.33
C THR E 107 9.76 13.81 25.14
N PRO E 108 8.46 13.53 25.32
CA PRO E 108 7.67 13.02 24.19
C PRO E 108 7.70 13.98 23.00
N GLN E 109 7.87 13.45 21.80
CA GLN E 109 8.05 14.29 20.63
C GLN E 109 6.70 14.69 20.03
N LEU E 110 5.99 15.52 20.77
CA LEU E 110 4.67 16.01 20.41
C LEU E 110 4.68 17.53 20.35
N ALA E 111 3.89 18.09 19.45
CA ALA E 111 3.68 19.53 19.43
C ALA E 111 2.22 19.78 19.72
N ARG E 112 1.90 21.03 20.08
CA ARG E 112 0.50 21.44 20.18
C ARG E 112 0.13 22.24 18.95
N VAL E 113 -1.00 21.93 18.32
CA VAL E 113 -1.46 22.72 17.20
C VAL E 113 -2.74 23.43 17.61
N VAL E 114 -2.71 24.76 17.47
CA VAL E 114 -3.82 25.62 17.86
C VAL E 114 -4.74 25.87 16.66
N SER E 115 -6.03 26.04 16.93
CA SER E 115 -7.01 26.20 15.85
C SER E 115 -6.76 27.42 14.95
N ASP E 116 -5.94 28.36 15.37
CA ASP E 116 -5.60 29.44 14.43
C ASP E 116 -4.36 29.09 13.59
N GLY E 117 -3.86 27.87 13.71
CA GLY E 117 -2.69 27.49 12.94
C GLY E 117 -1.36 27.68 13.65
N GLU E 118 -1.38 28.25 14.85
CA GLU E 118 -0.16 28.32 15.66
C GLU E 118 0.30 26.92 16.05
N VAL E 119 1.60 26.71 15.99
CA VAL E 119 2.20 25.46 16.43
C VAL E 119 3.18 25.73 17.59
N LEU E 120 3.07 24.97 18.68
CA LEU E 120 3.99 25.12 19.81
C LEU E 120 4.73 23.82 20.02
N TYR E 121 6.05 23.91 20.19
CA TYR E 121 6.86 22.73 20.35
C TYR E 121 7.94 23.04 21.37
N MET E 122 8.14 22.15 22.33
CA MET E 122 9.08 22.46 23.41
C MET E 122 9.74 21.19 23.93
N PRO E 123 10.77 20.71 23.20
CA PRO E 123 11.52 19.55 23.69
C PRO E 123 12.39 19.95 24.87
N SER E 124 12.57 19.04 25.82
CA SER E 124 13.65 19.20 26.77
C SER E 124 14.86 18.53 26.17
N ILE E 125 15.95 19.29 26.09
CA ILE E 125 17.15 18.83 25.41
C ILE E 125 18.37 18.85 26.33
N ARG E 126 19.11 17.74 26.37
CA ARG E 126 20.43 17.75 26.98
CA ARG E 126 20.43 17.74 26.97
C ARG E 126 21.47 17.78 25.86
N GLN E 127 22.40 18.71 25.95
CA GLN E 127 23.39 18.89 24.91
C GLN E 127 24.64 19.57 25.46
N ARG E 128 25.78 19.28 24.84
CA ARG E 128 27.08 19.85 25.21
C ARG E 128 27.47 20.93 24.22
N PHE E 129 28.17 21.95 24.71
CA PHE E 129 28.53 23.11 23.89
C PHE E 129 29.97 23.54 24.12
N SER E 130 30.57 24.09 23.08
CA SER E 130 31.86 24.75 23.18
C SER E 130 31.61 26.25 23.34
N CYS E 131 31.94 26.79 24.51
CA CYS E 131 31.69 28.20 24.80
C CYS E 131 32.60 28.70 25.93
N ASP E 132 32.58 30.00 26.16
CA ASP E 132 33.47 30.65 27.11
C ASP E 132 33.02 30.37 28.55
N VAL E 133 33.78 29.53 29.24
CA VAL E 133 33.49 29.13 30.62
C VAL E 133 34.34 29.95 31.63
N SER E 134 35.28 30.75 31.13
CA SER E 134 36.15 31.51 32.04
C SER E 134 35.34 32.45 32.94
N GLY E 135 35.75 32.54 34.21
CA GLY E 135 35.07 33.41 35.16
C GLY E 135 33.95 32.72 35.93
N VAL E 136 33.79 31.41 35.71
CA VAL E 136 32.65 30.69 36.30
C VAL E 136 32.72 30.66 37.84
N ASP E 137 33.93 30.75 38.39
CA ASP E 137 34.11 30.71 39.84
C ASP E 137 34.23 32.08 40.45
N THR E 138 33.85 33.10 39.69
CA THR E 138 33.91 34.47 40.17
C THR E 138 32.50 35.00 40.33
N GLU E 139 32.37 36.16 40.97
CA GLU E 139 31.06 36.73 41.24
C GLU E 139 30.38 37.20 39.95
N SER E 140 31.15 37.69 38.99
CA SER E 140 30.57 38.18 37.74
C SER E 140 30.14 37.00 36.86
N GLY E 141 30.75 35.85 37.08
CA GLY E 141 30.37 34.62 36.41
C GLY E 141 30.94 34.46 35.01
N ALA E 142 30.68 33.29 34.42
CA ALA E 142 31.02 33.04 33.02
C ALA E 142 29.86 33.44 32.11
N THR E 143 30.17 33.79 30.88
CA THR E 143 29.13 34.04 29.89
C THR E 143 29.31 33.10 28.71
N CYS E 144 28.44 32.09 28.66
CA CYS E 144 28.48 31.06 27.63
C CYS E 144 27.47 31.40 26.54
N ARG E 145 27.92 31.57 25.31
CA ARG E 145 27.03 31.95 24.21
C ARG E 145 26.71 30.76 23.31
N ILE E 146 25.42 30.57 23.06
CA ILE E 146 24.95 29.47 22.22
C ILE E 146 24.15 30.07 21.06
N LYS E 147 24.59 29.75 19.85
CA LYS E 147 23.95 30.26 18.66
C LYS E 147 23.06 29.19 18.04
N ILE E 148 21.78 29.52 17.91
CA ILE E 148 20.79 28.60 17.35
C ILE E 148 20.10 29.20 16.13
N GLY E 149 20.19 28.51 15.00
CA GLY E 149 19.54 28.96 13.78
C GLY E 149 19.15 27.80 12.88
N SER E 150 18.53 28.11 11.75
CA SER E 150 18.19 27.08 10.78
C SER E 150 19.45 26.49 10.18
N TRP E 151 19.47 25.19 9.99
CA TRP E 151 20.66 24.58 9.43
C TRP E 151 20.72 24.78 7.92
N THR E 152 19.57 24.88 7.26
CA THR E 152 19.59 24.92 5.79
C THR E 152 18.77 26.05 5.16
N HIS E 153 18.01 26.80 5.96
CA HIS E 153 17.16 27.86 5.41
C HIS E 153 17.73 29.23 5.76
N HIS E 154 17.96 30.05 4.74
CA HIS E 154 18.49 31.38 4.94
C HIS E 154 17.36 32.35 5.30
N SER E 155 17.73 33.61 5.56
CA SER E 155 16.81 34.60 6.11
C SER E 155 15.59 34.91 5.25
N ARG E 156 15.65 34.64 3.95
CA ARG E 156 14.47 34.85 3.10
C ARG E 156 13.41 33.77 3.34
N GLU E 157 13.83 32.64 3.87
CA GLU E 157 12.94 31.49 4.04
C GLU E 157 12.48 31.36 5.48
N ILE E 158 13.42 31.54 6.41
CA ILE E 158 13.09 31.42 7.82
C ILE E 158 13.77 32.54 8.60
N SER E 159 12.98 33.26 9.40
CA SER E 159 13.55 34.15 10.40
C SER E 159 13.47 33.47 11.77
N VAL E 160 14.58 33.50 12.51
CA VAL E 160 14.66 32.93 13.85
C VAL E 160 14.76 34.07 14.84
N ASP E 161 13.72 34.26 15.65
CA ASP E 161 13.64 35.43 16.51
C ASP E 161 13.43 35.11 17.99
N PRO E 162 14.12 35.86 18.87
CA PRO E 162 13.93 35.69 20.32
C PRO E 162 12.51 36.10 20.72
N THR E 163 11.97 35.50 21.76
CA THR E 163 10.68 35.95 22.29
C THR E 163 10.90 37.03 23.35
N THR E 164 11.90 36.83 24.19
CA THR E 164 12.11 37.65 25.37
C THR E 164 13.61 37.86 25.62
N GLU E 165 14.04 39.11 25.58
CA GLU E 165 15.47 39.40 25.58
C GLU E 165 16.16 39.07 26.89
N ASN E 166 15.50 39.35 28.02
CA ASN E 166 16.14 39.20 29.35
C ASN E 166 15.35 38.37 30.37
N SER E 167 16.05 37.49 31.07
CA SER E 167 15.44 36.63 32.09
C SER E 167 16.50 35.96 32.96
N ASP E 168 16.13 35.61 34.20
CA ASP E 168 17.02 34.80 35.03
C ASP E 168 16.48 33.36 35.15
N ASP E 169 15.46 33.05 34.34
CA ASP E 169 14.91 31.70 34.22
CA ASP E 169 14.91 31.70 34.22
CA ASP E 169 14.98 31.68 34.25
C ASP E 169 14.49 31.08 35.57
N SER E 170 14.01 31.93 36.49
CA SER E 170 13.70 31.49 37.86
C SER E 170 12.62 30.40 37.99
N GLU E 171 11.60 30.41 37.14
CA GLU E 171 10.57 29.38 37.20
C GLU E 171 11.06 28.04 36.65
N TYR E 172 12.24 28.04 36.04
CA TYR E 172 12.68 26.88 35.29
C TYR E 172 13.94 26.23 35.86
N PHE E 173 14.92 27.05 36.22
CA PHE E 173 16.23 26.52 36.58
C PHE E 173 16.18 25.79 37.92
N SER E 174 16.77 24.59 37.95
CA SER E 174 16.78 23.77 39.17
C SER E 174 17.44 24.48 40.35
N GLN E 175 16.70 24.57 41.45
CA GLN E 175 17.24 25.14 42.68
C GLN E 175 18.37 24.28 43.24
N TYR E 176 18.48 23.05 42.73
CA TYR E 176 19.40 22.09 43.31
C TYR E 176 20.72 22.00 42.58
N SER E 177 20.84 22.75 41.49
CA SER E 177 22.10 22.82 40.74
C SER E 177 23.20 23.41 41.59
N ARG E 178 24.45 23.06 41.29
CA ARG E 178 25.57 23.67 41.99
C ARG E 178 25.95 24.99 41.33
N PHE E 179 25.30 25.30 40.21
CA PHE E 179 25.47 26.59 39.57
C PHE E 179 24.22 27.44 39.76
N GLU E 180 24.35 28.75 39.58
CA GLU E 180 23.18 29.61 39.58
C GLU E 180 23.23 30.54 38.39
N ILE E 181 22.06 30.93 37.90
CA ILE E 181 21.98 31.77 36.72
C ILE E 181 21.87 33.23 37.10
N LEU E 182 22.78 34.04 36.56
CA LEU E 182 22.75 35.48 36.77
C LEU E 182 21.82 36.16 35.79
N ASP E 183 21.96 35.80 34.51
CA ASP E 183 21.13 36.40 33.47
C ASP E 183 21.17 35.57 32.18
N VAL E 184 20.05 35.53 31.47
CA VAL E 184 20.02 34.92 30.14
C VAL E 184 19.54 35.97 29.16
N THR E 185 20.42 36.37 28.24
CA THR E 185 19.99 37.28 27.20
C THR E 185 19.87 36.53 25.88
N GLN E 186 18.85 36.88 25.11
CA GLN E 186 18.62 36.23 23.82
C GLN E 186 18.37 37.29 22.76
N LYS E 187 19.28 37.37 21.78
CA LYS E 187 19.21 38.43 20.77
C LYS E 187 19.25 37.88 19.36
N LYS E 188 18.59 38.60 18.46
CA LYS E 188 18.72 38.37 17.03
C LYS E 188 20.17 38.50 16.61
N ASN E 189 20.61 37.62 15.73
CA ASN E 189 21.95 37.70 15.19
C ASN E 189 21.94 37.10 13.78
N SER E 190 22.92 37.51 12.98
CA SER E 190 22.96 37.14 11.56
C SER E 190 24.33 36.59 11.21
N VAL E 191 24.34 35.48 10.49
CA VAL E 191 25.58 34.79 10.14
C VAL E 191 25.70 34.63 8.63
N THR E 192 26.86 34.98 8.09
CA THR E 192 27.14 34.84 6.67
C THR E 192 28.50 34.17 6.49
N TYR E 193 28.62 33.34 5.46
CA TYR E 193 29.87 32.64 5.22
C TYR E 193 30.44 33.00 3.85
N SER E 194 31.77 33.21 3.82
CA SER E 194 32.46 33.65 2.61
C SER E 194 32.19 32.76 1.41
N CYS E 195 31.73 31.55 1.67
CA CYS E 195 31.38 30.60 0.61
C CYS E 195 30.04 30.91 -0.03
N CYS E 196 29.08 31.32 0.78
CA CYS E 196 27.66 31.28 0.39
C CYS E 196 27.02 32.67 0.49
N PRO E 197 26.04 32.96 -0.40
CA PRO E 197 25.58 34.34 -0.61
C PRO E 197 24.64 34.90 0.46
N GLU E 198 23.68 34.10 0.91
CA GLU E 198 22.63 34.62 1.78
C GLU E 198 23.02 34.58 3.25
N ALA E 199 22.30 35.37 4.05
CA ALA E 199 22.51 35.40 5.48
C ALA E 199 21.57 34.43 6.17
N TYR E 200 22.02 33.90 7.31
CA TYR E 200 21.22 32.99 8.10
C TYR E 200 20.90 33.65 9.43
N GLU E 201 19.62 33.72 9.77
CA GLU E 201 19.21 34.36 11.02
C GLU E 201 19.30 33.39 12.19
N ASP E 202 19.83 33.85 13.31
CA ASP E 202 19.84 33.01 14.51
C ASP E 202 19.51 33.81 15.77
N VAL E 203 19.31 33.09 16.87
CA VAL E 203 19.23 33.69 18.18
C VAL E 203 20.53 33.39 18.91
N GLU E 204 21.17 34.44 19.41
CA GLU E 204 22.34 34.28 20.25
C GLU E 204 21.86 34.28 21.68
N VAL E 205 22.05 33.14 22.35
CA VAL E 205 21.62 32.99 23.72
C VAL E 205 22.85 33.15 24.60
N SER E 206 22.88 34.20 25.42
CA SER E 206 24.01 34.45 26.32
C SER E 206 23.65 34.05 27.73
N LEU E 207 24.27 32.97 28.17
CA LEU E 207 24.04 32.39 29.48
C LEU E 207 25.09 32.84 30.48
N ASN E 208 24.72 33.81 31.31
CA ASN E 208 25.62 34.33 32.35
C ASN E 208 25.35 33.58 33.65
N PHE E 209 26.31 32.78 34.09
CA PHE E 209 26.11 31.92 35.25
C PHE E 209 27.40 31.79 36.07
N ARG E 210 27.30 31.23 37.27
CA ARG E 210 28.46 31.04 38.13
C ARG E 210 28.26 29.86 39.11
N LYS E 211 29.35 29.30 39.64
CA LYS E 211 29.21 28.28 40.69
C LYS E 211 28.68 28.97 41.93
N LYS E 212 27.85 28.26 42.70
CA LYS E 212 27.30 28.79 43.93
C LYS E 212 28.40 28.89 44.99
N ASP F 1 -0.98 31.55 -18.37
CA ASP F 1 -0.18 32.03 -19.49
C ASP F 1 -0.20 31.03 -20.65
N TYR F 2 -0.81 31.43 -21.76
CA TYR F 2 -0.97 30.54 -22.91
C TYR F 2 0.38 30.11 -23.52
N LYS F 3 1.41 30.94 -23.34
CA LYS F 3 2.77 30.60 -23.77
C LYS F 3 3.37 29.42 -22.99
N ASP F 4 2.93 29.24 -21.76
CA ASP F 4 3.43 28.17 -20.90
C ASP F 4 2.49 26.98 -20.88
N ASP F 5 1.44 27.04 -21.71
CA ASP F 5 0.41 26.01 -21.75
C ASP F 5 0.99 24.62 -22.05
N ASP F 6 2.01 24.56 -22.90
CA ASP F 6 2.62 23.28 -23.27
C ASP F 6 3.88 22.92 -22.47
N ASP F 7 4.09 23.60 -21.35
CA ASP F 7 5.14 23.20 -20.43
C ASP F 7 4.70 21.94 -19.69
N LYS F 8 5.29 20.80 -20.04
CA LYS F 8 4.79 19.51 -19.59
C LYS F 8 4.91 19.32 -18.08
N LEU F 9 6.09 19.61 -17.53
CA LEU F 9 6.29 19.50 -16.09
C LEU F 9 5.29 20.36 -15.33
N ASP F 10 5.03 21.56 -15.86
CA ASP F 10 4.03 22.45 -15.28
C ASP F 10 2.64 21.80 -15.24
N ARG F 11 2.27 21.11 -16.32
CA ARG F 11 0.97 20.45 -16.37
C ARG F 11 0.93 19.31 -15.35
N ALA F 12 2.02 18.56 -15.28
CA ALA F 12 2.14 17.47 -14.33
C ALA F 12 2.03 17.98 -12.89
N ASP F 13 2.64 19.13 -12.63
CA ASP F 13 2.58 19.67 -11.27
C ASP F 13 1.16 20.14 -10.94
N ILE F 14 0.48 20.71 -11.92
CA ILE F 14 -0.89 21.16 -11.70
C ILE F 14 -1.80 19.96 -11.38
N LEU F 15 -1.63 18.88 -12.14
CA LEU F 15 -2.42 17.68 -11.93
C LEU F 15 -2.18 17.13 -10.53
N TYR F 16 -0.91 17.11 -10.13
CA TYR F 16 -0.53 16.70 -8.78
C TYR F 16 -1.21 17.59 -7.72
N ASN F 17 -1.18 18.92 -7.94
CA ASN F 17 -1.83 19.88 -7.02
C ASN F 17 -3.32 19.64 -6.90
N ILE F 18 -3.98 19.44 -8.04
CA ILE F 18 -5.41 19.18 -8.08
C ILE F 18 -5.73 17.92 -7.30
N ARG F 19 -4.95 16.87 -7.53
CA ARG F 19 -5.18 15.60 -6.85
C ARG F 19 -4.88 15.64 -5.36
N GLN F 20 -4.00 16.52 -4.92
CA GLN F 20 -3.78 16.67 -3.49
C GLN F 20 -4.96 17.38 -2.83
N THR F 21 -5.52 18.35 -3.52
CA THR F 21 -6.53 19.21 -2.91
C THR F 21 -7.95 18.66 -3.09
N SER F 22 -8.18 17.96 -4.19
CA SER F 22 -9.52 17.52 -4.57
C SER F 22 -10.13 16.54 -3.55
N ARG F 23 -11.38 16.77 -3.20
CA ARG F 23 -12.13 15.79 -2.43
C ARG F 23 -13.26 15.31 -3.33
N PRO F 24 -13.04 14.19 -4.03
CA PRO F 24 -14.02 13.79 -5.06
C PRO F 24 -15.39 13.44 -4.51
N ASP F 25 -15.50 13.20 -3.20
CA ASP F 25 -16.77 12.71 -2.66
C ASP F 25 -17.48 13.75 -1.81
N VAL F 26 -16.92 14.94 -1.73
CA VAL F 26 -17.49 16.01 -0.90
C VAL F 26 -17.91 17.19 -1.77
N ILE F 27 -19.13 17.68 -1.59
CA ILE F 27 -19.59 18.82 -2.43
C ILE F 27 -18.73 20.04 -2.15
N PRO F 28 -18.33 20.75 -3.22
CA PRO F 28 -17.38 21.85 -2.99
C PRO F 28 -18.11 23.14 -2.60
N THR F 29 -18.78 23.14 -1.46
CA THR F 29 -19.50 24.32 -1.00
C THR F 29 -18.50 25.36 -0.56
N GLN F 30 -18.76 26.61 -0.95
CA GLN F 30 -17.93 27.74 -0.56
C GLN F 30 -18.79 28.73 0.19
N ARG F 31 -18.29 29.15 1.35
CA ARG F 31 -18.93 30.22 2.13
C ARG F 31 -20.37 29.89 2.53
N ASP F 32 -20.59 28.68 3.03
CA ASP F 32 -21.92 28.23 3.44
C ASP F 32 -23.01 28.51 2.41
N ARG F 33 -22.67 28.37 1.13
CA ARG F 33 -23.66 28.48 0.06
C ARG F 33 -23.67 27.21 -0.78
N PRO F 34 -24.82 26.90 -1.40
CA PRO F 34 -24.90 25.70 -2.25
C PRO F 34 -23.97 25.79 -3.47
N VAL F 35 -23.53 24.64 -3.96
CA VAL F 35 -22.71 24.60 -5.16
C VAL F 35 -23.58 25.00 -6.35
N ALA F 36 -23.18 26.04 -7.07
CA ALA F 36 -23.93 26.46 -8.26
C ALA F 36 -23.46 25.71 -9.49
N VAL F 37 -24.29 24.80 -9.96
CA VAL F 37 -23.99 24.01 -11.14
C VAL F 37 -24.76 24.55 -12.32
N SER F 38 -24.05 24.96 -13.37
CA SER F 38 -24.69 25.36 -14.61
C SER F 38 -24.74 24.20 -15.59
N VAL F 39 -25.91 23.97 -16.18
CA VAL F 39 -26.10 22.91 -17.14
C VAL F 39 -26.86 23.44 -18.35
N SER F 40 -26.34 23.16 -19.55
CA SER F 40 -27.15 23.33 -20.76
C SER F 40 -26.94 22.15 -21.70
N LEU F 41 -28.03 21.56 -22.17
CA LEU F 41 -27.93 20.45 -23.10
C LEU F 41 -27.88 20.98 -24.53
N LYS F 42 -26.93 20.48 -25.30
CA LYS F 42 -26.88 20.74 -26.72
C LYS F 42 -27.23 19.45 -27.44
N PHE F 43 -28.38 19.41 -28.10
CA PHE F 43 -28.80 18.18 -28.75
C PHE F 43 -28.02 17.96 -30.03
N ILE F 44 -27.54 16.73 -30.20
CA ILE F 44 -26.77 16.39 -31.38
C ILE F 44 -27.66 15.62 -32.34
N ASN F 45 -28.47 14.72 -31.81
CA ASN F 45 -29.36 13.94 -32.65
C ASN F 45 -30.56 13.43 -31.90
N ILE F 46 -31.62 13.22 -32.65
CA ILE F 46 -32.79 12.53 -32.20
C ILE F 46 -32.85 11.26 -33.04
N LEU F 47 -32.67 10.11 -32.42
CA LEU F 47 -32.41 8.90 -33.18
C LEU F 47 -33.67 8.10 -33.48
N GLU F 48 -34.61 8.16 -32.54
CA GLU F 48 -35.80 7.32 -32.55
C GLU F 48 -36.86 7.94 -31.66
N VAL F 49 -38.06 8.11 -32.18
CA VAL F 49 -39.18 8.51 -31.35
C VAL F 49 -40.31 7.53 -31.52
N ASN F 50 -41.14 7.42 -30.48
CA ASN F 50 -42.30 6.54 -30.54
C ASN F 50 -43.50 7.29 -29.97
N GLU F 51 -44.48 7.57 -30.84
CA GLU F 51 -45.63 8.39 -30.47
C GLU F 51 -46.66 7.58 -29.70
N ILE F 52 -46.63 6.26 -29.88
CA ILE F 52 -47.48 5.34 -29.11
C ILE F 52 -47.01 5.24 -27.66
N THR F 53 -45.71 5.00 -27.47
CA THR F 53 -45.19 4.75 -26.14
C THR F 53 -44.70 6.04 -25.46
N ASN F 54 -44.63 7.11 -26.24
CA ASN F 54 -44.13 8.40 -25.77
C ASN F 54 -42.71 8.28 -25.24
N GLU F 55 -41.81 7.79 -26.10
CA GLU F 55 -40.40 7.60 -25.74
C GLU F 55 -39.52 8.19 -26.83
N VAL F 56 -38.40 8.78 -26.43
CA VAL F 56 -37.44 9.33 -27.37
C VAL F 56 -36.04 8.83 -27.05
N ASP F 57 -35.22 8.73 -28.09
CA ASP F 57 -33.86 8.21 -27.98
C ASP F 57 -32.97 9.32 -28.55
N VAL F 58 -32.18 9.97 -27.69
CA VAL F 58 -31.43 11.14 -28.16
C VAL F 58 -29.96 11.14 -27.78
N VAL F 59 -29.19 11.97 -28.46
CA VAL F 59 -27.79 12.20 -28.13
C VAL F 59 -27.61 13.68 -27.88
N PHE F 60 -27.02 14.01 -26.74
CA PHE F 60 -26.79 15.41 -26.39
C PHE F 60 -25.44 15.61 -25.70
N TRP F 61 -24.89 16.81 -25.82
CA TRP F 61 -23.70 17.19 -25.07
C TRP F 61 -24.16 17.92 -23.83
N GLN F 62 -23.86 17.35 -22.68
CA GLN F 62 -24.29 17.93 -21.42
C GLN F 62 -23.22 18.91 -20.94
N GLN F 63 -23.34 20.16 -21.39
CA GLN F 63 -22.42 21.22 -20.99
C GLN F 63 -22.60 21.53 -19.52
N THR F 64 -21.59 21.23 -18.72
CA THR F 64 -21.72 21.33 -17.28
C THR F 64 -20.55 22.09 -16.70
N THR F 65 -20.82 23.03 -15.79
CA THR F 65 -19.74 23.74 -15.14
C THR F 65 -20.07 24.16 -13.71
N TRP F 66 -19.05 24.19 -12.88
CA TRP F 66 -19.17 24.66 -11.51
C TRP F 66 -17.82 25.15 -11.08
N SER F 67 -17.74 25.68 -9.87
CA SER F 67 -16.50 26.23 -9.34
CA SER F 67 -16.46 26.15 -9.39
C SER F 67 -16.04 25.47 -8.11
N ASP F 68 -14.74 25.24 -7.99
CA ASP F 68 -14.16 24.82 -6.72
C ASP F 68 -12.85 25.59 -6.61
N ARG F 69 -12.90 26.73 -5.91
CA ARG F 69 -11.75 27.59 -5.82
C ARG F 69 -10.56 26.98 -5.08
N THR F 70 -10.76 25.92 -4.32
CA THR F 70 -9.62 25.27 -3.67
C THR F 70 -8.68 24.67 -4.73
N LEU F 71 -9.20 24.44 -5.94
CA LEU F 71 -8.39 23.92 -7.04
C LEU F 71 -7.59 25.00 -7.77
N ALA F 72 -7.87 26.26 -7.48
CA ALA F 72 -7.28 27.36 -8.24
C ALA F 72 -5.77 27.45 -8.06
N TRP F 73 -5.08 27.94 -9.08
CA TRP F 73 -3.66 28.19 -8.96
C TRP F 73 -3.27 29.46 -9.70
N ASN F 74 -2.09 29.97 -9.39
CA ASN F 74 -1.52 31.13 -10.08
C ASN F 74 -0.98 30.73 -11.46
N SER F 75 -1.60 31.23 -12.52
CA SER F 75 -1.21 30.85 -13.88
C SER F 75 -0.48 31.93 -14.67
N SER F 76 0.17 32.85 -13.95
CA SER F 76 0.98 33.90 -14.58
C SER F 76 2.03 33.35 -15.53
N HIS F 77 2.54 32.18 -15.18
CA HIS F 77 3.65 31.61 -15.90
C HIS F 77 3.56 30.10 -15.89
N SER F 78 2.32 29.66 -16.03
CA SER F 78 1.98 28.26 -16.03
C SER F 78 0.71 28.10 -16.83
N PRO F 79 0.37 26.86 -17.23
CA PRO F 79 -0.85 26.59 -17.97
C PRO F 79 -2.11 27.17 -17.34
N ASP F 80 -3.02 27.68 -18.17
CA ASP F 80 -4.30 28.23 -17.72
C ASP F 80 -5.34 27.17 -17.40
N GLN F 81 -5.20 26.00 -18.02
CA GLN F 81 -6.16 24.91 -17.90
C GLN F 81 -5.43 23.59 -18.10
N VAL F 82 -5.94 22.53 -17.48
CA VAL F 82 -5.50 21.18 -17.83
C VAL F 82 -6.71 20.23 -17.90
N SER F 83 -6.56 19.14 -18.65
CA SER F 83 -7.58 18.10 -18.64
C SER F 83 -7.31 17.16 -17.49
N VAL F 84 -8.37 16.71 -16.82
CA VAL F 84 -8.27 15.91 -15.61
C VAL F 84 -9.29 14.77 -15.69
N PRO F 85 -8.86 13.53 -15.41
CA PRO F 85 -9.84 12.44 -15.33
C PRO F 85 -10.91 12.75 -14.29
N ILE F 86 -12.18 12.55 -14.60
CA ILE F 86 -13.21 12.98 -13.66
C ILE F 86 -13.18 12.16 -12.36
N SER F 87 -12.56 10.98 -12.39
CA SER F 87 -12.38 10.21 -11.17
C SER F 87 -11.51 10.93 -10.13
N SER F 88 -10.74 11.93 -10.57
CA SER F 88 -9.91 12.73 -9.67
C SER F 88 -10.67 13.91 -9.05
N LEU F 89 -11.93 14.09 -9.46
CA LEU F 89 -12.68 15.31 -9.18
C LEU F 89 -14.02 15.02 -8.54
N TRP F 90 -14.56 15.99 -7.80
CA TRP F 90 -15.99 15.95 -7.51
C TRP F 90 -16.74 16.37 -8.77
N VAL F 91 -17.80 15.65 -9.07
CA VAL F 91 -18.70 15.95 -10.18
C VAL F 91 -20.12 15.89 -9.63
N PRO F 92 -21.02 16.79 -10.08
CA PRO F 92 -22.37 16.72 -9.53
C PRO F 92 -23.07 15.41 -9.85
N ASP F 93 -23.89 14.93 -8.91
CA ASP F 93 -24.62 13.68 -9.09
C ASP F 93 -25.92 13.91 -9.86
N LEU F 94 -25.78 14.43 -11.09
CA LEU F 94 -26.95 14.73 -11.93
C LEU F 94 -27.63 13.47 -12.44
N ALA F 95 -28.94 13.58 -12.62
CA ALA F 95 -29.71 12.52 -13.24
C ALA F 95 -30.94 13.15 -13.86
N ALA F 96 -31.38 12.60 -14.98
CA ALA F 96 -32.66 12.97 -15.57
C ALA F 96 -33.76 12.19 -14.87
N TYR F 97 -34.74 12.91 -14.34
CA TYR F 97 -35.78 12.27 -13.54
C TYR F 97 -36.71 11.40 -14.41
N ASN F 98 -36.75 11.65 -15.72
CA ASN F 98 -37.60 10.85 -16.61
C ASN F 98 -36.80 10.03 -17.63
N ALA F 99 -35.53 9.75 -17.31
CA ALA F 99 -34.74 8.81 -18.10
C ALA F 99 -35.29 7.40 -17.96
N ILE F 100 -35.28 6.63 -19.04
CA ILE F 100 -35.71 5.23 -18.97
C ILE F 100 -34.64 4.28 -19.47
N SER F 101 -33.43 4.79 -19.64
CA SER F 101 -32.27 3.97 -19.88
C SER F 101 -31.07 4.60 -19.20
N LYS F 102 -29.99 3.84 -19.06
CA LYS F 102 -28.77 4.39 -18.47
C LYS F 102 -28.20 5.51 -19.33
N PRO F 103 -27.61 6.54 -18.70
CA PRO F 103 -26.89 7.49 -19.54
C PRO F 103 -25.67 6.79 -20.16
N GLU F 104 -25.60 6.72 -21.48
CA GLU F 104 -24.44 6.09 -22.11
C GLU F 104 -23.45 7.17 -22.53
N VAL F 105 -22.30 7.22 -21.86
CA VAL F 105 -21.35 8.27 -22.17
C VAL F 105 -20.49 7.84 -23.35
N LEU F 106 -20.44 8.67 -24.38
CA LEU F 106 -19.79 8.30 -25.62
C LEU F 106 -18.36 8.84 -25.73
N THR F 107 -17.95 9.64 -24.75
CA THR F 107 -16.72 10.42 -24.86
C THR F 107 -15.73 10.16 -23.72
N PRO F 108 -14.45 10.54 -23.90
CA PRO F 108 -13.46 10.34 -22.82
C PRO F 108 -13.94 11.05 -21.56
N GLN F 109 -13.86 10.37 -20.44
CA GLN F 109 -14.36 10.95 -19.19
C GLN F 109 -13.32 11.87 -18.57
N LEU F 110 -13.08 12.99 -19.24
CA LEU F 110 -12.15 14.01 -18.77
C LEU F 110 -12.89 15.34 -18.56
N ALA F 111 -12.44 16.13 -17.60
CA ALA F 111 -12.91 17.52 -17.47
C ALA F 111 -11.77 18.46 -17.71
N ARG F 112 -12.11 19.72 -17.87
CA ARG F 112 -11.11 20.77 -17.87
C ARG F 112 -11.16 21.47 -16.53
N VAL F 113 -10.00 21.65 -15.89
CA VAL F 113 -9.93 22.51 -14.72
C VAL F 113 -9.17 23.79 -15.08
N VAL F 114 -9.84 24.91 -14.86
CA VAL F 114 -9.28 26.23 -15.17
C VAL F 114 -8.54 26.75 -13.93
N SER F 115 -7.54 27.59 -14.13
CA SER F 115 -6.71 28.06 -13.01
C SER F 115 -7.47 28.93 -11.99
N ASP F 116 -8.66 29.41 -12.33
CA ASP F 116 -9.49 30.11 -11.33
C ASP F 116 -10.41 29.14 -10.56
N GLY F 117 -10.22 27.85 -10.78
CA GLY F 117 -11.02 26.85 -10.07
C GLY F 117 -12.29 26.39 -10.76
N GLU F 118 -12.58 26.99 -11.91
CA GLU F 118 -13.73 26.59 -12.71
C GLU F 118 -13.50 25.17 -13.28
N VAL F 119 -14.53 24.33 -13.21
CA VAL F 119 -14.44 23.00 -13.81
C VAL F 119 -15.44 22.92 -14.97
N LEU F 120 -14.96 22.46 -16.13
CA LEU F 120 -15.81 22.26 -17.30
C LEU F 120 -15.91 20.78 -17.62
N TYR F 121 -17.13 20.27 -17.69
CA TYR F 121 -17.37 18.87 -18.00
C TYR F 121 -18.47 18.79 -19.05
N MET F 122 -18.22 18.07 -20.14
CA MET F 122 -19.19 17.99 -21.23
C MET F 122 -19.21 16.60 -21.85
N PRO F 123 -19.87 15.65 -21.18
CA PRO F 123 -19.96 14.33 -21.80
C PRO F 123 -20.96 14.35 -22.97
N SER F 124 -20.68 13.61 -24.02
CA SER F 124 -21.71 13.27 -24.99
C SER F 124 -22.46 12.05 -24.48
N ILE F 125 -23.78 12.18 -24.38
CA ILE F 125 -24.58 11.15 -23.73
C ILE F 125 -25.67 10.68 -24.69
N ARG F 126 -25.79 9.36 -24.85
CA ARG F 126 -26.99 8.81 -25.49
C ARG F 126 -27.90 8.27 -24.40
N GLN F 127 -29.17 8.67 -24.42
CA GLN F 127 -30.12 8.25 -23.41
C GLN F 127 -31.55 8.25 -23.93
N ARG F 128 -32.40 7.41 -23.34
CA ARG F 128 -33.81 7.36 -23.71
C ARG F 128 -34.67 7.98 -22.60
N PHE F 129 -35.76 8.59 -23.01
CA PHE F 129 -36.61 9.33 -22.08
C PHE F 129 -38.08 9.09 -22.33
N SER F 130 -38.86 9.20 -21.26
CA SER F 130 -40.32 9.18 -21.34
C SER F 130 -40.81 10.64 -21.35
N CYS F 131 -41.41 11.05 -22.46
CA CYS F 131 -41.85 12.44 -22.60
C CYS F 131 -42.89 12.56 -23.70
N ASP F 132 -43.48 13.75 -23.83
CA ASP F 132 -44.60 13.94 -24.74
C ASP F 132 -44.10 14.03 -26.17
N VAL F 133 -44.33 12.98 -26.96
CA VAL F 133 -43.91 12.96 -28.36
C VAL F 133 -45.11 13.32 -29.26
N SER F 134 -46.26 13.62 -28.66
CA SER F 134 -47.42 13.95 -29.48
C SER F 134 -47.18 15.22 -30.31
N GLY F 135 -47.62 15.18 -31.57
CA GLY F 135 -47.44 16.31 -32.46
C GLY F 135 -46.14 16.28 -33.26
N VAL F 136 -45.35 15.22 -33.09
CA VAL F 136 -44.05 15.15 -33.76
C VAL F 136 -44.20 15.22 -35.29
N ASP F 137 -45.32 14.71 -35.80
CA ASP F 137 -45.58 14.71 -37.24
C ASP F 137 -46.47 15.87 -37.69
N THR F 138 -46.43 16.98 -36.97
CA THR F 138 -47.18 18.17 -37.33
C THR F 138 -46.21 19.33 -37.48
N GLU F 139 -46.73 20.49 -37.87
CA GLU F 139 -45.87 21.65 -38.07
C GLU F 139 -45.37 22.27 -36.75
N SER F 140 -46.20 22.22 -35.72
CA SER F 140 -45.86 22.83 -34.44
C SER F 140 -44.93 21.89 -33.65
N GLY F 141 -44.91 20.64 -34.05
CA GLY F 141 -44.01 19.65 -33.48
C GLY F 141 -44.37 19.16 -32.09
N ALA F 142 -43.57 18.23 -31.57
CA ALA F 142 -43.71 17.75 -30.20
C ALA F 142 -42.86 18.60 -29.26
N THR F 143 -43.24 18.59 -27.99
CA THR F 143 -42.40 19.24 -26.98
C THR F 143 -42.08 18.21 -25.89
N CYS F 144 -40.86 17.70 -25.94
CA CYS F 144 -40.39 16.71 -24.99
C CYS F 144 -39.63 17.40 -23.86
N ARG F 145 -40.08 17.21 -22.63
CA ARG F 145 -39.43 17.84 -21.49
C ARG F 145 -38.59 16.85 -20.70
N ILE F 146 -37.33 17.21 -20.52
CA ILE F 146 -36.38 16.41 -19.75
C ILE F 146 -35.98 17.22 -18.52
N LYS F 147 -36.23 16.63 -17.35
CA LYS F 147 -35.97 17.27 -16.08
C LYS F 147 -34.67 16.71 -15.51
N ILE F 148 -33.69 17.59 -15.26
CA ILE F 148 -32.37 17.16 -14.76
C ILE F 148 -31.93 17.88 -13.48
N GLY F 149 -31.64 17.11 -12.44
CA GLY F 149 -31.16 17.68 -11.19
C GLY F 149 -30.29 16.73 -10.41
N SER F 150 -29.88 17.15 -9.22
CA SER F 150 -29.05 16.32 -8.36
C SER F 150 -29.87 15.15 -7.86
N TRP F 151 -29.27 13.96 -7.83
CA TRP F 151 -30.03 12.81 -7.33
C TRP F 151 -30.17 12.85 -5.82
N THR F 152 -29.17 13.37 -5.10
CA THR F 152 -29.19 13.27 -3.64
C THR F 152 -28.99 14.58 -2.88
N HIS F 153 -28.64 15.66 -3.57
CA HIS F 153 -28.41 16.93 -2.88
C HIS F 153 -29.58 17.89 -3.13
N HIS F 154 -30.19 18.36 -2.04
CA HIS F 154 -31.31 19.28 -2.13
C HIS F 154 -30.82 20.72 -2.37
N SER F 155 -31.75 21.65 -2.52
CA SER F 155 -31.41 23.01 -2.97
C SER F 155 -30.44 23.79 -2.06
N ARG F 156 -30.33 23.39 -0.79
CA ARG F 156 -29.39 24.08 0.10
C ARG F 156 -27.95 23.62 -0.18
N GLU F 157 -27.80 22.47 -0.83
CA GLU F 157 -26.48 21.92 -1.09
C GLU F 157 -26.05 22.15 -2.53
N ILE F 158 -26.98 21.97 -3.47
CA ILE F 158 -26.69 22.15 -4.88
C ILE F 158 -27.83 22.89 -5.58
N SER F 159 -27.50 23.94 -6.32
CA SER F 159 -28.48 24.49 -7.24
C SER F 159 -28.09 24.14 -8.67
N VAL F 160 -29.04 23.62 -9.43
CA VAL F 160 -28.81 23.26 -10.82
C VAL F 160 -29.51 24.27 -11.70
N ASP F 161 -28.72 25.06 -12.42
CA ASP F 161 -29.22 26.23 -13.14
C ASP F 161 -28.96 26.20 -14.65
N PRO F 162 -29.93 26.69 -15.44
CA PRO F 162 -29.69 26.75 -16.88
C PRO F 162 -28.68 27.84 -17.21
N THR F 163 -28.07 27.74 -18.39
CA THR F 163 -27.24 28.83 -18.90
C THR F 163 -28.08 29.63 -19.89
N THR F 164 -27.94 29.32 -21.17
CA THR F 164 -28.75 29.93 -22.21
C THR F 164 -30.19 29.42 -22.11
N GLU F 165 -31.14 30.34 -21.94
CA GLU F 165 -32.53 29.95 -21.76
C GLU F 165 -33.16 29.48 -23.07
N ASN F 166 -32.64 29.97 -24.19
CA ASN F 166 -33.28 29.74 -25.49
C ASN F 166 -32.30 29.56 -26.65
N SER F 167 -32.44 28.47 -27.40
CA SER F 167 -31.59 28.23 -28.56
C SER F 167 -32.19 27.32 -29.62
N ASP F 168 -31.66 27.46 -30.83
CA ASP F 168 -32.04 26.63 -31.96
C ASP F 168 -31.08 25.45 -32.10
N ASP F 169 -29.90 25.59 -31.48
CA ASP F 169 -28.93 24.50 -31.33
C ASP F 169 -28.26 24.17 -32.67
N SER F 170 -28.23 25.15 -33.57
CA SER F 170 -27.80 24.93 -34.96
C SER F 170 -26.32 24.58 -35.14
N GLU F 171 -25.47 24.94 -34.18
CA GLU F 171 -24.05 24.58 -34.28
C GLU F 171 -23.82 23.11 -33.92
N TYR F 172 -24.81 22.49 -33.29
CA TYR F 172 -24.61 21.18 -32.71
C TYR F 172 -25.46 20.10 -33.38
N PHE F 173 -26.71 20.43 -33.69
CA PHE F 173 -27.65 19.40 -34.14
C PHE F 173 -27.33 18.88 -35.53
N SER F 174 -27.43 17.57 -35.71
CA SER F 174 -27.00 16.95 -36.96
C SER F 174 -27.94 17.29 -38.11
N GLN F 175 -27.36 17.65 -39.24
CA GLN F 175 -28.12 17.91 -40.46
C GLN F 175 -28.67 16.64 -41.10
N TYR F 176 -28.19 15.48 -40.66
CA TYR F 176 -28.63 14.23 -41.28
C TYR F 176 -29.67 13.50 -40.42
N SER F 177 -30.13 14.16 -39.37
CA SER F 177 -31.22 13.65 -38.57
C SER F 177 -32.51 13.61 -39.38
N ARG F 178 -33.41 12.69 -39.05
CA ARG F 178 -34.75 12.66 -39.63
C ARG F 178 -35.65 13.70 -38.97
N PHE F 179 -35.13 14.33 -37.91
CA PHE F 179 -35.88 15.35 -37.19
C PHE F 179 -35.16 16.68 -37.25
N GLU F 180 -35.90 17.74 -36.95
CA GLU F 180 -35.31 19.07 -36.89
C GLU F 180 -35.77 19.75 -35.63
N ILE F 181 -34.93 20.60 -35.08
CA ILE F 181 -35.28 21.27 -33.84
C ILE F 181 -35.88 22.62 -34.14
N LEU F 182 -37.04 22.89 -33.55
CA LEU F 182 -37.70 24.18 -33.65
C LEU F 182 -37.19 25.10 -32.54
N ASP F 183 -37.18 24.59 -31.30
CA ASP F 183 -36.64 25.35 -30.19
C ASP F 183 -36.25 24.48 -28.98
N VAL F 184 -35.22 24.89 -28.27
CA VAL F 184 -34.85 24.30 -26.99
C VAL F 184 -34.86 25.35 -25.89
N THR F 185 -35.80 25.25 -24.96
CA THR F 185 -35.77 26.16 -23.80
C THR F 185 -35.31 25.40 -22.55
N GLN F 186 -34.54 26.08 -21.72
CA GLN F 186 -34.00 25.47 -20.50
C GLN F 186 -34.26 26.44 -19.36
N LYS F 187 -35.07 26.02 -18.40
CA LYS F 187 -35.52 26.90 -17.32
C LYS F 187 -35.37 26.28 -15.94
N LYS F 188 -35.11 27.11 -14.94
CA LYS F 188 -35.10 26.67 -13.54
C LYS F 188 -36.43 26.01 -13.20
N ASN F 189 -36.38 25.02 -12.33
CA ASN F 189 -37.55 24.29 -11.91
C ASN F 189 -37.26 23.74 -10.51
N SER F 190 -38.30 23.57 -9.70
CA SER F 190 -38.11 23.03 -8.36
C SER F 190 -39.07 21.87 -8.12
N VAL F 191 -38.56 20.83 -7.46
CA VAL F 191 -39.35 19.63 -7.25
C VAL F 191 -39.39 19.27 -5.76
N THR F 192 -40.59 18.95 -5.28
CA THR F 192 -40.78 18.48 -3.91
C THR F 192 -41.69 17.26 -3.92
N TYR F 193 -41.56 16.41 -2.90
CA TYR F 193 -42.42 15.23 -2.78
C TYR F 193 -43.04 15.20 -1.38
N SER F 194 -44.28 14.71 -1.30
CA SER F 194 -45.02 14.59 -0.05
C SER F 194 -44.22 13.87 1.04
N CYS F 195 -43.51 12.82 0.65
CA CYS F 195 -42.77 11.99 1.60
C CYS F 195 -41.66 12.73 2.34
N CYS F 196 -41.16 13.82 1.75
CA CYS F 196 -39.85 14.35 2.13
C CYS F 196 -39.82 15.89 2.21
N PRO F 197 -39.06 16.42 3.17
CA PRO F 197 -39.13 17.87 3.42
C PRO F 197 -38.51 18.76 2.31
N GLU F 198 -37.31 18.43 1.86
CA GLU F 198 -36.48 19.35 1.11
C GLU F 198 -36.91 19.57 -0.35
N ALA F 199 -36.50 20.69 -0.92
CA ALA F 199 -36.76 20.97 -2.33
C ALA F 199 -35.53 20.66 -3.17
N TYR F 200 -35.76 20.13 -4.36
CA TYR F 200 -34.68 19.83 -5.29
C TYR F 200 -34.76 20.76 -6.48
N GLU F 201 -33.65 21.42 -6.77
CA GLU F 201 -33.61 22.27 -7.94
C GLU F 201 -33.36 21.40 -9.15
N ASP F 202 -33.77 21.88 -10.31
CA ASP F 202 -33.41 21.20 -11.54
C ASP F 202 -33.52 22.15 -12.69
N VAL F 203 -33.10 21.69 -13.86
CA VAL F 203 -33.30 22.42 -15.08
C VAL F 203 -34.32 21.62 -15.88
N GLU F 204 -35.37 22.28 -16.32
CA GLU F 204 -36.34 21.65 -17.19
C GLU F 204 -35.98 22.02 -18.62
N VAL F 205 -35.57 21.03 -19.40
CA VAL F 205 -35.19 21.26 -20.78
C VAL F 205 -36.37 20.89 -21.68
N SER F 206 -36.86 21.88 -22.42
CA SER F 206 -38.01 21.64 -23.29
C SER F 206 -37.55 21.55 -24.73
N LEU F 207 -37.61 20.35 -25.29
CA LEU F 207 -37.18 20.10 -26.66
C LEU F 207 -38.38 20.10 -27.59
N ASN F 208 -38.53 21.18 -28.34
CA ASN F 208 -39.59 21.28 -29.35
C ASN F 208 -39.00 20.92 -30.71
N PHE F 209 -39.47 19.81 -31.27
CA PHE F 209 -38.92 19.26 -32.49
C PHE F 209 -40.02 18.63 -33.34
N ARG F 210 -39.71 18.33 -34.60
CA ARG F 210 -40.68 17.67 -35.47
C ARG F 210 -39.98 16.85 -36.55
N LYS F 211 -40.73 15.92 -37.14
CA LYS F 211 -40.25 15.15 -38.28
C LYS F 211 -39.90 16.13 -39.41
N LYS F 212 -38.77 15.86 -40.07
CA LYS F 212 -38.26 16.76 -41.10
C LYS F 212 -38.81 16.36 -42.47
N GLY F 213 -39.12 17.36 -43.30
CA GLY F 213 -39.63 17.13 -44.65
C GLY F 213 -40.81 16.19 -44.68
N ARG F 214 -41.81 16.44 -43.82
CA ARG F 214 -42.95 15.54 -43.73
C ARG F 214 -43.90 15.75 -44.91
N SER F 215 -44.34 14.65 -45.52
CA SER F 215 -45.36 14.73 -46.56
C SER F 215 -46.73 14.93 -45.93
N GLU F 216 -47.40 16.01 -46.33
CA GLU F 216 -48.65 16.43 -45.72
C GLU F 216 -49.84 16.29 -46.66
N ILE F 217 -51.04 16.46 -46.11
CA ILE F 217 -52.24 16.64 -46.91
C ILE F 217 -52.71 18.10 -46.79
N LEU F 218 -52.67 18.83 -47.90
CA LEU F 218 -52.97 20.25 -47.89
C LEU F 218 -54.42 20.53 -48.29
N ASP G 1 -27.99 20.69 12.21
CA ASP G 1 -28.26 22.11 12.01
C ASP G 1 -28.22 22.41 10.52
N TYR G 2 -29.37 22.72 9.92
CA TYR G 2 -29.42 22.98 8.49
C TYR G 2 -28.58 24.23 8.13
N LYS G 3 -28.40 25.13 9.10
CA LYS G 3 -27.57 26.31 8.92
C LYS G 3 -26.11 25.93 8.61
N ASP G 4 -25.73 24.73 9.04
CA ASP G 4 -24.36 24.25 8.90
C ASP G 4 -24.21 23.16 7.85
N ASP G 5 -25.22 23.01 6.99
CA ASP G 5 -25.16 21.98 5.95
C ASP G 5 -23.98 22.19 5.01
N ASP G 6 -23.69 23.44 4.66
CA ASP G 6 -22.67 23.73 3.67
C ASP G 6 -21.26 23.99 4.24
N ASP G 7 -21.04 23.58 5.48
CA ASP G 7 -19.69 23.62 6.07
C ASP G 7 -18.87 22.48 5.47
N LYS G 8 -18.02 22.76 4.49
CA LYS G 8 -17.41 21.69 3.70
C LYS G 8 -16.51 20.78 4.54
N LEU G 9 -15.72 21.40 5.41
CA LEU G 9 -14.82 20.64 6.26
C LEU G 9 -15.59 19.70 7.18
N ASP G 10 -16.73 20.17 7.70
CA ASP G 10 -17.61 19.32 8.48
C ASP G 10 -18.06 18.08 7.68
N ARG G 11 -18.42 18.31 6.43
CA ARG G 11 -18.90 17.20 5.59
C ARG G 11 -17.78 16.20 5.33
N ALA G 12 -16.57 16.69 5.07
CA ALA G 12 -15.43 15.81 4.82
C ALA G 12 -15.14 15.00 6.07
N ASP G 13 -15.31 15.60 7.25
CA ASP G 13 -15.01 14.90 8.49
C ASP G 13 -16.06 13.85 8.79
N ILE G 14 -17.31 14.16 8.47
CA ILE G 14 -18.38 13.19 8.67
C ILE G 14 -18.17 11.97 7.75
N LEU G 15 -17.82 12.24 6.50
CA LEU G 15 -17.56 11.16 5.54
C LEU G 15 -16.41 10.27 6.03
N TYR G 16 -15.34 10.90 6.47
CA TYR G 16 -14.23 10.21 7.15
C TYR G 16 -14.73 9.37 8.33
N ASN G 17 -15.50 9.99 9.22
CA ASN G 17 -16.06 9.25 10.36
C ASN G 17 -16.89 8.05 9.93
N ILE G 18 -17.77 8.27 8.97
CA ILE G 18 -18.59 7.19 8.44
C ILE G 18 -17.70 6.08 7.91
N ARG G 19 -16.67 6.44 7.15
CA ARG G 19 -15.80 5.42 6.55
C ARG G 19 -14.95 4.67 7.58
N GLN G 20 -14.55 5.33 8.66
CA GLN G 20 -13.84 4.65 9.74
C GLN G 20 -14.72 3.64 10.48
N THR G 21 -15.99 3.98 10.67
CA THR G 21 -16.91 3.15 11.45
C THR G 21 -17.61 2.07 10.62
N SER G 22 -17.88 2.38 9.36
CA SER G 22 -18.70 1.51 8.52
C SER G 22 -18.06 0.13 8.30
N ARG G 23 -18.88 -0.90 8.42
CA ARG G 23 -18.50 -2.24 7.99
C ARG G 23 -19.40 -2.65 6.83
N PRO G 24 -18.97 -2.36 5.60
CA PRO G 24 -19.83 -2.58 4.41
C PRO G 24 -20.29 -4.03 4.25
N ASP G 25 -19.57 -5.00 4.81
CA ASP G 25 -19.96 -6.39 4.60
C ASP G 25 -20.61 -7.06 5.81
N VAL G 26 -20.83 -6.31 6.88
CA VAL G 26 -21.45 -6.88 8.09
C VAL G 26 -22.84 -6.26 8.36
N ILE G 27 -23.87 -7.09 8.57
CA ILE G 27 -25.19 -6.52 8.79
C ILE G 27 -25.17 -5.67 10.05
N PRO G 28 -25.79 -4.49 10.00
CA PRO G 28 -25.74 -3.56 11.13
C PRO G 28 -26.77 -3.97 12.17
N THR G 29 -26.62 -5.17 12.74
CA THR G 29 -27.58 -5.64 13.73
C THR G 29 -27.35 -4.90 15.02
N GLN G 30 -28.45 -4.41 15.58
CA GLN G 30 -28.40 -3.59 16.76
C GLN G 30 -29.15 -4.31 17.86
N ARG G 31 -28.53 -4.41 19.04
CA ARG G 31 -29.16 -4.96 20.22
C ARG G 31 -29.70 -6.38 19.98
N ASP G 32 -28.97 -7.18 19.21
CA ASP G 32 -29.39 -8.54 18.83
C ASP G 32 -30.80 -8.64 18.23
N ARG G 33 -31.14 -7.71 17.35
CA ARG G 33 -32.42 -7.74 16.64
C ARG G 33 -32.18 -7.77 15.12
N PRO G 34 -33.17 -8.22 14.34
CA PRO G 34 -32.94 -8.16 12.89
C PRO G 34 -32.75 -6.72 12.45
N VAL G 35 -32.08 -6.53 11.33
CA VAL G 35 -32.03 -5.22 10.69
C VAL G 35 -33.37 -4.98 10.05
N ALA G 36 -34.06 -3.93 10.50
CA ALA G 36 -35.32 -3.52 9.91
C ALA G 36 -35.08 -2.71 8.64
N VAL G 37 -35.30 -3.33 7.49
CA VAL G 37 -35.18 -2.65 6.21
C VAL G 37 -36.56 -2.26 5.67
N SER G 38 -36.80 -0.97 5.45
CA SER G 38 -38.07 -0.54 4.86
C SER G 38 -37.90 -0.30 3.38
N VAL G 39 -38.83 -0.86 2.60
CA VAL G 39 -38.78 -0.75 1.15
C VAL G 39 -40.13 -0.33 0.58
N SER G 40 -40.10 0.62 -0.34
CA SER G 40 -41.29 1.06 -1.05
C SER G 40 -40.90 1.34 -2.49
N LEU G 41 -41.56 0.66 -3.43
CA LEU G 41 -41.30 0.91 -4.85
C LEU G 41 -42.22 1.98 -5.38
N LYS G 42 -41.65 3.02 -5.99
CA LYS G 42 -42.44 4.03 -6.67
C LYS G 42 -42.26 3.85 -8.16
N PHE G 43 -43.30 3.36 -8.84
CA PHE G 43 -43.20 3.11 -10.27
C PHE G 43 -43.20 4.42 -11.03
N ILE G 44 -42.28 4.54 -11.98
CA ILE G 44 -42.16 5.74 -12.79
C ILE G 44 -42.67 5.53 -14.22
N ASN G 45 -42.31 4.38 -14.79
CA ASN G 45 -42.63 4.07 -16.18
C ASN G 45 -42.83 2.56 -16.36
N ILE G 46 -43.84 2.20 -17.14
CA ILE G 46 -44.01 0.83 -17.59
C ILE G 46 -43.66 0.81 -19.07
N LEU G 47 -42.49 0.27 -19.38
CA LEU G 47 -41.92 0.42 -20.72
C LEU G 47 -42.50 -0.55 -21.74
N GLU G 48 -42.73 -1.78 -21.29
CA GLU G 48 -43.15 -2.83 -22.20
C GLU G 48 -43.92 -3.88 -21.44
N VAL G 49 -45.00 -4.33 -22.04
CA VAL G 49 -45.82 -5.39 -21.50
C VAL G 49 -45.95 -6.45 -22.60
N ASN G 50 -45.39 -7.63 -22.36
CA ASN G 50 -45.46 -8.70 -23.35
C ASN G 50 -46.52 -9.72 -22.93
N GLU G 51 -47.68 -9.65 -23.58
CA GLU G 51 -48.81 -10.52 -23.26
C GLU G 51 -48.56 -11.97 -23.66
N ILE G 52 -47.67 -12.18 -24.61
CA ILE G 52 -47.32 -13.54 -25.02
C ILE G 52 -46.59 -14.26 -23.91
N THR G 53 -45.59 -13.59 -23.35
CA THR G 53 -44.61 -14.22 -22.47
C THR G 53 -44.82 -13.94 -20.99
N ASN G 54 -45.83 -13.11 -20.69
CA ASN G 54 -46.11 -12.67 -19.32
C ASN G 54 -44.92 -11.97 -18.71
N GLU G 55 -44.42 -10.94 -19.40
CA GLU G 55 -43.27 -10.17 -18.93
C GLU G 55 -43.59 -8.68 -18.96
N VAL G 56 -43.01 -7.93 -18.03
CA VAL G 56 -43.11 -6.47 -18.00
C VAL G 56 -41.71 -5.89 -17.85
N ASP G 57 -41.53 -4.71 -18.42
CA ASP G 57 -40.25 -3.99 -18.36
C ASP G 57 -40.60 -2.65 -17.74
N VAL G 58 -40.11 -2.41 -16.53
CA VAL G 58 -40.54 -1.24 -15.76
C VAL G 58 -39.37 -0.43 -15.18
N VAL G 59 -39.65 0.83 -14.86
CA VAL G 59 -38.71 1.66 -14.11
C VAL G 59 -39.35 2.11 -12.83
N PHE G 60 -38.68 1.89 -11.71
CA PHE G 60 -39.20 2.29 -10.41
C PHE G 60 -38.09 2.87 -9.55
N TRP G 61 -38.47 3.73 -8.60
CA TRP G 61 -37.52 4.22 -7.61
C TRP G 61 -37.68 3.35 -6.38
N GLN G 62 -36.62 2.67 -6.01
CA GLN G 62 -36.67 1.74 -4.90
C GLN G 62 -36.33 2.49 -3.63
N GLN G 63 -37.35 3.08 -3.01
CA GLN G 63 -37.16 3.82 -1.76
C GLN G 63 -36.79 2.85 -0.67
N THR G 64 -35.57 2.99 -0.15
CA THR G 64 -35.05 2.02 0.80
C THR G 64 -34.44 2.72 2.00
N THR G 65 -34.70 2.20 3.20
CA THR G 65 -34.11 2.80 4.39
C THR G 65 -33.94 1.80 5.50
N TRP G 66 -32.94 2.05 6.33
CA TRP G 66 -32.60 1.22 7.47
C TRP G 66 -31.74 2.09 8.39
N SER G 67 -31.45 1.59 9.58
CA SER G 67 -30.65 2.35 10.53
CA SER G 67 -30.64 2.35 10.51
C SER G 67 -29.35 1.63 10.85
N ASP G 68 -28.28 2.42 11.03
CA ASP G 68 -27.05 1.94 11.64
C ASP G 68 -26.58 3.05 12.58
N ARG G 69 -26.89 2.90 13.86
CA ARG G 69 -26.65 3.95 14.84
C ARG G 69 -25.18 4.19 15.12
N THR G 70 -24.33 3.23 14.73
CA THR G 70 -22.90 3.41 14.88
C THR G 70 -22.44 4.51 13.94
N LEU G 71 -23.24 4.83 12.92
CA LEU G 71 -22.89 5.90 11.98
C LEU G 71 -23.29 7.29 12.48
N ALA G 72 -24.11 7.33 13.54
CA ALA G 72 -24.71 8.58 14.01
C ALA G 72 -23.66 9.56 14.51
N TRP G 73 -23.97 10.85 14.42
CA TRP G 73 -23.12 11.89 15.00
C TRP G 73 -23.97 13.02 15.57
N ASN G 74 -23.34 13.85 16.39
CA ASN G 74 -24.00 15.01 16.96
C ASN G 74 -24.06 16.15 15.94
N SER G 75 -25.26 16.46 15.46
CA SER G 75 -25.39 17.49 14.42
C SER G 75 -25.92 18.83 14.95
N SER G 76 -25.76 19.06 16.25
CA SER G 76 -26.18 20.34 16.83
C SER G 76 -25.48 21.53 16.17
N HIS G 77 -24.25 21.35 15.71
CA HIS G 77 -23.58 22.42 14.95
C HIS G 77 -22.85 21.89 13.73
N SER G 78 -23.49 20.99 12.99
CA SER G 78 -22.85 20.41 11.83
C SER G 78 -23.94 19.88 10.91
N PRO G 79 -23.55 19.43 9.69
CA PRO G 79 -24.61 18.96 8.78
C PRO G 79 -25.48 17.83 9.35
N ASP G 80 -26.77 17.89 9.01
CA ASP G 80 -27.75 16.86 9.38
C ASP G 80 -27.62 15.60 8.55
N GLN G 81 -27.13 15.75 7.32
CA GLN G 81 -27.01 14.65 6.36
C GLN G 81 -25.83 14.85 5.43
N VAL G 82 -25.28 13.77 4.89
CA VAL G 82 -24.37 13.84 3.75
C VAL G 82 -24.66 12.72 2.74
N SER G 83 -24.18 12.89 1.53
CA SER G 83 -24.25 11.86 0.51
C SER G 83 -22.99 11.04 0.55
N VAL G 84 -23.13 9.73 0.43
CA VAL G 84 -22.03 8.78 0.61
C VAL G 84 -22.12 7.74 -0.51
N PRO G 85 -20.99 7.41 -1.17
CA PRO G 85 -21.01 6.34 -2.19
C PRO G 85 -21.40 5.03 -1.52
N ILE G 86 -22.29 4.25 -2.12
CA ILE G 86 -22.80 3.08 -1.40
C ILE G 86 -21.72 2.02 -1.22
N SER G 87 -20.65 2.10 -2.01
CA SER G 87 -19.50 1.23 -1.78
C SER G 87 -18.88 1.44 -0.38
N SER G 88 -19.09 2.61 0.22
CA SER G 88 -18.61 2.84 1.60
C SER G 88 -19.51 2.29 2.70
N LEU G 89 -20.68 1.76 2.31
CA LEU G 89 -21.70 1.39 3.30
C LEU G 89 -22.18 -0.04 3.14
N TRP G 90 -22.66 -0.61 4.24
CA TRP G 90 -23.49 -1.79 4.12
C TRP G 90 -24.82 -1.40 3.48
N VAL G 91 -25.24 -2.18 2.48
CA VAL G 91 -26.54 -2.03 1.84
C VAL G 91 -27.20 -3.42 1.88
N PRO G 92 -28.51 -3.50 2.12
CA PRO G 92 -29.17 -4.82 2.14
C PRO G 92 -29.01 -5.54 0.82
N ASP G 93 -28.79 -6.85 0.88
CA ASP G 93 -28.63 -7.63 -0.35
C ASP G 93 -30.00 -7.98 -0.96
N LEU G 94 -30.78 -6.96 -1.30
CA LEU G 94 -32.11 -7.16 -1.88
C LEU G 94 -32.06 -7.71 -3.30
N ALA G 95 -33.03 -8.56 -3.61
CA ALA G 95 -33.21 -9.07 -4.95
C ALA G 95 -34.70 -9.31 -5.18
N ALA G 96 -35.12 -9.16 -6.44
CA ALA G 96 -36.48 -9.48 -6.83
C ALA G 96 -36.54 -10.95 -7.23
N TYR G 97 -37.37 -11.73 -6.53
CA TYR G 97 -37.33 -13.18 -6.68
C TYR G 97 -37.88 -13.60 -8.06
N ASN G 98 -38.68 -12.74 -8.70
CA ASN G 98 -39.16 -13.03 -10.05
C ASN G 98 -38.58 -12.11 -11.15
N ALA G 99 -37.42 -11.51 -10.89
CA ALA G 99 -36.74 -10.76 -11.94
C ALA G 99 -36.20 -11.70 -13.01
N ILE G 100 -36.22 -11.24 -14.26
CA ILE G 100 -35.65 -12.02 -15.37
C ILE G 100 -34.60 -11.22 -16.12
N SER G 101 -34.19 -10.09 -15.55
CA SER G 101 -33.06 -9.32 -16.05
C SER G 101 -32.35 -8.67 -14.86
N LYS G 102 -31.11 -8.22 -15.04
CA LYS G 102 -30.39 -7.54 -13.98
C LYS G 102 -31.11 -6.24 -13.63
N PRO G 103 -31.05 -5.84 -12.35
CA PRO G 103 -31.54 -4.50 -12.07
C PRO G 103 -30.56 -3.51 -12.70
N GLU G 104 -31.01 -2.70 -13.63
CA GLU G 104 -30.11 -1.71 -14.19
C GLU G 104 -30.31 -0.42 -13.44
N VAL G 105 -29.24 0.08 -12.82
CA VAL G 105 -29.37 1.31 -12.02
C VAL G 105 -29.12 2.51 -12.91
N LEU G 106 -30.09 3.43 -12.98
CA LEU G 106 -29.98 4.55 -13.91
C LEU G 106 -29.42 5.82 -13.25
N THR G 107 -29.15 5.73 -11.96
CA THR G 107 -28.82 6.91 -11.16
C THR G 107 -27.50 6.81 -10.42
N PRO G 108 -26.92 7.96 -10.04
CA PRO G 108 -25.68 7.90 -9.23
C PRO G 108 -25.85 7.02 -8.01
N GLN G 109 -24.86 6.16 -7.74
CA GLN G 109 -24.97 5.21 -6.62
C GLN G 109 -24.49 5.83 -5.30
N LEU G 110 -25.31 6.75 -4.80
CA LEU G 110 -25.08 7.45 -3.54
C LEU G 110 -26.27 7.23 -2.63
N ALA G 111 -26.00 7.11 -1.33
CA ALA G 111 -27.03 7.12 -0.32
C ALA G 111 -26.91 8.41 0.49
N ARG G 112 -27.96 8.75 1.23
CA ARG G 112 -27.85 9.76 2.26
C ARG G 112 -27.66 9.10 3.61
N VAL G 113 -26.71 9.59 4.40
CA VAL G 113 -26.60 9.14 5.79
C VAL G 113 -27.02 10.33 6.67
N VAL G 114 -28.00 10.09 7.52
CA VAL G 114 -28.59 11.08 8.43
C VAL G 114 -27.86 11.00 9.77
N SER G 115 -27.79 12.12 10.49
CA SER G 115 -27.00 12.17 11.72
C SER G 115 -27.53 11.24 12.84
N ASP G 116 -28.77 10.76 12.71
CA ASP G 116 -29.25 9.78 13.70
C ASP G 116 -28.93 8.34 13.29
N GLY G 117 -28.18 8.16 12.20
CA GLY G 117 -27.81 6.83 11.76
C GLY G 117 -28.74 6.22 10.72
N GLU G 118 -29.79 6.96 10.36
CA GLU G 118 -30.63 6.52 9.25
C GLU G 118 -29.89 6.60 7.92
N VAL G 119 -30.10 5.60 7.08
CA VAL G 119 -29.54 5.59 5.75
C VAL G 119 -30.66 5.57 4.73
N LEU G 120 -30.60 6.47 3.75
CA LEU G 120 -31.63 6.52 2.73
C LEU G 120 -30.98 6.16 1.42
N TYR G 121 -31.57 5.20 0.71
CA TYR G 121 -31.02 4.77 -0.57
C TYR G 121 -32.19 4.62 -1.56
N MET G 122 -32.06 5.20 -2.75
CA MET G 122 -33.19 5.20 -3.67
C MET G 122 -32.70 5.20 -5.12
N PRO G 123 -32.27 4.03 -5.59
CA PRO G 123 -31.86 3.90 -6.98
C PRO G 123 -33.08 3.95 -7.91
N SER G 124 -32.95 4.56 -9.07
CA SER G 124 -33.90 4.33 -10.15
C SER G 124 -33.44 3.10 -10.89
N ILE G 125 -34.32 2.11 -10.93
CA ILE G 125 -33.97 0.81 -11.48
C ILE G 125 -34.88 0.45 -12.65
N ARG G 126 -34.28 0.12 -13.78
CA ARG G 126 -35.02 -0.52 -14.84
C ARG G 126 -34.78 -2.02 -14.76
N GLN G 127 -35.85 -2.81 -14.80
CA GLN G 127 -35.76 -4.26 -14.67
C GLN G 127 -36.96 -4.95 -15.30
N ARG G 128 -36.75 -6.19 -15.73
CA ARG G 128 -37.83 -7.01 -16.30
C ARG G 128 -38.26 -8.10 -15.35
N PHE G 129 -39.56 -8.39 -15.34
CA PHE G 129 -40.13 -9.37 -14.44
C PHE G 129 -41.03 -10.34 -15.15
N SER G 130 -41.10 -11.55 -14.61
CA SER G 130 -42.13 -12.50 -15.04
C SER G 130 -43.29 -12.37 -14.07
N CYS G 131 -44.47 -12.03 -14.58
CA CYS G 131 -45.61 -11.84 -13.73
C CYS G 131 -46.88 -11.87 -14.56
N ASP G 132 -48.03 -11.84 -13.88
CA ASP G 132 -49.32 -12.00 -14.55
C ASP G 132 -49.75 -10.74 -15.26
N VAL G 133 -49.73 -10.77 -16.58
CA VAL G 133 -50.00 -9.61 -17.39
C VAL G 133 -51.45 -9.65 -17.93
N SER G 134 -52.15 -10.74 -17.64
CA SER G 134 -53.52 -10.89 -18.15
C SER G 134 -54.45 -9.82 -17.58
N GLY G 135 -55.31 -9.29 -18.43
CA GLY G 135 -56.25 -8.26 -18.04
C GLY G 135 -55.76 -6.84 -18.27
N VAL G 136 -54.53 -6.70 -18.76
CA VAL G 136 -53.93 -5.36 -18.95
C VAL G 136 -54.76 -4.47 -19.89
N ASP G 137 -55.49 -5.08 -20.81
CA ASP G 137 -56.29 -4.31 -21.76
C ASP G 137 -57.78 -4.32 -21.38
N THR G 138 -58.05 -4.46 -20.09
CA THR G 138 -59.41 -4.44 -19.56
C THR G 138 -59.52 -3.35 -18.51
N GLU G 139 -60.74 -2.99 -18.13
CA GLU G 139 -60.95 -1.88 -17.19
C GLU G 139 -60.33 -2.14 -15.81
N SER G 140 -60.35 -3.39 -15.35
CA SER G 140 -59.84 -3.71 -14.03
C SER G 140 -58.33 -3.99 -14.08
N GLY G 141 -57.81 -4.06 -15.30
CA GLY G 141 -56.37 -4.10 -15.53
C GLY G 141 -55.67 -5.38 -15.11
N ALA G 142 -54.35 -5.40 -15.29
CA ALA G 142 -53.51 -6.52 -14.88
C ALA G 142 -52.96 -6.27 -13.48
N THR G 143 -52.61 -7.35 -12.77
CA THR G 143 -51.96 -7.23 -11.48
C THR G 143 -50.63 -7.98 -11.52
N CYS G 144 -49.55 -7.22 -11.60
CA CYS G 144 -48.21 -7.77 -11.71
C CYS G 144 -47.54 -7.78 -10.33
N ARG G 145 -47.25 -8.96 -9.81
CA ARG G 145 -46.67 -9.05 -8.47
C ARG G 145 -45.16 -9.23 -8.54
N ILE G 146 -44.47 -8.41 -7.76
CA ILE G 146 -43.02 -8.45 -7.66
C ILE G 146 -42.63 -8.73 -6.21
N LYS G 147 -41.89 -9.82 -5.99
CA LYS G 147 -41.44 -10.19 -4.65
C LYS G 147 -39.99 -9.79 -4.45
N ILE G 148 -39.76 -8.99 -3.42
CA ILE G 148 -38.42 -8.48 -3.11
C ILE G 148 -38.03 -8.81 -1.69
N GLY G 149 -36.86 -9.42 -1.53
CA GLY G 149 -36.33 -9.73 -0.21
C GLY G 149 -34.83 -9.87 -0.22
N SER G 150 -34.26 -10.10 0.96
CA SER G 150 -32.84 -10.39 1.10
C SER G 150 -32.53 -11.68 0.37
N TRP G 151 -31.41 -11.69 -0.35
CA TRP G 151 -31.00 -12.90 -1.04
C TRP G 151 -30.40 -13.94 -0.09
N THR G 152 -29.72 -13.49 0.96
CA THR G 152 -28.98 -14.46 1.77
C THR G 152 -29.23 -14.35 3.29
N HIS G 153 -30.02 -13.37 3.69
CA HIS G 153 -30.26 -13.18 5.13
C HIS G 153 -31.69 -13.56 5.50
N HIS G 154 -31.84 -14.51 6.42
CA HIS G 154 -33.18 -14.90 6.86
C HIS G 154 -33.77 -13.88 7.86
N SER G 155 -34.99 -14.14 8.33
CA SER G 155 -35.83 -13.13 8.97
C SER G 155 -35.25 -12.69 10.31
N ARG G 156 -34.42 -13.53 10.90
CA ARG G 156 -33.78 -13.18 12.15
C ARG G 156 -32.61 -12.21 11.98
N GLU G 157 -32.18 -12.01 10.73
CA GLU G 157 -31.02 -11.16 10.46
C GLU G 157 -31.49 -9.88 9.80
N ILE G 158 -32.41 -10.05 8.86
CA ILE G 158 -33.04 -8.94 8.16
C ILE G 158 -34.55 -9.15 8.06
N SER G 159 -35.31 -8.18 8.51
CA SER G 159 -36.74 -8.13 8.19
C SER G 159 -36.93 -7.08 7.11
N VAL G 160 -37.66 -7.44 6.06
CA VAL G 160 -37.90 -6.52 4.94
C VAL G 160 -39.35 -6.09 4.96
N ASP G 161 -39.60 -4.85 5.35
CA ASP G 161 -40.95 -4.38 5.61
C ASP G 161 -41.41 -3.30 4.65
N PRO G 162 -42.66 -3.37 4.20
CA PRO G 162 -43.22 -2.35 3.31
C PRO G 162 -43.40 -1.03 4.05
N THR G 163 -43.17 0.08 3.37
CA THR G 163 -43.40 1.39 3.94
C THR G 163 -44.89 1.70 3.80
N THR G 164 -45.21 2.77 3.07
CA THR G 164 -46.61 3.04 2.72
C THR G 164 -47.12 1.83 1.96
N GLU G 165 -48.34 1.39 2.26
CA GLU G 165 -48.82 0.11 1.73
C GLU G 165 -49.78 0.21 0.53
N ASN G 166 -50.51 1.33 0.41
CA ASN G 166 -51.26 1.62 -0.83
C ASN G 166 -51.10 3.02 -1.43
N SER G 167 -51.10 3.06 -2.76
CA SER G 167 -50.88 4.30 -3.51
C SER G 167 -51.06 4.05 -5.01
N ASP G 168 -51.33 5.10 -5.76
CA ASP G 168 -51.27 5.04 -7.21
C ASP G 168 -50.05 5.85 -7.68
N ASP G 169 -49.13 6.06 -6.75
CA ASP G 169 -47.90 6.82 -6.98
CA ASP G 169 -47.93 6.92 -6.88
C ASP G 169 -48.07 7.97 -7.98
N SER G 170 -49.02 8.87 -7.72
CA SER G 170 -49.37 9.94 -8.65
C SER G 170 -48.28 10.99 -8.83
N GLU G 171 -47.46 11.21 -7.80
CA GLU G 171 -46.35 12.16 -7.89
C GLU G 171 -45.19 11.58 -8.69
N TYR G 172 -45.23 10.26 -8.93
CA TYR G 172 -44.09 9.55 -9.49
C TYR G 172 -44.33 9.02 -10.91
N PHE G 173 -45.50 8.43 -11.14
CA PHE G 173 -45.73 7.76 -12.42
C PHE G 173 -45.91 8.76 -13.54
N SER G 174 -45.27 8.49 -14.67
CA SER G 174 -45.29 9.39 -15.81
C SER G 174 -46.69 9.53 -16.44
N GLN G 175 -47.12 10.77 -16.66
CA GLN G 175 -48.40 11.04 -17.30
C GLN G 175 -48.36 10.68 -18.77
N TYR G 176 -47.15 10.51 -19.31
CA TYR G 176 -47.00 10.22 -20.73
C TYR G 176 -46.91 8.72 -21.02
N SER G 177 -46.91 7.91 -19.97
CA SER G 177 -46.96 6.47 -20.19
C SER G 177 -48.22 6.08 -20.99
N ARG G 178 -48.14 4.99 -21.74
CA ARG G 178 -49.35 4.52 -22.40
C ARG G 178 -50.13 3.64 -21.40
N PHE G 179 -49.56 3.45 -20.21
CA PHE G 179 -50.29 2.71 -19.17
C PHE G 179 -50.68 3.65 -18.05
N GLU G 180 -51.65 3.23 -17.25
CA GLU G 180 -52.00 4.01 -16.08
C GLU G 180 -52.06 3.07 -14.89
N ILE G 181 -51.61 3.55 -13.75
CA ILE G 181 -51.65 2.75 -12.54
C ILE G 181 -52.99 2.93 -11.86
N LEU G 182 -53.61 1.80 -11.52
CA LEU G 182 -54.86 1.82 -10.78
C LEU G 182 -54.56 1.80 -9.30
N ASP G 183 -53.57 0.98 -8.94
CA ASP G 183 -53.28 0.71 -7.54
C ASP G 183 -51.93 0.02 -7.38
N VAL G 184 -51.19 0.42 -6.36
CA VAL G 184 -49.97 -0.29 -5.98
C VAL G 184 -50.07 -0.71 -4.52
N THR G 185 -50.03 -2.01 -4.30
CA THR G 185 -50.18 -2.58 -2.97
C THR G 185 -48.84 -3.19 -2.55
N GLN G 186 -48.43 -3.00 -1.31
CA GLN G 186 -47.18 -3.58 -0.84
C GLN G 186 -47.38 -4.25 0.52
N LYS G 187 -47.19 -5.56 0.57
CA LYS G 187 -47.50 -6.36 1.74
C LYS G 187 -46.32 -7.20 2.24
N LYS G 188 -46.24 -7.39 3.56
CA LYS G 188 -45.29 -8.32 4.14
C LYS G 188 -45.60 -9.71 3.64
N ASN G 189 -44.56 -10.47 3.38
CA ASN G 189 -44.73 -11.85 2.95
C ASN G 189 -43.55 -12.65 3.47
N SER G 190 -43.76 -13.92 3.71
CA SER G 190 -42.72 -14.77 4.26
C SER G 190 -42.54 -15.98 3.35
N VAL G 191 -41.29 -16.30 3.03
CA VAL G 191 -41.02 -17.35 2.06
C VAL G 191 -40.16 -18.44 2.67
N THR G 192 -40.58 -19.70 2.46
CA THR G 192 -39.81 -20.86 2.90
C THR G 192 -39.69 -21.88 1.75
N TYR G 193 -38.69 -22.75 1.83
CA TYR G 193 -38.50 -23.79 0.84
C TYR G 193 -38.29 -25.13 1.55
N SER G 194 -38.74 -26.23 0.94
CA SER G 194 -38.72 -27.52 1.64
C SER G 194 -37.28 -28.01 1.84
N CYS G 195 -36.37 -27.57 0.97
CA CYS G 195 -34.96 -27.91 1.10
C CYS G 195 -34.31 -27.35 2.37
N CYS G 196 -34.78 -26.19 2.81
CA CYS G 196 -33.99 -25.34 3.69
C CYS G 196 -34.77 -24.82 4.89
N PRO G 197 -34.11 -24.78 6.07
CA PRO G 197 -34.76 -24.45 7.35
C PRO G 197 -35.49 -23.10 7.42
N GLU G 198 -34.75 -22.00 7.41
CA GLU G 198 -35.26 -20.69 7.83
C GLU G 198 -36.35 -20.09 6.95
N ALA G 199 -36.90 -18.96 7.40
CA ALA G 199 -37.86 -18.19 6.60
C ALA G 199 -37.25 -16.86 6.20
N TYR G 200 -37.63 -16.39 5.00
CA TYR G 200 -37.12 -15.15 4.45
C TYR G 200 -38.26 -14.14 4.29
N GLU G 201 -38.11 -13.00 4.97
CA GLU G 201 -39.11 -11.94 4.86
C GLU G 201 -39.00 -11.27 3.50
N ASP G 202 -40.15 -10.91 2.93
CA ASP G 202 -40.12 -10.14 1.70
C ASP G 202 -41.30 -9.19 1.61
N VAL G 203 -41.21 -8.26 0.67
CA VAL G 203 -42.31 -7.38 0.37
CA VAL G 203 -42.33 -7.38 0.37
C VAL G 203 -42.92 -7.82 -0.96
N GLU G 204 -44.23 -8.02 -0.96
CA GLU G 204 -44.95 -8.36 -2.17
C GLU G 204 -45.57 -7.08 -2.69
N VAL G 205 -45.09 -6.67 -3.86
CA VAL G 205 -45.53 -5.45 -4.49
C VAL G 205 -46.50 -5.83 -5.59
N SER G 206 -47.76 -5.42 -5.45
CA SER G 206 -48.76 -5.75 -6.45
C SER G 206 -49.06 -4.53 -7.29
N LEU G 207 -48.60 -4.56 -8.54
CA LEU G 207 -48.80 -3.43 -9.45
C LEU G 207 -50.06 -3.67 -10.30
N ASN G 208 -51.12 -2.92 -10.01
CA ASN G 208 -52.38 -3.04 -10.74
C ASN G 208 -52.46 -1.87 -11.72
N PHE G 209 -52.43 -2.20 -13.00
CA PHE G 209 -52.32 -1.20 -14.05
C PHE G 209 -53.07 -1.66 -15.29
N ARG G 210 -53.28 -0.74 -16.22
CA ARG G 210 -53.99 -1.06 -17.45
C ARG G 210 -53.56 -0.13 -18.58
N LYS G 211 -53.74 -0.60 -19.81
CA LYS G 211 -53.52 0.21 -20.99
C LYS G 211 -54.54 1.35 -21.05
N LYS G 212 -54.08 2.54 -21.46
CA LYS G 212 -54.97 3.65 -21.78
C LYS G 212 -55.69 3.36 -23.12
N GLY G 213 -56.90 3.88 -23.28
CA GLY G 213 -57.64 3.70 -24.53
C GLY G 213 -57.71 2.26 -24.98
N ARG G 214 -58.38 1.43 -24.17
CA ARG G 214 -58.50 0.01 -24.43
C ARG G 214 -59.51 -0.26 -25.55
N SER G 215 -60.46 0.66 -25.72
CA SER G 215 -61.45 0.55 -26.78
C SER G 215 -60.93 1.17 -28.07
N GLU G 216 -60.65 0.34 -29.07
CA GLU G 216 -60.18 0.87 -30.34
C GLU G 216 -60.97 0.35 -31.54
N ILE G 217 -60.64 0.89 -32.72
CA ILE G 217 -61.22 0.44 -33.96
C ILE G 217 -60.37 -0.71 -34.53
N LEU G 218 -60.98 -1.90 -34.54
CA LEU G 218 -60.36 -3.21 -34.81
C LEU G 218 -59.49 -3.70 -33.66
N ASP H 1 -24.59 -20.38 17.97
CA ASP H 1 -26.00 -20.70 18.24
C ASP H 1 -26.94 -19.54 17.91
N TYR H 2 -28.22 -19.88 17.89
CA TYR H 2 -29.34 -19.01 17.50
C TYR H 2 -29.37 -17.63 18.18
N LYS H 3 -29.22 -17.62 19.50
CA LYS H 3 -29.41 -16.38 20.27
C LYS H 3 -28.29 -15.37 20.01
N ASP H 4 -27.15 -15.87 19.53
CA ASP H 4 -25.98 -15.02 19.34
C ASP H 4 -25.81 -14.61 17.87
N ASP H 5 -26.70 -15.09 17.01
CA ASP H 5 -26.64 -14.82 15.57
C ASP H 5 -26.54 -13.33 15.23
N ASP H 6 -27.25 -12.48 15.98
CA ASP H 6 -27.22 -11.05 15.69
C ASP H 6 -26.19 -10.26 16.50
N ASP H 7 -25.17 -10.93 17.04
CA ASP H 7 -24.07 -10.23 17.68
C ASP H 7 -23.13 -9.65 16.63
N LYS H 8 -23.17 -8.33 16.43
CA LYS H 8 -22.51 -7.75 15.25
C LYS H 8 -20.99 -7.88 15.30
N LEU H 9 -20.41 -7.63 16.47
CA LEU H 9 -18.95 -7.75 16.61
C LEU H 9 -18.55 -9.19 16.38
N ASP H 10 -19.36 -10.14 16.85
CA ASP H 10 -19.10 -11.55 16.58
C ASP H 10 -19.08 -11.80 15.05
N ARG H 11 -20.04 -11.22 14.35
CA ARG H 11 -20.11 -11.42 12.89
C ARG H 11 -18.89 -10.83 12.19
N ALA H 12 -18.47 -9.64 12.62
CA ALA H 12 -17.32 -8.97 12.03
C ALA H 12 -16.06 -9.78 12.25
N ASP H 13 -15.92 -10.37 13.45
CA ASP H 13 -14.77 -11.21 13.75
C ASP H 13 -14.76 -12.49 12.91
N ILE H 14 -15.92 -13.13 12.74
CA ILE H 14 -16.00 -14.31 11.89
C ILE H 14 -15.58 -13.99 10.45
N LEU H 15 -16.09 -12.87 9.93
CA LEU H 15 -15.70 -12.41 8.61
C LEU H 15 -14.17 -12.19 8.52
N TYR H 16 -13.60 -11.54 9.53
CA TYR H 16 -12.14 -11.37 9.61
C TYR H 16 -11.42 -12.71 9.63
N ASN H 17 -11.91 -13.65 10.44
CA ASN H 17 -11.30 -14.98 10.50
C ASN H 17 -11.33 -15.67 9.14
N ILE H 18 -12.49 -15.65 8.50
CA ILE H 18 -12.65 -16.24 7.17
C ILE H 18 -11.67 -15.61 6.20
N ARG H 19 -11.58 -14.29 6.21
CA ARG H 19 -10.69 -13.61 5.25
C ARG H 19 -9.22 -13.88 5.52
N GLN H 20 -8.87 -14.19 6.76
CA GLN H 20 -7.48 -14.52 7.08
CA GLN H 20 -7.48 -14.52 7.08
CA GLN H 20 -7.49 -14.53 7.09
C GLN H 20 -7.14 -15.94 6.63
N THR H 21 -8.08 -16.85 6.79
CA THR H 21 -7.90 -18.26 6.46
C THR H 21 -8.15 -18.55 4.98
N SER H 22 -9.13 -17.86 4.40
CA SER H 22 -9.52 -18.13 3.02
C SER H 22 -8.38 -17.98 2.00
N ARG H 23 -8.26 -18.97 1.12
CA ARG H 23 -7.43 -18.84 -0.08
C ARG H 23 -8.35 -18.86 -1.28
N PRO H 24 -8.75 -17.67 -1.76
CA PRO H 24 -9.75 -17.63 -2.84
C PRO H 24 -9.35 -18.36 -4.11
N ASP H 25 -8.04 -18.50 -4.36
CA ASP H 25 -7.58 -19.05 -5.63
C ASP H 25 -7.07 -20.49 -5.55
N VAL H 26 -7.15 -21.08 -4.36
CA VAL H 26 -6.68 -22.45 -4.14
C VAL H 26 -7.82 -23.41 -3.78
N ILE H 27 -7.90 -24.56 -4.46
CA ILE H 27 -8.97 -25.50 -4.17
C ILE H 27 -8.81 -26.03 -2.75
N PRO H 28 -9.92 -26.08 -1.99
CA PRO H 28 -9.81 -26.49 -0.59
C PRO H 28 -9.85 -28.01 -0.49
N THR H 29 -8.84 -28.66 -1.04
CA THR H 29 -8.76 -30.11 -0.93
C THR H 29 -8.41 -30.46 0.51
N GLN H 30 -9.33 -31.19 1.13
CA GLN H 30 -9.18 -31.70 2.48
C GLN H 30 -8.56 -33.07 2.31
N ARG H 31 -7.65 -33.46 3.21
CA ARG H 31 -6.94 -34.72 3.04
C ARG H 31 -6.22 -34.61 1.68
N ASP H 32 -6.05 -35.72 0.96
CA ASP H 32 -5.73 -35.62 -0.45
C ASP H 32 -6.88 -36.20 -1.27
N ARG H 33 -8.04 -35.58 -1.09
CA ARG H 33 -9.27 -35.95 -1.78
C ARG H 33 -9.84 -34.75 -2.53
N PRO H 34 -10.55 -35.02 -3.63
CA PRO H 34 -11.14 -33.92 -4.40
C PRO H 34 -12.14 -33.13 -3.57
N VAL H 35 -12.38 -31.91 -3.99
CA VAL H 35 -13.38 -31.08 -3.33
C VAL H 35 -14.73 -31.60 -3.79
N ALA H 36 -15.57 -32.01 -2.85
CA ALA H 36 -16.89 -32.51 -3.25
C ALA H 36 -17.88 -31.37 -3.38
N VAL H 37 -18.21 -31.05 -4.62
CA VAL H 37 -19.14 -29.98 -4.90
C VAL H 37 -20.51 -30.57 -5.23
N SER H 38 -21.54 -30.10 -4.54
CA SER H 38 -22.91 -30.51 -4.83
CA SER H 38 -22.91 -30.51 -4.83
C SER H 38 -23.64 -29.40 -5.58
N VAL H 39 -24.31 -29.75 -6.68
CA VAL H 39 -25.02 -28.72 -7.43
C VAL H 39 -26.36 -29.22 -7.97
N SER H 40 -27.33 -28.33 -7.98
CA SER H 40 -28.64 -28.64 -8.55
C SER H 40 -29.25 -27.35 -9.06
N LEU H 41 -29.84 -27.41 -10.23
CA LEU H 41 -30.44 -26.22 -10.82
C LEU H 41 -31.92 -26.23 -10.48
N LYS H 42 -32.43 -25.09 -10.05
CA LYS H 42 -33.86 -24.93 -9.87
C LYS H 42 -34.36 -23.98 -10.94
N PHE H 43 -35.08 -24.50 -11.94
CA PHE H 43 -35.52 -23.63 -13.01
C PHE H 43 -36.62 -22.70 -12.51
N ILE H 44 -36.53 -21.44 -12.90
CA ILE H 44 -37.51 -20.43 -12.52
C ILE H 44 -38.37 -20.10 -13.71
N ASN H 45 -37.74 -20.04 -14.88
CA ASN H 45 -38.44 -19.67 -16.10
C ASN H 45 -37.73 -20.11 -17.36
N ILE H 46 -38.52 -20.20 -18.41
CA ILE H 46 -38.08 -20.50 -19.74
C ILE H 46 -38.55 -19.36 -20.62
N LEU H 47 -37.62 -18.64 -21.21
CA LEU H 47 -37.90 -17.41 -21.95
C LEU H 47 -37.32 -17.47 -23.36
N GLU H 48 -37.83 -16.62 -24.24
CA GLU H 48 -37.17 -16.34 -25.52
C GLU H 48 -36.89 -17.60 -26.31
N VAL H 49 -37.88 -18.48 -26.40
CA VAL H 49 -37.74 -19.72 -27.14
C VAL H 49 -37.85 -19.49 -28.65
N ASN H 50 -36.80 -19.85 -29.38
CA ASN H 50 -36.72 -19.59 -30.81
C ASN H 50 -36.65 -20.90 -31.60
N GLU H 51 -37.79 -21.33 -32.11
CA GLU H 51 -37.92 -22.61 -32.79
C GLU H 51 -37.14 -22.62 -34.11
N ILE H 52 -36.97 -21.44 -34.71
CA ILE H 52 -36.23 -21.32 -35.96
C ILE H 52 -34.73 -21.54 -35.73
N THR H 53 -34.17 -20.93 -34.69
CA THR H 53 -32.73 -21.06 -34.43
C THR H 53 -32.34 -22.14 -33.41
N ASN H 54 -33.33 -22.86 -32.85
CA ASN H 54 -33.06 -23.90 -31.85
C ASN H 54 -32.34 -23.34 -30.60
N GLU H 55 -32.86 -22.24 -30.06
CA GLU H 55 -32.24 -21.60 -28.89
C GLU H 55 -33.28 -21.32 -27.82
N VAL H 56 -32.89 -21.46 -26.55
CA VAL H 56 -33.78 -21.06 -25.49
C VAL H 56 -33.03 -20.40 -24.32
N ASP H 57 -33.66 -19.38 -23.75
CA ASP H 57 -33.23 -18.74 -22.51
C ASP H 57 -33.84 -19.44 -21.32
N VAL H 58 -33.03 -19.69 -20.30
CA VAL H 58 -33.56 -20.19 -19.05
C VAL H 58 -33.09 -19.30 -17.90
N VAL H 59 -33.92 -19.20 -16.86
CA VAL H 59 -33.49 -18.61 -15.60
C VAL H 59 -33.53 -19.73 -14.58
N PHE H 60 -32.42 -19.90 -13.86
CA PHE H 60 -32.34 -20.94 -12.85
C PHE H 60 -31.53 -20.48 -11.64
N TRP H 61 -31.88 -21.02 -10.49
CA TRP H 61 -31.06 -20.80 -9.30
C TRP H 61 -30.10 -21.97 -9.21
N GLN H 62 -28.80 -21.68 -9.23
CA GLN H 62 -27.79 -22.73 -9.23
C GLN H 62 -27.41 -23.01 -7.77
N GLN H 63 -28.14 -23.92 -7.14
CA GLN H 63 -27.87 -24.31 -5.78
C GLN H 63 -26.52 -25.01 -5.72
N THR H 64 -25.57 -24.43 -4.99
CA THR H 64 -24.21 -24.94 -4.96
C THR H 64 -23.69 -25.02 -3.52
N THR H 65 -23.09 -26.14 -3.16
CA THR H 65 -22.51 -26.22 -1.83
C THR H 65 -21.28 -27.13 -1.83
N TRP H 66 -20.40 -26.86 -0.89
CA TRP H 66 -19.16 -27.61 -0.72
C TRP H 66 -18.68 -27.24 0.68
N SER H 67 -17.63 -27.87 1.15
CA SER H 67 -17.15 -27.49 2.45
C SER H 67 -15.66 -27.14 2.41
N ASP H 68 -15.28 -26.23 3.29
CA ASP H 68 -13.89 -25.96 3.59
C ASP H 68 -13.75 -25.86 5.09
N ARG H 69 -13.34 -26.95 5.71
CA ARG H 69 -13.28 -27.04 7.17
C ARG H 69 -12.28 -26.07 7.79
N THR H 70 -11.34 -25.55 7.01
CA THR H 70 -10.40 -24.57 7.55
C THR H 70 -11.16 -23.29 7.92
N LEU H 71 -12.34 -23.13 7.34
CA LEU H 71 -13.18 -21.96 7.61
C LEU H 71 -14.04 -22.14 8.87
N ALA H 72 -14.07 -23.34 9.42
CA ALA H 72 -14.97 -23.65 10.53
C ALA H 72 -14.60 -22.90 11.82
N TRP H 73 -15.60 -22.60 12.63
CA TRP H 73 -15.35 -22.01 13.94
C TRP H 73 -16.30 -22.57 14.99
N ASN H 74 -15.98 -22.29 16.25
CA ASN H 74 -16.76 -22.69 17.41
C ASN H 74 -17.96 -21.77 17.58
N SER H 75 -19.17 -22.25 17.27
CA SER H 75 -20.34 -21.39 17.34
C SER H 75 -21.18 -21.62 18.60
N SER H 76 -20.56 -22.20 19.63
CA SER H 76 -21.23 -22.42 20.93
C SER H 76 -21.82 -21.13 21.47
N HIS H 77 -21.11 -20.02 21.29
CA HIS H 77 -21.62 -18.73 21.72
C HIS H 77 -21.41 -17.64 20.68
N SER H 78 -21.65 -17.96 19.42
CA SER H 78 -21.44 -17.00 18.35
C SER H 78 -22.32 -17.39 17.16
N PRO H 79 -22.51 -16.47 16.18
CA PRO H 79 -23.42 -16.77 15.07
C PRO H 79 -23.10 -18.10 14.37
N ASP H 80 -24.15 -18.75 13.88
CA ASP H 80 -24.02 -20.05 13.20
C ASP H 80 -23.56 -19.93 11.76
N GLN H 81 -23.89 -18.79 11.14
CA GLN H 81 -23.66 -18.56 9.72
C GLN H 81 -23.45 -17.07 9.51
N VAL H 82 -22.70 -16.72 8.47
CA VAL H 82 -22.63 -15.32 8.04
C VAL H 82 -22.67 -15.26 6.49
N SER H 83 -23.09 -14.12 5.93
CA SER H 83 -22.97 -13.92 4.49
C SER H 83 -21.59 -13.36 4.18
N VAL H 84 -21.01 -13.78 3.07
CA VAL H 84 -19.64 -13.38 2.70
C VAL H 84 -19.62 -13.08 1.20
N PRO H 85 -19.03 -11.94 0.81
CA PRO H 85 -18.86 -11.68 -0.63
C PRO H 85 -18.05 -12.81 -1.23
N ILE H 86 -18.42 -13.30 -2.41
CA ILE H 86 -17.73 -14.46 -2.95
C ILE H 86 -16.28 -14.10 -3.33
N SER H 87 -16.00 -12.82 -3.54
CA SER H 87 -14.61 -12.42 -3.78
C SER H 87 -13.68 -12.76 -2.61
N SER H 88 -14.24 -12.91 -1.41
CA SER H 88 -13.42 -13.31 -0.27
C SER H 88 -13.23 -14.83 -0.17
N LEU H 89 -13.88 -15.59 -1.04
CA LEU H 89 -13.92 -17.05 -0.91
C LEU H 89 -13.39 -17.77 -2.14
N TRP H 90 -12.91 -18.99 -1.95
CA TRP H 90 -12.80 -19.89 -3.09
C TRP H 90 -14.22 -20.32 -3.45
N VAL H 91 -14.55 -20.21 -4.73
CA VAL H 91 -15.77 -20.81 -5.27
C VAL H 91 -15.39 -21.69 -6.46
N PRO H 92 -16.06 -22.85 -6.60
CA PRO H 92 -15.75 -23.72 -7.75
C PRO H 92 -15.91 -23.00 -9.08
N ASP H 93 -14.99 -23.25 -10.01
CA ASP H 93 -15.04 -22.61 -11.32
C ASP H 93 -16.05 -23.30 -12.23
N LEU H 94 -17.30 -23.32 -11.81
CA LEU H 94 -18.34 -24.03 -12.56
C LEU H 94 -18.71 -23.29 -13.84
N ALA H 95 -19.04 -24.06 -14.87
CA ALA H 95 -19.47 -23.49 -16.14
C ALA H 95 -20.44 -24.43 -16.80
N ALA H 96 -21.37 -23.86 -17.55
CA ALA H 96 -22.22 -24.63 -18.43
C ALA H 96 -21.46 -24.82 -19.73
N TYR H 97 -20.89 -26.01 -19.91
CA TYR H 97 -19.92 -26.27 -20.98
C TYR H 97 -20.48 -25.87 -22.35
N ASN H 98 -21.75 -26.17 -22.54
CA ASN H 98 -22.37 -26.04 -23.84
C ASN H 98 -23.21 -24.77 -24.01
N ALA H 99 -23.09 -23.82 -23.09
CA ALA H 99 -23.89 -22.59 -23.18
C ALA H 99 -23.49 -21.76 -24.41
N ILE H 100 -24.42 -20.94 -24.89
CA ILE H 100 -24.13 -20.08 -26.03
C ILE H 100 -24.24 -18.58 -25.74
N SER H 101 -24.37 -18.24 -24.46
CA SER H 101 -24.30 -16.85 -24.02
C SER H 101 -23.62 -16.80 -22.66
N LYS H 102 -23.15 -15.62 -22.24
CA LYS H 102 -22.57 -15.45 -20.90
C LYS H 102 -23.62 -15.75 -19.83
N PRO H 103 -23.20 -16.36 -18.71
CA PRO H 103 -24.17 -16.46 -17.62
C PRO H 103 -24.46 -15.06 -17.07
N GLU H 104 -25.72 -14.69 -16.99
CA GLU H 104 -26.11 -13.37 -16.51
CA GLU H 104 -26.10 -13.37 -16.52
C GLU H 104 -26.57 -13.53 -15.06
N VAL H 105 -25.73 -13.08 -14.12
CA VAL H 105 -26.05 -13.25 -12.70
C VAL H 105 -26.96 -12.13 -12.20
N LEU H 106 -28.12 -12.52 -11.67
CA LEU H 106 -29.20 -11.56 -11.38
C LEU H 106 -29.27 -11.15 -9.92
N THR H 107 -28.43 -11.76 -9.08
CA THR H 107 -28.53 -11.65 -7.63
C THR H 107 -27.22 -11.17 -7.00
N PRO H 108 -27.29 -10.63 -5.75
CA PRO H 108 -26.08 -10.25 -5.01
C PRO H 108 -25.10 -11.40 -4.89
N GLN H 109 -23.83 -11.14 -5.18
CA GLN H 109 -22.83 -12.21 -5.22
C GLN H 109 -22.28 -12.46 -3.83
N LEU H 110 -23.17 -12.99 -3.00
CA LEU H 110 -22.87 -13.39 -1.63
C LEU H 110 -23.05 -14.89 -1.45
N ALA H 111 -22.23 -15.48 -0.59
CA ALA H 111 -22.40 -16.88 -0.20
C ALA H 111 -22.67 -16.94 1.31
N ARG H 112 -23.19 -18.06 1.79
CA ARG H 112 -23.30 -18.26 3.22
C ARG H 112 -22.22 -19.20 3.65
N VAL H 113 -21.52 -18.84 4.70
CA VAL H 113 -20.55 -19.71 5.33
C VAL H 113 -21.13 -20.15 6.67
N VAL H 114 -21.21 -21.46 6.86
CA VAL H 114 -21.74 -22.08 8.08
C VAL H 114 -20.58 -22.42 9.00
N SER H 115 -20.82 -22.42 10.30
CA SER H 115 -19.75 -22.59 11.27
C SER H 115 -19.07 -23.96 11.19
N ASP H 116 -19.64 -24.91 10.46
CA ASP H 116 -18.95 -26.19 10.31
C ASP H 116 -18.11 -26.19 9.04
N GLY H 117 -18.02 -25.04 8.37
CA GLY H 117 -17.20 -24.93 7.18
C GLY H 117 -17.93 -25.17 5.86
N GLU H 118 -19.22 -25.48 5.91
CA GLU H 118 -20.01 -25.61 4.69
C GLU H 118 -20.20 -24.24 4.07
N VAL H 119 -20.15 -24.18 2.75
CA VAL H 119 -20.39 -22.94 2.03
C VAL H 119 -21.59 -23.12 1.11
N LEU H 120 -22.52 -22.19 1.15
CA LEU H 120 -23.68 -22.23 0.26
C LEU H 120 -23.69 -21.03 -0.66
N TYR H 121 -23.87 -21.28 -1.95
CA TYR H 121 -23.83 -20.24 -2.96
C TYR H 121 -24.95 -20.53 -3.96
N MET H 122 -25.79 -19.54 -4.23
CA MET H 122 -26.95 -19.77 -5.10
C MET H 122 -27.25 -18.56 -5.94
N PRO H 123 -26.51 -18.39 -7.04
CA PRO H 123 -26.80 -17.27 -7.94
C PRO H 123 -28.04 -17.55 -8.76
N SER H 124 -28.86 -16.53 -9.01
CA SER H 124 -29.85 -16.64 -10.07
C SER H 124 -29.17 -16.26 -11.39
N ILE H 125 -29.23 -17.18 -12.33
CA ILE H 125 -28.56 -17.04 -13.61
C ILE H 125 -29.55 -17.07 -14.78
N ARG H 126 -29.40 -16.11 -15.68
CA ARG H 126 -30.07 -16.19 -16.97
C ARG H 126 -29.03 -16.53 -18.02
N GLN H 127 -29.32 -17.51 -18.86
CA GLN H 127 -28.35 -17.98 -19.83
C GLN H 127 -29.02 -18.66 -21.02
N ARG H 128 -28.42 -18.54 -22.21
CA ARG H 128 -28.94 -19.14 -23.44
C ARG H 128 -28.27 -20.47 -23.74
N PHE H 129 -29.05 -21.37 -24.33
CA PHE H 129 -28.57 -22.68 -24.74
C PHE H 129 -29.14 -23.04 -26.10
N SER H 130 -28.42 -23.87 -26.83
CA SER H 130 -28.92 -24.49 -28.03
C SER H 130 -29.75 -25.73 -27.69
N CYS H 131 -30.98 -25.82 -28.19
CA CYS H 131 -31.85 -26.92 -27.79
C CYS H 131 -32.66 -27.45 -28.95
N ASP H 132 -33.19 -28.66 -28.78
CA ASP H 132 -34.12 -29.23 -29.74
C ASP H 132 -35.48 -28.62 -29.43
N VAL H 133 -35.80 -27.54 -30.14
CA VAL H 133 -37.03 -26.82 -29.91
C VAL H 133 -38.12 -27.23 -30.91
N SER H 134 -37.76 -28.06 -31.89
CA SER H 134 -38.72 -28.44 -32.95
C SER H 134 -40.04 -28.98 -32.42
N GLY H 135 -40.02 -29.66 -31.28
CA GLY H 135 -41.23 -30.28 -30.77
C GLY H 135 -41.91 -29.53 -29.65
N VAL H 136 -41.56 -28.26 -29.48
CA VAL H 136 -42.01 -27.51 -28.31
C VAL H 136 -43.55 -27.39 -28.24
N ASP H 137 -44.21 -27.39 -29.40
CA ASP H 137 -45.66 -27.28 -29.46
C ASP H 137 -46.35 -28.63 -29.54
N THR H 138 -45.59 -29.71 -29.34
CA THR H 138 -46.11 -31.06 -29.45
C THR H 138 -46.15 -31.69 -28.06
N GLU H 139 -46.80 -32.83 -27.91
CA GLU H 139 -47.06 -33.32 -26.55
C GLU H 139 -45.80 -33.83 -25.84
N SER H 140 -44.85 -34.39 -26.59
CA SER H 140 -43.60 -34.82 -25.99
C SER H 140 -42.62 -33.65 -25.77
N GLY H 141 -42.83 -32.53 -26.48
CA GLY H 141 -42.16 -31.28 -26.13
C GLY H 141 -40.74 -31.06 -26.64
N ALA H 142 -40.07 -30.08 -26.03
CA ALA H 142 -38.71 -29.72 -26.40
C ALA H 142 -37.72 -30.12 -25.32
N THR H 143 -36.43 -30.16 -25.67
CA THR H 143 -35.40 -30.64 -24.74
C THR H 143 -34.11 -29.82 -24.82
N CYS H 144 -33.71 -29.29 -23.67
CA CYS H 144 -32.36 -28.73 -23.50
C CYS H 144 -31.58 -29.67 -22.62
N ARG H 145 -30.31 -29.88 -22.93
CA ARG H 145 -29.42 -30.61 -22.04
C ARG H 145 -28.27 -29.70 -21.64
N ILE H 146 -28.18 -29.42 -20.35
CA ILE H 146 -27.18 -28.49 -19.83
C ILE H 146 -26.12 -29.26 -19.03
N LYS H 147 -24.86 -29.13 -19.42
CA LYS H 147 -23.77 -29.82 -18.73
C LYS H 147 -22.99 -28.83 -17.89
N ILE H 148 -22.99 -29.06 -16.58
CA ILE H 148 -22.36 -28.15 -15.65
C ILE H 148 -21.24 -28.86 -14.89
N GLY H 149 -20.01 -28.35 -15.01
CA GLY H 149 -18.86 -28.91 -14.32
C GLY H 149 -17.77 -27.86 -14.15
N SER H 150 -16.67 -28.24 -13.51
CA SER H 150 -15.53 -27.34 -13.36
C SER H 150 -14.92 -27.04 -14.72
N TRP H 151 -14.53 -25.79 -14.94
CA TRP H 151 -13.90 -25.45 -16.21
C TRP H 151 -12.45 -25.96 -16.29
N THR H 152 -11.77 -26.07 -15.15
CA THR H 152 -10.34 -26.38 -15.20
C THR H 152 -9.85 -27.44 -14.23
N HIS H 153 -10.73 -27.99 -13.39
CA HIS H 153 -10.30 -28.98 -12.41
C HIS H 153 -10.88 -30.35 -12.77
N HIS H 154 -10.01 -31.30 -13.02
CA HIS H 154 -10.46 -32.65 -13.39
C HIS H 154 -10.95 -33.39 -12.14
N SER H 155 -11.35 -34.64 -12.29
CA SER H 155 -12.11 -35.34 -11.23
C SER H 155 -11.31 -35.58 -9.95
N ARG H 156 -10.00 -35.63 -10.07
CA ARG H 156 -9.15 -35.85 -8.89
C ARG H 156 -9.04 -34.60 -8.01
N GLU H 157 -9.35 -33.46 -8.58
CA GLU H 157 -9.33 -32.20 -7.86
C GLU H 157 -10.71 -31.75 -7.41
N ILE H 158 -11.69 -31.84 -8.30
CA ILE H 158 -13.08 -31.50 -7.96
C ILE H 158 -14.05 -32.59 -8.44
N SER H 159 -14.91 -33.07 -7.54
CA SER H 159 -16.03 -33.89 -7.99
C SER H 159 -17.30 -33.04 -7.96
N VAL H 160 -18.10 -33.15 -9.01
CA VAL H 160 -19.32 -32.37 -9.14
C VAL H 160 -20.50 -33.34 -9.21
N ASP H 161 -21.37 -33.30 -8.21
CA ASP H 161 -22.45 -34.28 -8.10
C ASP H 161 -23.78 -33.60 -7.85
N PRO H 162 -24.85 -34.21 -8.38
CA PRO H 162 -26.19 -33.64 -8.20
C PRO H 162 -26.55 -33.64 -6.73
N THR H 163 -27.19 -32.57 -6.27
CA THR H 163 -27.57 -32.47 -4.86
C THR H 163 -28.53 -33.60 -4.48
N THR H 164 -28.29 -34.24 -3.35
CA THR H 164 -29.28 -35.16 -2.81
C THR H 164 -30.44 -34.32 -2.28
N GLU H 165 -31.57 -34.39 -2.98
CA GLU H 165 -32.69 -33.47 -2.75
C GLU H 165 -33.91 -33.93 -3.51
N ASN H 166 -35.08 -33.83 -2.90
CA ASN H 166 -36.33 -34.19 -3.56
C ASN H 166 -36.59 -33.33 -4.80
N SER H 167 -37.40 -33.86 -5.71
CA SER H 167 -37.83 -33.11 -6.90
C SER H 167 -38.85 -32.06 -6.46
N ASP H 168 -38.40 -30.81 -6.42
CA ASP H 168 -39.18 -29.76 -5.80
C ASP H 168 -39.33 -28.50 -6.65
N ASP H 169 -39.24 -28.64 -7.97
CA ASP H 169 -39.18 -27.42 -8.77
C ASP H 169 -40.48 -26.64 -8.75
N SER H 170 -41.55 -27.28 -8.29
CA SER H 170 -42.86 -26.64 -8.22
C SER H 170 -42.85 -25.44 -7.27
N GLU H 171 -41.93 -25.46 -6.32
CA GLU H 171 -41.72 -24.33 -5.42
C GLU H 171 -41.00 -23.16 -6.09
N TYR H 172 -40.43 -23.40 -7.27
CA TYR H 172 -39.54 -22.42 -7.89
C TYR H 172 -40.00 -21.91 -9.25
N PHE H 173 -40.53 -22.82 -10.09
CA PHE H 173 -40.87 -22.45 -11.45
C PHE H 173 -42.02 -21.45 -11.46
N SER H 174 -41.87 -20.40 -12.26
CA SER H 174 -42.90 -19.37 -12.36
C SER H 174 -44.22 -19.95 -12.86
N GLN H 175 -45.31 -19.61 -12.18
CA GLN H 175 -46.63 -20.02 -12.63
C GLN H 175 -47.10 -19.20 -13.84
N TYR H 176 -46.35 -18.17 -14.22
CA TYR H 176 -46.79 -17.32 -15.31
C TYR H 176 -46.00 -17.61 -16.58
N SER H 177 -45.16 -18.63 -16.54
CA SER H 177 -44.45 -19.08 -17.72
C SER H 177 -45.43 -19.52 -18.80
N ARG H 178 -45.11 -19.27 -20.06
CA ARG H 178 -45.93 -19.78 -21.13
C ARG H 178 -45.57 -21.25 -21.37
N PHE H 179 -44.52 -21.73 -20.70
CA PHE H 179 -44.15 -23.14 -20.80
C PHE H 179 -44.40 -23.94 -19.53
N GLU H 180 -44.48 -25.25 -19.68
CA GLU H 180 -44.64 -26.13 -18.54
C GLU H 180 -43.56 -27.18 -18.59
N ILE H 181 -43.06 -27.55 -17.42
CA ILE H 181 -42.00 -28.54 -17.39
C ILE H 181 -42.60 -29.95 -17.39
N LEU H 182 -42.16 -30.76 -18.35
CA LEU H 182 -42.54 -32.18 -18.43
C LEU H 182 -41.70 -32.99 -17.45
N ASP H 183 -40.41 -32.67 -17.37
CA ASP H 183 -39.47 -33.39 -16.52
CA ASP H 183 -39.52 -33.29 -16.39
C ASP H 183 -38.10 -32.71 -16.46
N VAL H 184 -37.44 -32.79 -15.31
CA VAL H 184 -36.06 -32.36 -15.14
C VAL H 184 -35.30 -33.50 -14.47
N THR H 185 -34.22 -33.96 -15.11
CA THR H 185 -33.32 -34.86 -14.43
C THR H 185 -31.96 -34.21 -14.37
N GLN H 186 -31.24 -34.48 -13.29
CA GLN H 186 -29.91 -33.97 -13.08
C GLN H 186 -29.07 -35.17 -12.67
N LYS H 187 -28.23 -35.63 -13.59
CA LYS H 187 -27.55 -36.91 -13.44
C LYS H 187 -26.01 -36.72 -13.47
N LYS H 188 -25.28 -37.54 -12.71
CA LYS H 188 -23.82 -37.56 -12.75
C LYS H 188 -23.33 -37.89 -14.15
N ASN H 189 -22.37 -37.16 -14.66
CA ASN H 189 -21.85 -37.55 -15.96
C ASN H 189 -20.37 -37.78 -15.66
N SER H 190 -19.63 -38.21 -16.68
CA SER H 190 -18.18 -37.96 -16.75
C SER H 190 -17.85 -37.58 -18.19
N VAL H 191 -16.99 -36.58 -18.35
CA VAL H 191 -16.60 -36.06 -19.66
C VAL H 191 -15.07 -36.17 -19.90
N THR H 192 -14.68 -36.72 -21.05
CA THR H 192 -13.28 -36.79 -21.48
C THR H 192 -13.18 -36.36 -22.92
N TYR H 193 -12.03 -35.86 -23.33
CA TYR H 193 -11.82 -35.48 -24.71
C TYR H 193 -10.59 -36.18 -25.24
N SER H 194 -10.61 -36.51 -26.52
CA SER H 194 -9.52 -37.24 -27.14
C SER H 194 -8.20 -36.48 -27.03
N CYS H 195 -8.27 -35.15 -27.07
CA CYS H 195 -7.08 -34.33 -26.96
C CYS H 195 -6.39 -34.48 -25.63
N CYS H 196 -7.17 -34.73 -24.57
CA CYS H 196 -6.71 -34.46 -23.23
C CYS H 196 -6.91 -35.64 -22.26
N PRO H 197 -5.97 -35.81 -21.31
CA PRO H 197 -5.98 -37.01 -20.45
C PRO H 197 -7.26 -37.20 -19.62
N GLU H 198 -7.39 -36.39 -18.58
CA GLU H 198 -8.24 -36.66 -17.44
C GLU H 198 -9.74 -36.53 -17.67
N ALA H 199 -10.51 -37.08 -16.75
CA ALA H 199 -11.97 -36.99 -16.77
C ALA H 199 -12.45 -35.79 -15.96
N TYR H 200 -13.53 -35.19 -16.41
CA TYR H 200 -14.18 -34.10 -15.69
C TYR H 200 -15.55 -34.56 -15.24
N GLU H 201 -15.83 -34.44 -13.96
CA GLU H 201 -17.15 -34.84 -13.47
C GLU H 201 -18.12 -33.68 -13.67
N ASP H 202 -19.28 -33.96 -14.22
CA ASP H 202 -20.28 -32.90 -14.32
C ASP H 202 -21.67 -33.39 -13.97
N VAL H 203 -22.60 -32.44 -13.94
CA VAL H 203 -24.01 -32.76 -13.77
C VAL H 203 -24.70 -32.45 -15.08
N GLU H 204 -25.32 -33.47 -15.65
CA GLU H 204 -26.06 -33.29 -16.88
C GLU H 204 -27.52 -33.00 -16.57
N VAL H 205 -27.96 -31.81 -16.92
CA VAL H 205 -29.33 -31.42 -16.60
C VAL H 205 -30.15 -31.53 -17.86
N SER H 206 -31.19 -32.36 -17.83
CA SER H 206 -32.10 -32.51 -18.96
C SER H 206 -33.42 -31.83 -18.63
N LEU H 207 -33.74 -30.82 -19.43
CA LEU H 207 -34.95 -30.06 -19.24
C LEU H 207 -35.92 -30.36 -20.38
N ASN H 208 -37.00 -31.07 -20.07
CA ASN H 208 -38.06 -31.36 -21.03
C ASN H 208 -39.27 -30.47 -20.76
N PHE H 209 -39.64 -29.66 -21.74
CA PHE H 209 -40.73 -28.71 -21.55
C PHE H 209 -41.59 -28.60 -22.81
N ARG H 210 -42.78 -28.04 -22.68
CA ARG H 210 -43.62 -27.81 -23.84
C ARG H 210 -44.46 -26.57 -23.63
N LYS H 211 -44.96 -25.99 -24.72
CA LYS H 211 -45.85 -24.83 -24.61
C LYS H 211 -47.12 -25.23 -23.87
N LYS H 212 -47.56 -24.42 -22.91
CA LYS H 212 -48.86 -24.65 -22.25
C LYS H 212 -50.00 -24.56 -23.26
N GLY H 213 -51.16 -25.09 -22.88
CA GLY H 213 -52.36 -24.97 -23.69
C GLY H 213 -52.29 -25.76 -24.97
N ASP I 1 3.61 -35.12 -8.91
CA ASP I 1 3.08 -36.43 -9.26
CA ASP I 1 3.08 -36.45 -9.23
C ASP I 1 1.65 -36.62 -8.75
N TYR I 2 0.99 -37.63 -9.32
CA TYR I 2 -0.40 -38.01 -9.06
C TYR I 2 -0.85 -37.94 -7.60
N LYS I 3 -0.09 -38.56 -6.71
CA LYS I 3 -0.50 -38.74 -5.31
C LYS I 3 -0.50 -37.43 -4.50
N ASP I 4 0.23 -36.43 -4.97
CA ASP I 4 0.37 -35.18 -4.24
C ASP I 4 -0.46 -34.04 -4.81
N ASP I 5 -1.23 -34.32 -5.86
CA ASP I 5 -2.01 -33.29 -6.56
C ASP I 5 -2.94 -32.53 -5.61
N ASP I 6 -3.54 -33.22 -4.65
CA ASP I 6 -4.50 -32.58 -3.74
C ASP I 6 -3.89 -32.09 -2.43
N ASP I 7 -2.56 -31.97 -2.38
CA ASP I 7 -1.91 -31.36 -1.22
C ASP I 7 -2.15 -29.85 -1.29
N LYS I 8 -3.07 -29.34 -0.47
CA LYS I 8 -3.51 -27.95 -0.59
C LYS I 8 -2.39 -26.93 -0.37
N LEU I 9 -1.60 -27.13 0.68
CA LEU I 9 -0.50 -26.21 0.95
C LEU I 9 0.51 -26.20 -0.19
N ASP I 10 0.74 -27.36 -0.81
CA ASP I 10 1.63 -27.44 -1.96
C ASP I 10 1.07 -26.59 -3.12
N ARG I 11 -0.24 -26.67 -3.32
CA ARG I 11 -0.88 -25.92 -4.41
C ARG I 11 -0.73 -24.43 -4.15
N ALA I 12 -0.97 -24.02 -2.90
CA ALA I 12 -0.84 -22.61 -2.50
C ALA I 12 0.57 -22.12 -2.76
N ASP I 13 1.54 -22.97 -2.44
CA ASP I 13 2.94 -22.59 -2.61
C ASP I 13 3.29 -22.45 -4.08
N ILE I 14 2.78 -23.36 -4.91
CA ILE I 14 3.01 -23.27 -6.34
C ILE I 14 2.44 -21.96 -6.89
N LEU I 15 1.23 -21.64 -6.48
CA LEU I 15 0.60 -20.39 -6.92
C LEU I 15 1.43 -19.18 -6.48
N TYR I 16 1.93 -19.21 -5.24
CA TYR I 16 2.84 -18.17 -4.76
C TYR I 16 4.09 -18.06 -5.65
N ASN I 17 4.70 -19.21 -5.96
CA ASN I 17 5.88 -19.24 -6.78
C ASN I 17 5.61 -18.67 -8.17
N ILE I 18 4.49 -19.07 -8.75
CA ILE I 18 4.12 -18.61 -10.08
C ILE I 18 3.96 -17.10 -10.06
N ARG I 19 3.27 -16.58 -9.06
CA ARG I 19 3.03 -15.14 -8.96
C ARG I 19 4.31 -14.35 -8.69
N GLN I 20 5.27 -14.95 -8.01
CA GLN I 20 6.55 -14.30 -7.80
CA GLN I 20 6.56 -14.32 -7.79
C GLN I 20 7.35 -14.19 -9.10
N THR I 21 7.32 -15.25 -9.91
CA THR I 21 8.12 -15.33 -11.14
C THR I 21 7.44 -14.71 -12.36
N SER I 22 6.13 -14.87 -12.45
CA SER I 22 5.38 -14.40 -13.60
C SER I 22 5.54 -12.92 -13.94
N ARG I 23 5.71 -12.65 -15.21
CA ARG I 23 5.66 -11.29 -15.71
C ARG I 23 4.50 -11.20 -16.68
N PRO I 24 3.33 -10.73 -16.21
CA PRO I 24 2.13 -10.75 -17.05
C PRO I 24 2.21 -9.89 -18.31
N ASP I 25 3.06 -8.88 -18.31
CA ASP I 25 3.05 -7.93 -19.43
C ASP I 25 4.24 -8.09 -20.39
N VAL I 26 5.09 -9.07 -20.11
CA VAL I 26 6.30 -9.32 -20.89
C VAL I 26 6.21 -10.67 -21.61
N ILE I 27 6.45 -10.70 -22.92
CA ILE I 27 6.43 -11.97 -23.65
C ILE I 27 7.51 -12.92 -23.14
N PRO I 28 7.13 -14.18 -22.89
CA PRO I 28 8.05 -15.17 -22.32
C PRO I 28 8.94 -15.80 -23.39
N THR I 29 9.74 -14.98 -24.06
CA THR I 29 10.68 -15.50 -25.03
C THR I 29 11.79 -16.28 -24.34
N GLN I 30 12.06 -17.46 -24.89
CA GLN I 30 13.14 -18.33 -24.42
C GLN I 30 14.24 -18.36 -25.47
N ARG I 31 15.49 -18.29 -25.03
CA ARG I 31 16.63 -18.49 -25.93
C ARG I 31 16.63 -17.51 -27.10
N ASP I 32 16.12 -16.30 -26.87
CA ASP I 32 16.09 -15.26 -27.91
C ASP I 32 15.30 -15.72 -29.15
N ARG I 33 14.25 -16.51 -28.90
CA ARG I 33 13.44 -17.10 -29.97
C ARG I 33 11.98 -16.71 -29.75
N PRO I 34 11.18 -16.58 -30.83
CA PRO I 34 9.78 -16.16 -30.64
C PRO I 34 9.02 -17.07 -29.70
N VAL I 35 7.98 -16.55 -29.08
CA VAL I 35 7.09 -17.38 -28.27
C VAL I 35 6.22 -18.19 -29.22
N ALA I 36 6.26 -19.52 -29.11
CA ALA I 36 5.42 -20.38 -29.93
C ALA I 36 4.07 -20.62 -29.27
N VAL I 37 3.04 -19.99 -29.82
CA VAL I 37 1.67 -20.16 -29.33
C VAL I 37 0.90 -21.11 -30.24
N SER I 38 0.41 -22.21 -29.70
CA SER I 38 -0.42 -23.12 -30.47
C SER I 38 -1.89 -22.85 -30.20
N VAL I 39 -2.67 -22.75 -31.27
CA VAL I 39 -4.09 -22.40 -31.17
C VAL I 39 -4.93 -23.31 -32.05
N SER I 40 -6.06 -23.77 -31.53
CA SER I 40 -7.03 -24.54 -32.30
CA SER I 40 -7.03 -24.46 -32.35
C SER I 40 -8.45 -24.16 -31.87
N LEU I 41 -9.35 -23.92 -32.82
CA LEU I 41 -10.72 -23.60 -32.47
C LEU I 41 -11.60 -24.84 -32.57
N LYS I 42 -12.23 -25.20 -31.46
CA LYS I 42 -13.25 -26.22 -31.44
C LYS I 42 -14.62 -25.56 -31.39
N PHE I 43 -15.37 -25.63 -32.49
CA PHE I 43 -16.66 -24.96 -32.54
C PHE I 43 -17.73 -25.71 -31.74
N ILE I 44 -18.49 -24.95 -30.98
CA ILE I 44 -19.55 -25.50 -30.16
C ILE I 44 -20.88 -25.36 -30.88
N ASN I 45 -21.01 -24.24 -31.59
CA ASN I 45 -22.24 -23.99 -32.31
C ASN I 45 -22.09 -22.89 -33.34
N ILE I 46 -22.91 -22.97 -34.37
CA ILE I 46 -23.07 -21.90 -35.32
C ILE I 46 -24.49 -21.38 -35.09
N LEU I 47 -24.63 -20.17 -34.56
CA LEU I 47 -25.96 -19.73 -34.07
C LEU I 47 -26.77 -19.13 -35.19
N GLU I 48 -26.14 -18.23 -35.95
CA GLU I 48 -26.83 -17.48 -37.00
C GLU I 48 -25.87 -17.23 -38.13
N VAL I 49 -26.35 -17.34 -39.38
CA VAL I 49 -25.56 -16.88 -40.49
C VAL I 49 -26.44 -16.04 -41.41
N ASN I 50 -25.80 -15.18 -42.17
CA ASN I 50 -26.52 -14.32 -43.10
C ASN I 50 -25.81 -14.31 -44.44
N GLU I 51 -26.40 -14.98 -45.42
CA GLU I 51 -25.78 -15.10 -46.75
C GLU I 51 -25.81 -13.77 -47.52
N ILE I 52 -26.76 -12.91 -47.17
CA ILE I 52 -26.84 -11.56 -47.75
C ILE I 52 -25.66 -10.68 -47.30
N THR I 53 -25.41 -10.67 -46.00
CA THR I 53 -24.40 -9.76 -45.45
C THR I 53 -23.05 -10.46 -45.21
N ASN I 54 -22.99 -11.77 -45.47
CA ASN I 54 -21.79 -12.55 -45.20
C ASN I 54 -21.31 -12.36 -43.76
N GLU I 55 -22.15 -12.73 -42.80
CA GLU I 55 -21.79 -12.64 -41.39
C GLU I 55 -22.18 -13.94 -40.70
N VAL I 56 -21.38 -14.36 -39.73
CA VAL I 56 -21.72 -15.52 -38.91
C VAL I 56 -21.60 -15.18 -37.42
N ASP I 57 -22.38 -15.88 -36.61
CA ASP I 57 -22.34 -15.75 -35.16
C ASP I 57 -22.04 -17.15 -34.63
N VAL I 58 -20.89 -17.34 -33.99
CA VAL I 58 -20.48 -18.69 -33.58
C VAL I 58 -19.98 -18.74 -32.14
N VAL I 59 -19.90 -19.95 -31.61
CA VAL I 59 -19.35 -20.18 -30.29
C VAL I 59 -18.29 -21.26 -30.45
N PHE I 60 -17.14 -21.05 -29.81
CA PHE I 60 -16.03 -21.98 -29.97
C PHE I 60 -15.16 -21.97 -28.73
N TRP I 61 -14.49 -23.10 -28.48
CA TRP I 61 -13.47 -23.14 -27.45
C TRP I 61 -12.15 -22.85 -28.12
N GLN I 62 -11.50 -21.78 -27.67
CA GLN I 62 -10.21 -21.41 -28.23
C GLN I 62 -9.10 -22.11 -27.45
N GLN I 63 -8.78 -23.34 -27.85
CA GLN I 63 -7.68 -24.08 -27.25
C GLN I 63 -6.36 -23.37 -27.50
N THR I 64 -5.68 -22.95 -26.43
CA THR I 64 -4.47 -22.18 -26.58
C THR I 64 -3.38 -22.68 -25.66
N THR I 65 -2.17 -22.87 -26.18
CA THR I 65 -1.08 -23.26 -25.29
C THR I 65 0.25 -22.64 -25.73
N TRP I 66 1.15 -22.48 -24.76
CA TRP I 66 2.50 -21.96 -24.96
C TRP I 66 3.27 -22.37 -23.73
N SER I 67 4.57 -22.10 -23.71
CA SER I 67 5.42 -22.48 -22.59
CA SER I 67 5.36 -22.46 -22.55
C SER I 67 6.11 -21.28 -21.95
N ASP I 68 6.27 -21.32 -20.63
CA ASP I 68 7.13 -20.38 -19.91
C ASP I 68 7.91 -21.20 -18.89
N ARG I 69 9.10 -21.63 -19.25
CA ARG I 69 9.92 -22.47 -18.40
C ARG I 69 10.35 -21.79 -17.12
N THR I 70 10.29 -20.46 -17.07
CA THR I 70 10.60 -19.80 -15.79
C THR I 70 9.52 -20.17 -14.76
N LEU I 71 8.36 -20.65 -15.22
CA LEU I 71 7.29 -21.03 -14.30
C LEU I 71 7.43 -22.46 -13.79
N ALA I 72 8.32 -23.22 -14.40
CA ALA I 72 8.42 -24.65 -14.11
C ALA I 72 8.88 -24.90 -12.68
N TRP I 73 8.44 -26.01 -12.11
CA TRP I 73 8.89 -26.44 -10.80
C TRP I 73 9.08 -27.95 -10.78
N ASN I 74 9.79 -28.41 -9.77
CA ASN I 74 10.03 -29.83 -9.55
C ASN I 74 8.80 -30.49 -8.95
N SER I 75 8.12 -31.35 -9.70
CA SER I 75 6.87 -31.93 -9.19
C SER I 75 7.00 -33.40 -8.78
N SER I 76 8.21 -33.83 -8.41
CA SER I 76 8.43 -35.19 -7.93
C SER I 76 7.53 -35.52 -6.74
N HIS I 77 7.37 -34.57 -5.84
CA HIS I 77 6.53 -34.79 -4.67
C HIS I 77 5.59 -33.62 -4.44
N SER I 78 5.01 -33.10 -5.52
CA SER I 78 4.06 -32.01 -5.41
C SER I 78 3.12 -32.03 -6.62
N PRO I 79 2.07 -31.18 -6.61
CA PRO I 79 1.13 -31.24 -7.74
C PRO I 79 1.78 -31.04 -9.11
N ASP I 80 1.24 -31.73 -10.12
CA ASP I 80 1.69 -31.61 -11.51
C ASP I 80 1.18 -30.34 -12.21
N GLN I 81 0.05 -29.84 -11.74
CA GLN I 81 -0.64 -28.73 -12.39
C GLN I 81 -1.45 -27.99 -11.38
N VAL I 82 -1.66 -26.70 -11.61
CA VAL I 82 -2.62 -25.92 -10.82
C VAL I 82 -3.40 -24.98 -11.74
N SER I 83 -4.59 -24.56 -11.30
CA SER I 83 -5.32 -23.52 -12.04
C SER I 83 -4.89 -22.15 -11.56
N VAL I 84 -4.74 -21.21 -12.49
CA VAL I 84 -4.28 -19.87 -12.16
C VAL I 84 -5.16 -18.84 -12.85
N PRO I 85 -5.60 -17.80 -12.11
CA PRO I 85 -6.30 -16.70 -12.79
C PRO I 85 -5.39 -16.11 -13.87
N ILE I 86 -5.90 -15.82 -15.06
CA ILE I 86 -5.03 -15.36 -16.15
C ILE I 86 -4.48 -13.96 -15.86
N SER I 87 -5.14 -13.22 -14.95
CA SER I 87 -4.61 -11.91 -14.56
C SER I 87 -3.22 -12.07 -13.92
N SER I 88 -2.90 -13.26 -13.44
CA SER I 88 -1.55 -13.52 -12.89
C SER I 88 -0.49 -13.88 -13.96
N LEU I 89 -0.93 -14.06 -15.20
CA LEU I 89 -0.09 -14.66 -16.22
C LEU I 89 0.01 -13.79 -17.46
N TRP I 90 1.11 -13.92 -18.18
CA TRP I 90 1.13 -13.42 -19.55
C TRP I 90 0.25 -14.35 -20.39
N VAL I 91 -0.53 -13.73 -21.26
CA VAL I 91 -1.40 -14.45 -22.19
C VAL I 91 -1.23 -13.77 -23.56
N PRO I 92 -1.12 -14.57 -24.64
CA PRO I 92 -0.91 -13.95 -25.96
C PRO I 92 -2.05 -12.99 -26.31
N ASP I 93 -1.71 -11.87 -26.92
CA ASP I 93 -2.72 -10.89 -27.28
C ASP I 93 -3.40 -11.29 -28.60
N LEU I 94 -4.10 -12.42 -28.59
CA LEU I 94 -4.74 -12.90 -29.82
C LEU I 94 -5.96 -12.06 -30.16
N ALA I 95 -6.19 -11.88 -31.46
CA ALA I 95 -7.40 -11.27 -31.98
C ALA I 95 -7.75 -11.88 -33.33
N ALA I 96 -9.03 -11.90 -33.64
CA ALA I 96 -9.49 -12.34 -34.95
C ALA I 96 -9.56 -11.12 -35.87
N TYR I 97 -8.84 -11.18 -36.98
CA TYR I 97 -8.71 -10.01 -37.86
C TYR I 97 -10.03 -9.65 -38.55
N ASN I 98 -10.94 -10.62 -38.69
CA ASN I 98 -12.24 -10.34 -39.30
C ASN I 98 -13.40 -10.44 -38.31
N ALA I 99 -13.11 -10.25 -37.01
CA ALA I 99 -14.18 -10.20 -36.02
C ALA I 99 -14.96 -8.90 -36.20
N ILE I 100 -16.28 -8.99 -36.05
CA ILE I 100 -17.12 -7.79 -36.15
C ILE I 100 -17.90 -7.56 -34.87
N SER I 101 -17.55 -8.31 -33.83
CA SER I 101 -18.08 -8.06 -32.49
C SER I 101 -17.01 -8.41 -31.45
N LYS I 102 -17.23 -7.98 -30.22
CA LYS I 102 -16.30 -8.30 -29.13
C LYS I 102 -16.30 -9.79 -28.88
N PRO I 103 -15.13 -10.36 -28.59
CA PRO I 103 -15.15 -11.77 -28.16
C PRO I 103 -15.83 -11.85 -26.79
N GLU I 104 -16.93 -12.57 -26.70
CA GLU I 104 -17.61 -12.70 -25.43
C GLU I 104 -17.12 -13.97 -24.76
N VAL I 105 -16.44 -13.81 -23.61
CA VAL I 105 -15.91 -14.96 -22.90
C VAL I 105 -16.99 -15.51 -21.97
N LEU I 106 -17.32 -16.79 -22.15
CA LEU I 106 -18.43 -17.41 -21.45
C LEU I 106 -17.99 -18.16 -20.20
N THR I 107 -16.68 -18.25 -19.98
CA THR I 107 -16.13 -19.19 -19.02
C THR I 107 -15.19 -18.54 -18.01
N PRO I 108 -14.98 -19.20 -16.86
CA PRO I 108 -14.02 -18.68 -15.86
C PRO I 108 -12.66 -18.40 -16.48
N GLN I 109 -12.11 -17.22 -16.20
CA GLN I 109 -10.87 -16.81 -16.82
C GLN I 109 -9.69 -17.36 -16.04
N LEU I 110 -9.54 -18.69 -16.12
CA LEU I 110 -8.45 -19.43 -15.47
C LEU I 110 -7.64 -20.17 -16.51
N ALA I 111 -6.35 -20.33 -16.26
CA ALA I 111 -5.50 -21.17 -17.10
C ALA I 111 -4.97 -22.31 -16.25
N ARG I 112 -4.41 -23.31 -16.89
CA ARG I 112 -3.70 -24.36 -16.19
C ARG I 112 -2.24 -24.15 -16.41
N VAL I 113 -1.46 -24.20 -15.33
CA VAL I 113 -0.02 -24.17 -15.48
C VAL I 113 0.50 -25.53 -15.07
N VAL I 114 1.29 -26.14 -15.96
CA VAL I 114 1.88 -27.45 -15.73
C VAL I 114 3.30 -27.28 -15.19
N SER I 115 3.79 -28.27 -14.44
CA SER I 115 5.09 -28.17 -13.76
C SER I 115 6.27 -28.06 -14.71
N ASP I 116 6.07 -28.35 -16.00
CA ASP I 116 7.15 -28.15 -16.99
C ASP I 116 7.10 -26.76 -17.60
N GLY I 117 6.19 -25.92 -17.12
CA GLY I 117 6.07 -24.57 -17.65
C GLY I 117 5.05 -24.37 -18.76
N GLU I 118 4.38 -25.44 -19.18
CA GLU I 118 3.28 -25.30 -20.14
C GLU I 118 2.11 -24.56 -19.51
N VAL I 119 1.50 -23.68 -20.29
CA VAL I 119 0.30 -22.99 -19.88
C VAL I 119 -0.79 -23.37 -20.87
N LEU I 120 -1.92 -23.81 -20.34
CA LEU I 120 -3.09 -24.10 -21.18
C LEU I 120 -4.23 -23.18 -20.83
N TYR I 121 -4.82 -22.57 -21.86
CA TYR I 121 -5.85 -21.57 -21.69
C TYR I 121 -6.91 -21.84 -22.76
N MET I 122 -8.18 -21.91 -22.35
CA MET I 122 -9.25 -22.30 -23.26
C MET I 122 -10.54 -21.62 -22.87
N PRO I 123 -10.70 -20.35 -23.26
CA PRO I 123 -11.98 -19.67 -23.07
C PRO I 123 -13.02 -20.21 -24.04
N SER I 124 -14.27 -20.31 -23.60
CA SER I 124 -15.35 -20.45 -24.59
C SER I 124 -15.73 -19.05 -25.01
N ILE I 125 -15.77 -18.82 -26.31
CA ILE I 125 -16.00 -17.50 -26.87
C ILE I 125 -17.20 -17.47 -27.82
N ARG I 126 -18.10 -16.51 -27.61
CA ARG I 126 -19.09 -16.17 -28.61
C ARG I 126 -18.66 -14.91 -29.34
N GLN I 127 -18.68 -14.96 -30.66
CA GLN I 127 -18.19 -13.83 -31.47
C GLN I 127 -18.75 -13.89 -32.89
N ARG I 128 -18.90 -12.73 -33.52
CA ARG I 128 -19.38 -12.68 -34.89
C ARG I 128 -18.27 -12.32 -35.86
N PHE I 129 -18.38 -12.80 -37.08
CA PHE I 129 -17.33 -12.63 -38.08
C PHE I 129 -17.87 -12.24 -39.45
N SER I 130 -17.05 -11.52 -40.19
CA SER I 130 -17.29 -11.24 -41.60
C SER I 130 -16.53 -12.27 -42.39
N CYS I 131 -17.25 -13.10 -43.14
CA CYS I 131 -16.62 -14.16 -43.91
C CYS I 131 -17.58 -14.69 -44.97
N ASP I 132 -17.06 -15.58 -45.82
CA ASP I 132 -17.82 -16.05 -46.98
C ASP I 132 -18.89 -17.04 -46.55
N VAL I 133 -20.15 -16.62 -46.61
CA VAL I 133 -21.26 -17.49 -46.25
C VAL I 133 -21.90 -18.13 -47.51
N SER I 134 -21.45 -17.74 -48.70
CA SER I 134 -22.05 -18.26 -49.93
C SER I 134 -21.94 -19.79 -49.98
N GLY I 135 -23.04 -20.44 -50.37
CA GLY I 135 -23.07 -21.88 -50.56
C GLY I 135 -23.52 -22.62 -49.32
N VAL I 136 -23.90 -21.88 -48.27
CA VAL I 136 -24.28 -22.50 -47.02
C VAL I 136 -25.53 -23.41 -47.15
N ASP I 137 -26.41 -23.10 -48.11
CA ASP I 137 -27.60 -23.92 -48.32
C ASP I 137 -27.37 -24.96 -49.41
N THR I 138 -26.12 -25.30 -49.67
CA THR I 138 -25.83 -26.32 -50.69
C THR I 138 -25.09 -27.51 -50.07
N GLU I 139 -24.97 -28.57 -50.85
CA GLU I 139 -24.23 -29.77 -50.43
C GLU I 139 -22.78 -29.47 -50.08
N SER I 140 -22.15 -28.63 -50.89
CA SER I 140 -20.75 -28.31 -50.70
C SER I 140 -20.56 -27.41 -49.48
N GLY I 141 -21.60 -26.65 -49.14
CA GLY I 141 -21.60 -25.79 -47.98
C GLY I 141 -20.82 -24.50 -48.18
N ALA I 142 -20.78 -23.68 -47.14
CA ALA I 142 -19.99 -22.46 -47.14
C ALA I 142 -18.60 -22.73 -46.54
N THR I 143 -17.63 -21.91 -46.87
CA THR I 143 -16.35 -22.00 -46.18
C THR I 143 -16.01 -20.64 -45.61
N CYS I 144 -16.16 -20.51 -44.30
CA CYS I 144 -15.92 -19.27 -43.57
C CYS I 144 -14.51 -19.31 -42.99
N ARG I 145 -13.67 -18.35 -43.36
CA ARG I 145 -12.31 -18.34 -42.87
C ARG I 145 -12.16 -17.30 -41.77
N ILE I 146 -11.60 -17.73 -40.65
CA ILE I 146 -11.36 -16.87 -39.51
C ILE I 146 -9.86 -16.81 -39.28
N LYS I 147 -9.32 -15.59 -39.28
CA LYS I 147 -7.88 -15.40 -39.13
C LYS I 147 -7.56 -14.91 -37.72
N ILE I 148 -6.76 -15.67 -36.98
CA ILE I 148 -6.39 -15.31 -35.61
C ILE I 148 -4.88 -15.19 -35.47
N GLY I 149 -4.44 -14.03 -34.97
CA GLY I 149 -3.03 -13.75 -34.80
C GLY I 149 -2.81 -12.80 -33.64
N SER I 150 -1.54 -12.54 -33.32
CA SER I 150 -1.20 -11.56 -32.31
C SER I 150 -1.63 -10.19 -32.82
N TRP I 151 -2.17 -9.34 -31.94
CA TRP I 151 -2.53 -7.99 -32.37
C TRP I 151 -1.33 -7.05 -32.48
N THR I 152 -0.28 -7.27 -31.68
CA THR I 152 0.81 -6.29 -31.62
C THR I 152 2.21 -6.90 -31.71
N HIS I 153 2.31 -8.22 -31.72
CA HIS I 153 3.63 -8.87 -31.79
C HIS I 153 3.83 -9.49 -33.16
N HIS I 154 4.91 -9.10 -33.84
CA HIS I 154 5.21 -9.68 -35.14
C HIS I 154 5.88 -11.03 -34.99
N SER I 155 6.19 -11.65 -36.13
CA SER I 155 6.65 -13.04 -36.17
C SER I 155 7.96 -13.27 -35.42
N ARG I 156 8.80 -12.25 -35.32
CA ARG I 156 10.04 -12.47 -34.56
C ARG I 156 9.79 -12.54 -33.04
N GLU I 157 8.61 -12.09 -32.59
CA GLU I 157 8.30 -12.10 -31.16
C GLU I 157 7.33 -13.22 -30.77
N ILE I 158 6.31 -13.44 -31.60
CA ILE I 158 5.33 -14.49 -31.37
C ILE I 158 5.05 -15.22 -32.67
N SER I 159 5.11 -16.54 -32.63
CA SER I 159 4.62 -17.33 -33.75
C SER I 159 3.32 -18.02 -33.34
N VAL I 160 2.30 -17.91 -34.19
CA VAL I 160 1.00 -18.50 -33.90
C VAL I 160 0.76 -19.66 -34.85
N ASP I 161 0.78 -20.87 -34.31
CA ASP I 161 0.72 -22.11 -35.08
C ASP I 161 -0.54 -22.93 -34.79
N PRO I 162 -1.11 -23.57 -35.83
CA PRO I 162 -2.24 -24.47 -35.59
C PRO I 162 -1.78 -25.69 -34.78
N THR I 163 -2.61 -26.18 -33.86
CA THR I 163 -2.20 -27.36 -33.10
C THR I 163 -2.23 -28.58 -34.00
N THR I 164 -3.31 -28.71 -34.76
CA THR I 164 -3.45 -29.78 -35.74
C THR I 164 -4.06 -29.19 -37.01
N GLU I 165 -3.80 -29.84 -38.13
CA GLU I 165 -4.23 -29.30 -39.41
C GLU I 165 -5.75 -29.42 -39.60
N ASN I 166 -6.38 -30.40 -38.98
CA ASN I 166 -7.73 -30.79 -39.37
C ASN I 166 -8.66 -31.40 -38.30
N SER I 167 -9.97 -31.36 -38.59
CA SER I 167 -11.02 -32.03 -37.78
C SER I 167 -12.44 -31.73 -38.32
N ASP I 168 -13.43 -32.45 -37.81
CA ASP I 168 -14.82 -32.03 -38.02
C ASP I 168 -15.52 -31.94 -36.66
N ASP I 169 -14.73 -32.03 -35.59
CA ASP I 169 -15.10 -31.38 -34.34
C ASP I 169 -16.27 -32.10 -33.60
N SER I 170 -16.39 -33.40 -33.79
CA SER I 170 -17.59 -34.11 -33.38
C SER I 170 -17.80 -34.19 -31.87
N GLU I 171 -16.72 -34.10 -31.09
CA GLU I 171 -16.83 -34.12 -29.62
C GLU I 171 -17.37 -32.82 -29.04
N TYR I 172 -17.43 -31.78 -29.86
CA TYR I 172 -17.69 -30.42 -29.38
C TYR I 172 -18.96 -29.81 -29.94
N PHE I 173 -19.22 -30.05 -31.22
CA PHE I 173 -20.30 -29.36 -31.91
C PHE I 173 -21.68 -29.84 -31.43
N SER I 174 -22.58 -28.90 -31.18
CA SER I 174 -23.89 -29.24 -30.64
C SER I 174 -24.71 -30.04 -31.64
N GLN I 175 -25.35 -31.10 -31.15
CA GLN I 175 -26.22 -31.91 -32.01
C GLN I 175 -27.49 -31.14 -32.36
N TYR I 176 -27.75 -30.05 -31.63
CA TYR I 176 -28.97 -29.26 -31.78
C TYR I 176 -28.82 -28.06 -32.73
N SER I 177 -27.61 -27.85 -33.25
CA SER I 177 -27.37 -26.79 -34.23
C SER I 177 -28.23 -26.94 -35.49
N ARG I 178 -28.61 -25.82 -36.11
CA ARG I 178 -29.29 -25.85 -37.41
C ARG I 178 -28.29 -26.11 -38.53
N PHE I 179 -27.01 -26.14 -38.18
CA PHE I 179 -25.96 -26.31 -39.16
C PHE I 179 -25.16 -27.56 -38.85
N GLU I 180 -24.44 -28.06 -39.85
CA GLU I 180 -23.52 -29.16 -39.59
C GLU I 180 -22.15 -28.80 -40.15
N ILE I 181 -21.12 -29.27 -39.46
CA ILE I 181 -19.76 -28.97 -39.87
C ILE I 181 -19.24 -30.07 -40.79
N LEU I 182 -18.82 -29.68 -41.99
CA LEU I 182 -18.28 -30.63 -42.95
C LEU I 182 -16.79 -30.83 -42.68
N ASP I 183 -16.11 -29.75 -42.31
CA ASP I 183 -14.66 -29.78 -42.13
C ASP I 183 -14.14 -28.51 -41.49
N VAL I 184 -13.16 -28.65 -40.60
CA VAL I 184 -12.41 -27.51 -40.09
C VAL I 184 -10.93 -27.75 -40.36
N THR I 185 -10.33 -26.88 -41.16
CA THR I 185 -8.89 -26.98 -41.40
C THR I 185 -8.23 -25.73 -40.82
N GLN I 186 -7.02 -25.92 -40.28
CA GLN I 186 -6.28 -24.84 -39.65
C GLN I 186 -4.86 -24.83 -40.19
N LYS I 187 -4.47 -23.71 -40.78
CA LYS I 187 -3.17 -23.60 -41.42
C LYS I 187 -2.45 -22.29 -41.07
N LYS I 188 -1.11 -22.36 -41.10
CA LYS I 188 -0.26 -21.19 -40.91
C LYS I 188 -0.50 -20.19 -42.02
N ASN I 189 -0.40 -18.92 -41.67
CA ASN I 189 -0.50 -17.85 -42.63
C ASN I 189 0.26 -16.64 -42.11
N SER I 190 0.70 -15.78 -43.02
CA SER I 190 1.46 -14.59 -42.65
C SER I 190 0.80 -13.37 -43.26
N VAL I 191 0.75 -12.28 -42.49
CA VAL I 191 0.10 -11.05 -42.92
C VAL I 191 1.08 -9.87 -42.87
N THR I 192 1.09 -9.09 -43.95
CA THR I 192 1.92 -7.89 -44.06
CA THR I 192 1.90 -7.88 -44.05
C THR I 192 1.07 -6.74 -44.64
N TYR I 193 1.43 -5.51 -44.32
CA TYR I 193 0.74 -4.34 -44.88
C TYR I 193 1.77 -3.41 -45.49
N SER I 194 1.36 -2.66 -46.53
CA SER I 194 2.22 -1.66 -47.15
C SER I 194 2.83 -0.67 -46.15
N CYS I 195 2.05 -0.30 -45.14
CA CYS I 195 2.47 0.70 -44.17
C CYS I 195 3.58 0.18 -43.26
N CYS I 196 3.61 -1.13 -43.09
CA CYS I 196 4.31 -1.71 -41.97
C CYS I 196 5.13 -2.93 -42.40
N PRO I 197 6.45 -2.85 -42.22
CA PRO I 197 7.43 -3.85 -42.69
C PRO I 197 7.16 -5.28 -42.19
N GLU I 198 7.17 -5.47 -40.86
CA GLU I 198 7.16 -6.79 -40.25
C GLU I 198 6.00 -7.68 -40.71
N ALA I 199 6.21 -8.99 -40.60
CA ALA I 199 5.15 -9.95 -40.87
C ALA I 199 4.52 -10.37 -39.56
N TYR I 200 3.23 -10.63 -39.61
CA TYR I 200 2.52 -11.19 -38.46
C TYR I 200 2.11 -12.62 -38.80
N GLU I 201 2.35 -13.53 -37.88
CA GLU I 201 1.88 -14.90 -38.09
C GLU I 201 0.46 -15.04 -37.61
N ASP I 202 -0.36 -15.75 -38.35
CA ASP I 202 -1.68 -16.08 -37.83
C ASP I 202 -2.05 -17.51 -38.19
N VAL I 203 -3.12 -17.99 -37.57
CA VAL I 203 -3.74 -19.25 -37.97
C VAL I 203 -5.00 -18.92 -38.76
N GLU I 204 -5.10 -19.45 -39.96
CA GLU I 204 -6.33 -19.36 -40.73
C GLU I 204 -7.19 -20.59 -40.45
N VAL I 205 -8.36 -20.36 -39.88
CA VAL I 205 -9.29 -21.43 -39.58
C VAL I 205 -10.37 -21.43 -40.66
N SER I 206 -10.46 -22.51 -41.43
CA SER I 206 -11.45 -22.60 -42.49
C SER I 206 -12.58 -23.50 -42.03
N LEU I 207 -13.71 -22.88 -41.73
CA LEU I 207 -14.90 -23.59 -41.27
C LEU I 207 -15.81 -23.89 -42.47
N ASN I 208 -15.80 -25.15 -42.91
CA ASN I 208 -16.67 -25.61 -44.01
C ASN I 208 -17.93 -26.21 -43.39
N PHE I 209 -19.06 -25.54 -43.61
CA PHE I 209 -20.29 -25.91 -42.95
C PHE I 209 -21.47 -25.69 -43.91
N ARG I 210 -22.60 -26.26 -43.57
CA ARG I 210 -23.82 -26.09 -44.35
C ARG I 210 -25.06 -26.19 -43.48
N LYS I 211 -26.16 -25.63 -43.96
CA LYS I 211 -27.45 -25.75 -43.29
C LYS I 211 -27.92 -27.21 -43.32
N LYS I 212 -28.41 -27.73 -42.20
CA LYS I 212 -28.97 -29.08 -42.19
C LYS I 212 -30.26 -29.16 -43.03
N GLY I 213 -30.54 -30.34 -43.58
CA GLY I 213 -31.84 -30.61 -44.16
C GLY I 213 -32.10 -29.92 -45.48
N ASP J 1 18.22 -2.98 -31.92
CA ASP J 1 18.83 -4.15 -32.54
C ASP J 1 17.83 -5.30 -32.61
N TYR J 2 17.39 -5.66 -33.81
CA TYR J 2 16.36 -6.68 -33.97
C TYR J 2 16.82 -8.04 -33.42
N LYS J 3 18.12 -8.32 -33.48
CA LYS J 3 18.67 -9.55 -32.93
C LYS J 3 18.46 -9.66 -31.41
N ASP J 4 18.27 -8.52 -30.75
CA ASP J 4 18.09 -8.47 -29.30
C ASP J 4 16.61 -8.35 -28.90
N ASP J 5 15.73 -8.41 -29.90
CA ASP J 5 14.29 -8.26 -29.68
C ASP J 5 13.76 -9.20 -28.61
N ASP J 6 14.22 -10.44 -28.63
CA ASP J 6 13.68 -11.48 -27.76
C ASP J 6 14.49 -11.72 -26.48
N ASP J 7 15.34 -10.75 -26.12
CA ASP J 7 15.97 -10.80 -24.80
C ASP J 7 14.92 -10.41 -23.75
N LYS J 8 14.41 -11.39 -23.00
CA LYS J 8 13.23 -11.12 -22.17
C LYS J 8 13.55 -10.12 -21.03
N LEU J 9 14.72 -10.24 -20.41
CA LEU J 9 15.06 -9.33 -19.32
C LEU J 9 15.14 -7.89 -19.84
N ASP J 10 15.67 -7.73 -21.05
CA ASP J 10 15.71 -6.41 -21.67
C ASP J 10 14.29 -5.84 -21.86
N ARG J 11 13.38 -6.66 -22.37
CA ARG J 11 12.00 -6.20 -22.56
C ARG J 11 11.40 -5.79 -21.20
N ALA J 12 11.67 -6.58 -20.17
CA ALA J 12 11.11 -6.31 -18.84
C ALA J 12 11.67 -5.00 -18.32
N ASP J 13 12.94 -4.76 -18.57
CA ASP J 13 13.56 -3.53 -18.10
C ASP J 13 13.02 -2.32 -18.86
N ILE J 14 12.83 -2.47 -20.16
CA ILE J 14 12.25 -1.39 -20.95
C ILE J 14 10.84 -1.06 -20.44
N LEU J 15 10.06 -2.09 -20.12
CA LEU J 15 8.71 -1.89 -19.59
C LEU J 15 8.78 -1.14 -18.26
N TYR J 16 9.68 -1.57 -17.39
CA TYR J 16 9.94 -0.88 -16.14
C TYR J 16 10.33 0.58 -16.38
N ASN J 17 11.27 0.82 -17.30
CA ASN J 17 11.69 2.18 -17.62
C ASN J 17 10.54 3.06 -18.10
N ILE J 18 9.73 2.51 -18.99
CA ILE J 18 8.61 3.21 -19.55
C ILE J 18 7.64 3.60 -18.44
N ARG J 19 7.36 2.66 -17.54
CA ARG J 19 6.39 2.88 -16.49
C ARG J 19 6.90 3.88 -15.44
N GLN J 20 8.21 3.94 -15.23
CA GLN J 20 8.74 4.96 -14.35
C GLN J 20 8.67 6.36 -14.94
N THR J 21 8.78 6.46 -16.26
CA THR J 21 8.82 7.76 -16.95
C THR J 21 7.42 8.22 -17.36
N SER J 22 6.56 7.27 -17.73
CA SER J 22 5.24 7.59 -18.28
C SER J 22 4.36 8.37 -17.32
N ARG J 23 3.73 9.41 -17.83
CA ARG J 23 2.67 10.13 -17.13
C ARG J 23 1.39 9.95 -17.92
N PRO J 24 0.58 8.93 -17.57
CA PRO J 24 -0.54 8.57 -18.46
C PRO J 24 -1.62 9.64 -18.57
N ASP J 25 -1.63 10.62 -17.66
CA ASP J 25 -2.71 11.61 -17.68
C ASP J 25 -2.25 13.00 -18.12
N VAL J 26 -0.98 13.12 -18.47
CA VAL J 26 -0.40 14.41 -18.89
C VAL J 26 0.00 14.42 -20.35
N ILE J 27 -0.41 15.42 -21.13
CA ILE J 27 -0.04 15.40 -22.55
C ILE J 27 1.47 15.51 -22.71
N PRO J 28 2.04 14.69 -23.59
CA PRO J 28 3.49 14.66 -23.78
C PRO J 28 3.93 15.79 -24.69
N THR J 29 3.60 17.02 -24.31
CA THR J 29 4.09 18.17 -25.05
C THR J 29 5.57 18.32 -24.83
N GLN J 30 6.29 18.44 -25.94
CA GLN J 30 7.71 18.70 -25.95
C GLN J 30 7.79 20.02 -26.69
N ARG J 31 8.93 20.73 -26.61
CA ARG J 31 9.15 21.81 -27.62
C ARG J 31 8.22 23.04 -27.33
N ASP J 32 7.43 22.97 -26.24
CA ASP J 32 6.27 23.88 -25.94
C ASP J 32 5.26 23.93 -27.10
N ARG J 33 5.09 22.80 -27.76
CA ARG J 33 4.24 22.68 -28.92
C ARG J 33 3.19 21.64 -28.73
N PRO J 34 2.10 21.76 -29.51
CA PRO J 34 1.08 20.72 -29.43
C PRO J 34 1.65 19.33 -29.67
N VAL J 35 0.97 18.34 -29.11
CA VAL J 35 1.28 16.96 -29.42
C VAL J 35 0.75 16.67 -30.80
N ALA J 36 1.63 16.32 -31.73
CA ALA J 36 1.22 16.01 -33.10
C ALA J 36 0.75 14.57 -33.19
N VAL J 37 -0.57 14.39 -33.20
CA VAL J 37 -1.16 13.06 -33.29
C VAL J 37 -1.53 12.76 -34.73
N SER J 38 -0.94 11.70 -35.29
CA SER J 38 -1.35 11.24 -36.63
C SER J 38 -2.39 10.16 -36.50
N VAL J 39 -3.50 10.34 -37.21
CA VAL J 39 -4.59 9.35 -37.17
C VAL J 39 -5.02 8.99 -38.59
N SER J 40 -5.33 7.72 -38.82
CA SER J 40 -5.85 7.28 -40.11
C SER J 40 -6.81 6.11 -39.93
N LEU J 41 -8.07 6.29 -40.28
CA LEU J 41 -9.01 5.19 -40.15
C LEU J 41 -8.97 4.26 -41.36
N LYS J 42 -8.79 2.96 -41.11
CA LYS J 42 -8.94 1.95 -42.15
C LYS J 42 -10.21 1.17 -41.89
N PHE J 43 -11.16 1.26 -42.81
CA PHE J 43 -12.40 0.56 -42.62
C PHE J 43 -12.22 -0.90 -42.98
N ILE J 44 -12.77 -1.74 -42.11
CA ILE J 44 -12.68 -3.19 -42.32
C ILE J 44 -14.02 -3.74 -42.80
N ASN J 45 -15.10 -3.26 -42.19
CA ASN J 45 -16.43 -3.75 -42.48
C ASN J 45 -17.48 -2.65 -42.33
N ILE J 46 -18.52 -2.75 -43.13
CA ILE J 46 -19.69 -1.89 -42.94
C ILE J 46 -20.86 -2.80 -42.67
N LEU J 47 -21.32 -2.84 -41.42
CA LEU J 47 -22.24 -3.88 -40.98
C LEU J 47 -23.70 -3.61 -41.30
N GLU J 48 -24.06 -2.34 -41.25
CA GLU J 48 -25.46 -1.95 -41.37
C GLU J 48 -25.54 -0.52 -41.84
N VAL J 49 -26.47 -0.28 -42.75
CA VAL J 49 -26.67 1.00 -43.35
C VAL J 49 -28.17 1.24 -43.34
N ASN J 50 -28.60 2.18 -42.51
CA ASN J 50 -30.02 2.43 -42.34
C ASN J 50 -30.42 3.73 -43.03
N GLU J 51 -31.06 3.63 -44.20
CA GLU J 51 -31.44 4.84 -44.93
CA GLU J 51 -31.49 4.80 -44.96
C GLU J 51 -32.65 5.51 -44.30
N ILE J 52 -33.43 4.74 -43.54
CA ILE J 52 -34.54 5.31 -42.79
C ILE J 52 -34.01 6.35 -41.78
N THR J 53 -32.99 5.99 -41.01
CA THR J 53 -32.49 6.85 -39.92
C THR J 53 -31.19 7.61 -40.22
N ASN J 54 -30.62 7.42 -41.41
CA ASN J 54 -29.32 7.97 -41.76
C ASN J 54 -28.23 7.55 -40.76
N GLU J 55 -28.06 6.24 -40.61
CA GLU J 55 -27.09 5.69 -39.67
C GLU J 55 -26.26 4.59 -40.30
N VAL J 56 -25.00 4.49 -39.90
CA VAL J 56 -24.14 3.39 -40.33
C VAL J 56 -23.49 2.76 -39.11
N ASP J 57 -23.26 1.45 -39.23
CA ASP J 57 -22.60 0.68 -38.18
C ASP J 57 -21.34 0.13 -38.85
N VAL J 58 -20.17 0.54 -38.36
CA VAL J 58 -18.92 0.19 -39.02
C VAL J 58 -17.84 -0.35 -38.09
N VAL J 59 -16.91 -1.09 -38.66
CA VAL J 59 -15.70 -1.50 -37.94
C VAL J 59 -14.50 -0.91 -38.67
N PHE J 60 -13.63 -0.23 -37.93
CA PHE J 60 -12.43 0.35 -38.53
C PHE J 60 -11.24 0.14 -37.61
N TRP J 61 -10.05 0.13 -38.19
CA TRP J 61 -8.83 0.18 -37.39
C TRP J 61 -8.38 1.62 -37.31
N GLN J 62 -8.29 2.13 -36.08
CA GLN J 62 -7.89 3.51 -35.83
C GLN J 62 -6.38 3.57 -35.67
N GLN J 63 -5.69 3.71 -36.78
CA GLN J 63 -4.23 3.79 -36.76
C GLN J 63 -3.80 5.13 -36.16
N THR J 64 -3.10 5.08 -35.04
CA THR J 64 -2.80 6.28 -34.29
C THR J 64 -1.34 6.27 -33.88
N THR J 65 -0.68 7.41 -34.03
CA THR J 65 0.71 7.47 -33.62
C THR J 65 1.05 8.87 -33.13
N TRP J 66 2.00 8.92 -32.22
CA TRP J 66 2.48 10.19 -31.70
C TRP J 66 3.82 9.91 -31.09
N SER J 67 4.51 10.95 -30.66
CA SER J 67 5.83 10.80 -30.07
CA SER J 67 5.81 10.75 -30.04
C SER J 67 5.86 11.25 -28.61
N ASP J 68 6.60 10.51 -27.79
CA ASP J 68 6.95 10.95 -26.45
C ASP J 68 8.40 10.55 -26.25
N ARG J 69 9.28 11.48 -26.57
CA ARG J 69 10.73 11.26 -26.53
C ARG J 69 11.26 10.94 -25.14
N THR J 70 10.50 11.28 -24.10
CA THR J 70 10.93 10.93 -22.74
C THR J 70 10.89 9.41 -22.56
N LEU J 71 10.16 8.71 -23.43
CA LEU J 71 10.08 7.25 -23.39
C LEU J 71 11.23 6.57 -24.13
N ALA J 72 12.00 7.34 -24.88
CA ALA J 72 13.01 6.78 -25.77
C ALA J 72 14.13 6.11 -24.99
N TRP J 73 14.76 5.12 -25.60
CA TRP J 73 15.91 4.48 -25.03
C TRP J 73 16.91 4.09 -26.12
N ASN J 74 18.12 3.82 -25.69
CA ASN J 74 19.20 3.38 -26.54
C ASN J 74 19.03 1.90 -26.90
N SER J 75 18.77 1.61 -28.17
CA SER J 75 18.48 0.23 -28.57
C SER J 75 19.64 -0.43 -29.35
N SER J 76 20.85 0.08 -29.13
CA SER J 76 22.06 -0.49 -29.73
C SER J 76 22.14 -1.99 -29.54
N HIS J 77 21.90 -2.42 -28.30
CA HIS J 77 21.95 -3.84 -27.97
C HIS J 77 20.73 -4.25 -27.18
N SER J 78 19.56 -3.77 -27.60
CA SER J 78 18.33 -4.05 -26.87
C SER J 78 17.15 -4.01 -27.85
N PRO J 79 15.98 -4.50 -27.41
CA PRO J 79 14.79 -4.49 -28.28
C PRO J 79 14.48 -3.11 -28.85
N ASP J 80 14.09 -3.07 -30.12
CA ASP J 80 13.69 -1.83 -30.81
C ASP J 80 12.30 -1.35 -30.39
N GLN J 81 11.46 -2.29 -29.98
CA GLN J 81 10.05 -2.01 -29.67
C GLN J 81 9.54 -2.98 -28.62
N VAL J 82 8.61 -2.54 -27.78
CA VAL J 82 7.83 -3.47 -26.95
C VAL J 82 6.33 -3.14 -26.97
N SER J 83 5.50 -4.12 -26.64
CA SER J 83 4.08 -3.87 -26.43
C SER J 83 3.83 -3.44 -24.99
N VAL J 84 2.92 -2.50 -24.79
CA VAL J 84 2.67 -1.90 -23.47
C VAL J 84 1.15 -1.71 -23.31
N PRO J 85 0.59 -2.14 -22.16
CA PRO J 85 -0.84 -1.91 -21.88
C PRO J 85 -1.12 -0.42 -21.93
N ILE J 86 -2.21 0.00 -22.55
CA ILE J 86 -2.38 1.44 -22.74
C ILE J 86 -2.66 2.13 -21.41
N SER J 87 -3.11 1.37 -20.41
CA SER J 87 -3.26 1.92 -19.06
C SER J 87 -1.93 2.47 -18.52
N SER J 88 -0.79 1.98 -19.01
CA SER J 88 0.52 2.52 -18.61
C SER J 88 0.98 3.76 -19.39
N LEU J 89 0.17 4.20 -20.36
CA LEU J 89 0.60 5.26 -21.28
C LEU J 89 -0.39 6.39 -21.35
N TRP J 90 0.08 7.59 -21.73
CA TRP J 90 -0.85 8.59 -22.19
C TRP J 90 -1.31 8.20 -23.60
N VAL J 91 -2.61 8.26 -23.86
CA VAL J 91 -3.14 8.12 -25.21
C VAL J 91 -4.09 9.29 -25.47
N PRO J 92 -4.14 9.78 -26.72
CA PRO J 92 -4.97 10.96 -27.01
C PRO J 92 -6.45 10.73 -26.72
N ASP J 93 -7.12 11.73 -26.17
CA ASP J 93 -8.54 11.60 -25.85
C ASP J 93 -9.41 11.83 -27.10
N LEU J 94 -9.22 10.99 -28.12
CA LEU J 94 -9.96 11.14 -29.37
C LEU J 94 -11.40 10.66 -29.24
N ALA J 95 -12.28 11.34 -29.97
CA ALA J 95 -13.69 11.03 -30.00
C ALA J 95 -14.23 11.41 -31.38
N ALA J 96 -15.25 10.70 -31.84
CA ALA J 96 -15.95 11.10 -33.05
C ALA J 96 -17.15 11.96 -32.68
N TYR J 97 -17.21 13.16 -33.25
CA TYR J 97 -18.27 14.13 -32.97
C TYR J 97 -19.67 13.65 -33.32
N ASN J 98 -19.77 12.76 -34.29
CA ASN J 98 -21.09 12.32 -34.72
C ASN J 98 -21.33 10.87 -34.40
N ALA J 99 -20.58 10.35 -33.43
CA ALA J 99 -20.84 9.00 -32.95
C ALA J 99 -22.19 8.95 -32.25
N ILE J 100 -22.94 7.87 -32.43
CA ILE J 100 -24.20 7.69 -31.72
C ILE J 100 -24.22 6.39 -30.92
N SER J 101 -23.04 5.78 -30.79
CA SER J 101 -22.86 4.65 -29.87
C SER J 101 -21.45 4.71 -29.30
N LYS J 102 -21.21 3.97 -28.22
CA LYS J 102 -19.87 3.92 -27.64
C LYS J 102 -18.89 3.32 -28.61
N PRO J 103 -17.64 3.80 -28.61
CA PRO J 103 -16.68 3.06 -29.42
C PRO J 103 -16.40 1.71 -28.75
N GLU J 104 -16.69 0.61 -29.43
CA GLU J 104 -16.50 -0.70 -28.84
C GLU J 104 -15.17 -1.27 -29.33
N VAL J 105 -14.23 -1.49 -28.41
CA VAL J 105 -12.91 -1.89 -28.84
C VAL J 105 -12.85 -3.42 -28.96
N LEU J 106 -12.50 -3.94 -30.13
CA LEU J 106 -12.59 -5.39 -30.35
C LEU J 106 -11.27 -6.11 -30.08
N THR J 107 -10.22 -5.35 -29.79
CA THR J 107 -8.86 -5.86 -29.79
C THR J 107 -8.12 -5.64 -28.48
N PRO J 108 -7.08 -6.45 -28.20
CA PRO J 108 -6.29 -6.22 -26.98
C PRO J 108 -5.80 -4.80 -26.90
N GLN J 109 -5.99 -4.20 -25.73
CA GLN J 109 -5.67 -2.82 -25.52
C GLN J 109 -4.18 -2.62 -25.18
N LEU J 110 -3.36 -2.85 -26.21
CA LEU J 110 -1.91 -2.70 -26.13
C LEU J 110 -1.45 -1.72 -27.18
N ALA J 111 -0.42 -0.96 -26.86
CA ALA J 111 0.22 -0.09 -27.84
C ALA J 111 1.62 -0.61 -28.03
N ARG J 112 2.27 -0.15 -29.10
CA ARG J 112 3.68 -0.38 -29.29
C ARG J 112 4.44 0.87 -28.93
N VAL J 113 5.53 0.72 -28.18
CA VAL J 113 6.44 1.84 -27.96
C VAL J 113 7.74 1.51 -28.67
N VAL J 114 8.21 2.43 -29.50
CA VAL J 114 9.46 2.27 -30.24
C VAL J 114 10.58 2.97 -29.47
N SER J 115 11.81 2.47 -29.60
CA SER J 115 12.95 3.04 -28.86
C SER J 115 13.26 4.53 -29.13
N ASP J 116 12.71 5.10 -30.20
CA ASP J 116 12.91 6.53 -30.43
C ASP J 116 11.80 7.36 -29.77
N GLY J 117 10.91 6.70 -29.03
CA GLY J 117 9.83 7.42 -28.38
C GLY J 117 8.50 7.45 -29.12
N GLU J 118 8.45 6.92 -30.36
CA GLU J 118 7.20 6.76 -31.08
C GLU J 118 6.25 5.78 -30.38
N VAL J 119 4.99 6.14 -30.29
CA VAL J 119 3.98 5.25 -29.76
C VAL J 119 2.98 4.92 -30.84
N LEU J 120 2.71 3.65 -31.04
CA LEU J 120 1.70 3.22 -32.03
C LEU J 120 0.55 2.50 -31.37
N TYR J 121 -0.66 2.98 -31.67
CA TYR J 121 -1.88 2.44 -31.08
C TYR J 121 -2.90 2.24 -32.20
N MET J 122 -3.44 1.04 -32.31
CA MET J 122 -4.40 0.73 -33.37
C MET J 122 -5.50 -0.20 -32.89
N PRO J 123 -6.48 0.37 -32.18
CA PRO J 123 -7.61 -0.48 -31.79
C PRO J 123 -8.51 -0.74 -32.99
N SER J 124 -9.10 -1.94 -33.05
CA SER J 124 -10.23 -2.16 -33.95
C SER J 124 -11.49 -1.74 -33.20
N ILE J 125 -12.23 -0.80 -33.80
CA ILE J 125 -13.39 -0.22 -33.16
C ILE J 125 -14.68 -0.47 -33.95
N ARG J 126 -15.71 -0.97 -33.28
CA ARG J 126 -17.07 -1.04 -33.81
CA ARG J 126 -17.04 -0.98 -33.88
C ARG J 126 -17.82 0.18 -33.27
N GLN J 127 -18.43 0.99 -34.13
CA GLN J 127 -19.13 2.18 -33.67
C GLN J 127 -20.20 2.57 -34.66
N ARG J 128 -21.27 3.20 -34.17
CA ARG J 128 -22.35 3.69 -35.03
C ARG J 128 -22.28 5.19 -35.21
N PHE J 129 -22.66 5.63 -36.40
CA PHE J 129 -22.57 7.05 -36.72
C PHE J 129 -23.83 7.56 -37.37
N SER J 130 -24.09 8.83 -37.14
CA SER J 130 -25.13 9.54 -37.87
C SER J 130 -24.47 10.33 -38.98
N CYS J 131 -24.81 9.99 -40.21
CA CYS J 131 -24.18 10.59 -41.37
C CYS J 131 -25.08 10.38 -42.58
N ASP J 132 -24.78 11.11 -43.65
CA ASP J 132 -25.56 11.08 -44.88
C ASP J 132 -25.41 9.74 -45.60
N VAL J 133 -26.50 8.99 -45.67
CA VAL J 133 -26.51 7.65 -46.25
C VAL J 133 -27.14 7.67 -47.66
N SER J 134 -27.63 8.83 -48.09
CA SER J 134 -28.26 8.96 -49.41
C SER J 134 -27.27 8.62 -50.53
N GLY J 135 -27.75 7.95 -51.57
CA GLY J 135 -26.94 7.56 -52.71
C GLY J 135 -26.22 6.22 -52.60
N VAL J 136 -26.46 5.49 -51.52
CA VAL J 136 -25.70 4.27 -51.26
C VAL J 136 -25.95 3.19 -52.34
N ASP J 137 -27.13 3.19 -52.95
CA ASP J 137 -27.39 2.19 -53.99
C ASP J 137 -27.24 2.81 -55.38
N THR J 138 -26.31 3.75 -55.53
CA THR J 138 -26.00 4.35 -56.83
C THR J 138 -24.50 4.24 -57.09
N GLU J 139 -24.11 4.51 -58.33
CA GLU J 139 -22.69 4.48 -58.68
C GLU J 139 -21.88 5.52 -57.91
N SER J 140 -22.47 6.69 -57.69
CA SER J 140 -21.81 7.75 -56.92
C SER J 140 -21.55 7.31 -55.48
N GLY J 141 -22.45 6.48 -54.96
CA GLY J 141 -22.35 5.97 -53.60
C GLY J 141 -22.80 7.00 -52.57
N ALA J 142 -22.88 6.56 -51.32
CA ALA J 142 -23.10 7.48 -50.22
C ALA J 142 -21.77 8.07 -49.79
N THR J 143 -21.78 9.27 -49.21
CA THR J 143 -20.57 9.79 -48.58
C THR J 143 -20.87 10.10 -47.12
N CYS J 144 -20.35 9.24 -46.26
CA CYS J 144 -20.59 9.33 -44.83
C CYS J 144 -19.40 10.01 -44.15
N ARG J 145 -19.63 11.19 -43.58
CA ARG J 145 -18.56 11.97 -42.98
C ARG J 145 -18.47 11.82 -41.46
N ILE J 146 -17.27 11.48 -41.00
CA ILE J 146 -16.98 11.27 -39.58
C ILE J 146 -15.87 12.22 -39.14
N LYS J 147 -16.16 13.04 -38.14
CA LYS J 147 -15.19 14.01 -37.63
C LYS J 147 -14.60 13.50 -36.33
N ILE J 148 -13.28 13.43 -36.27
CA ILE J 148 -12.56 12.89 -35.12
C ILE J 148 -11.50 13.86 -34.63
N GLY J 149 -11.50 14.13 -33.33
CA GLY J 149 -10.49 14.99 -32.76
C GLY J 149 -10.44 14.81 -31.26
N SER J 150 -9.59 15.59 -30.60
CA SER J 150 -9.47 15.52 -29.15
C SER J 150 -10.74 16.00 -28.47
N TRP J 151 -11.19 15.30 -27.44
CA TRP J 151 -12.42 15.72 -26.78
C TRP J 151 -12.19 16.98 -25.91
N THR J 152 -11.00 17.10 -25.32
CA THR J 152 -10.76 18.19 -24.35
C THR J 152 -9.50 19.02 -24.59
N HIS J 153 -8.72 18.69 -25.62
CA HIS J 153 -7.48 19.44 -25.88
C HIS J 153 -7.52 20.27 -27.17
N HIS J 154 -7.53 21.58 -27.03
CA HIS J 154 -7.59 22.48 -28.19
C HIS J 154 -6.29 22.46 -29.00
N SER J 155 -6.27 23.21 -30.11
CA SER J 155 -5.20 23.05 -31.11
C SER J 155 -3.78 23.41 -30.61
N ARG J 156 -3.68 24.29 -29.64
CA ARG J 156 -2.35 24.61 -29.10
C ARG J 156 -1.81 23.46 -28.25
N GLU J 157 -2.68 22.51 -27.87
CA GLU J 157 -2.27 21.37 -27.04
C GLU J 157 -2.12 20.08 -27.86
N ILE J 158 -3.08 19.84 -28.74
CA ILE J 158 -3.05 18.65 -29.59
C ILE J 158 -3.41 19.04 -31.02
N SER J 159 -2.61 18.59 -31.99
CA SER J 159 -3.03 18.63 -33.39
C SER J 159 -3.29 17.21 -33.87
N VAL J 160 -4.34 17.08 -34.67
CA VAL J 160 -4.72 15.78 -35.20
C VAL J 160 -4.57 15.83 -36.72
N ASP J 161 -3.64 15.01 -37.22
CA ASP J 161 -3.24 15.10 -38.63
C ASP J 161 -3.51 13.80 -39.38
N PRO J 162 -4.13 13.89 -40.57
CA PRO J 162 -4.29 12.65 -41.31
C PRO J 162 -2.96 12.20 -41.90
N THR J 163 -2.89 10.94 -42.26
CA THR J 163 -1.70 10.38 -42.85
CA THR J 163 -1.66 10.41 -42.87
C THR J 163 -1.85 10.30 -44.38
N THR J 164 -2.82 9.53 -44.82
CA THR J 164 -3.08 9.35 -46.24
C THR J 164 -4.38 10.06 -46.60
N GLU J 165 -4.32 10.98 -47.56
CA GLU J 165 -5.50 11.77 -47.89
C GLU J 165 -6.57 10.93 -48.59
N ASN J 166 -6.15 10.02 -49.47
CA ASN J 166 -7.10 9.21 -50.24
C ASN J 166 -6.70 7.75 -50.27
N SER J 167 -7.66 6.87 -50.05
CA SER J 167 -7.41 5.44 -50.08
C SER J 167 -8.71 4.68 -50.25
N ASP J 168 -8.67 3.57 -51.00
CA ASP J 168 -9.83 2.71 -51.10
C ASP J 168 -9.78 1.59 -50.07
N ASP J 169 -8.75 1.62 -49.21
CA ASP J 169 -8.59 0.62 -48.15
C ASP J 169 -8.58 -0.81 -48.65
N SER J 170 -8.04 -1.02 -49.84
CA SER J 170 -7.99 -2.36 -50.46
C SER J 170 -7.27 -3.42 -49.62
N GLU J 171 -6.28 -3.03 -48.82
CA GLU J 171 -5.57 -4.00 -48.00
C GLU J 171 -6.37 -4.38 -46.75
N TYR J 172 -7.41 -3.62 -46.44
CA TYR J 172 -8.09 -3.76 -45.15
C TYR J 172 -9.54 -4.14 -45.25
N PHE J 173 -10.26 -3.55 -46.21
CA PHE J 173 -11.70 -3.70 -46.24
C PHE J 173 -12.11 -5.09 -46.74
N SER J 174 -13.07 -5.70 -46.06
CA SER J 174 -13.45 -7.08 -46.33
C SER J 174 -14.03 -7.24 -47.74
N GLN J 175 -13.51 -8.23 -48.46
CA GLN J 175 -14.03 -8.54 -49.80
C GLN J 175 -15.44 -9.12 -49.71
N TYR J 176 -15.87 -9.53 -48.52
CA TYR J 176 -17.15 -10.23 -48.38
C TYR J 176 -18.28 -9.30 -47.95
N SER J 177 -17.94 -8.06 -47.65
CA SER J 177 -18.94 -7.04 -47.35
C SER J 177 -19.92 -6.95 -48.51
N ARG J 178 -21.18 -6.62 -48.23
CA ARG J 178 -22.09 -6.33 -49.32
C ARG J 178 -21.79 -4.93 -49.88
N PHE J 179 -20.94 -4.17 -49.20
CA PHE J 179 -20.54 -2.84 -49.68
C PHE J 179 -19.14 -2.84 -50.30
N GLU J 180 -18.83 -1.79 -51.06
CA GLU J 180 -17.48 -1.56 -51.51
C GLU J 180 -17.10 -0.11 -51.22
N ILE J 181 -15.82 0.10 -50.99
CA ILE J 181 -15.34 1.45 -50.76
C ILE J 181 -14.87 2.09 -52.06
N LEU J 182 -15.42 3.26 -52.36
CA LEU J 182 -14.99 4.00 -53.53
C LEU J 182 -13.78 4.85 -53.19
N ASP J 183 -13.82 5.53 -52.05
CA ASP J 183 -12.70 6.33 -51.57
C ASP J 183 -12.94 6.77 -50.13
N VAL J 184 -11.88 6.69 -49.34
CA VAL J 184 -11.90 7.27 -48.01
C VAL J 184 -11.02 8.50 -48.06
N THR J 185 -11.62 9.66 -47.91
CA THR J 185 -10.85 10.90 -47.88
C THR J 185 -10.68 11.34 -46.43
N GLN J 186 -9.45 11.68 -46.06
CA GLN J 186 -9.15 12.14 -44.71
C GLN J 186 -8.38 13.45 -44.79
N LYS J 187 -9.00 14.51 -44.30
CA LYS J 187 -8.44 15.86 -44.35
C LYS J 187 -8.46 16.57 -43.00
N LYS J 188 -7.45 17.40 -42.76
CA LYS J 188 -7.43 18.30 -41.61
C LYS J 188 -8.63 19.23 -41.66
N ASN J 189 -9.12 19.57 -40.49
CA ASN J 189 -10.22 20.50 -40.36
C ASN J 189 -10.11 21.09 -38.96
N SER J 190 -10.75 22.22 -38.71
CA SER J 190 -10.78 22.74 -37.36
C SER J 190 -12.19 23.15 -37.00
N VAL J 191 -12.51 23.00 -35.72
CA VAL J 191 -13.84 23.29 -35.20
C VAL J 191 -13.73 24.37 -34.14
N THR J 192 -14.64 25.34 -34.22
CA THR J 192 -14.78 26.36 -33.19
C THR J 192 -16.27 26.47 -32.86
N TYR J 193 -16.59 26.81 -31.62
CA TYR J 193 -17.97 27.07 -31.23
C TYR J 193 -18.11 28.50 -30.71
N SER J 194 -19.31 29.06 -30.83
CA SER J 194 -19.51 30.46 -30.47
C SER J 194 -19.40 30.65 -28.96
N CYS J 195 -19.69 29.60 -28.20
CA CYS J 195 -19.62 29.64 -26.76
C CYS J 195 -18.18 29.72 -26.25
N CYS J 196 -17.26 29.17 -27.03
CA CYS J 196 -15.94 28.82 -26.50
C CYS J 196 -14.81 29.34 -27.39
N PRO J 197 -13.67 29.69 -26.79
CA PRO J 197 -12.68 30.44 -27.58
C PRO J 197 -11.89 29.58 -28.56
N GLU J 198 -11.10 28.65 -28.02
CA GLU J 198 -10.08 27.93 -28.75
C GLU J 198 -10.60 27.13 -29.94
N ALA J 199 -9.72 26.89 -30.90
CA ALA J 199 -10.04 25.99 -32.01
C ALA J 199 -9.61 24.58 -31.65
N TYR J 200 -10.34 23.60 -32.19
CA TYR J 200 -10.01 22.21 -32.01
C TYR J 200 -9.72 21.61 -33.35
N GLU J 201 -8.57 20.95 -33.46
CA GLU J 201 -8.19 20.29 -34.70
C GLU J 201 -8.88 18.94 -34.81
N ASP J 202 -9.42 18.65 -35.97
CA ASP J 202 -9.95 17.32 -36.17
C ASP J 202 -9.51 16.76 -37.52
N VAL J 203 -9.79 15.48 -37.70
CA VAL J 203 -9.64 14.87 -39.00
C VAL J 203 -11.05 14.59 -39.53
N GLU J 204 -11.30 15.07 -40.73
CA GLU J 204 -12.56 14.83 -41.42
CA GLU J 204 -12.55 14.83 -41.41
C GLU J 204 -12.44 13.58 -42.28
N VAL J 205 -13.12 12.52 -41.90
CA VAL J 205 -13.08 11.27 -42.64
C VAL J 205 -14.32 11.16 -43.53
N SER J 206 -14.12 11.17 -44.84
CA SER J 206 -15.25 11.02 -45.75
C SER J 206 -15.22 9.64 -46.36
N LEU J 207 -16.11 8.80 -45.86
CA LEU J 207 -16.23 7.44 -46.34
C LEU J 207 -17.23 7.40 -47.51
N ASN J 208 -16.71 7.34 -48.74
CA ASN J 208 -17.55 7.24 -49.95
C ASN J 208 -17.65 5.77 -50.31
N PHE J 209 -18.85 5.20 -50.24
CA PHE J 209 -19.06 3.78 -50.43
C PHE J 209 -20.42 3.53 -51.07
N ARG J 210 -20.64 2.31 -51.55
CA ARG J 210 -21.90 1.96 -52.19
C ARG J 210 -22.19 0.49 -52.03
N LYS J 211 -23.45 0.11 -52.18
CA LYS J 211 -23.78 -1.30 -52.19
C LYS J 211 -23.31 -1.90 -53.52
N LYS J 212 -22.61 -3.04 -53.44
CA LYS J 212 -22.12 -3.74 -54.62
C LYS J 212 -23.29 -4.27 -55.44
N GLY J 213 -23.17 -4.17 -56.77
CA GLY J 213 -24.15 -4.76 -57.67
C GLY J 213 -23.76 -6.18 -58.01
#